data_8G4G
# 
_entry.id   8G4G 
# 
_audit_conform.dict_name       mmcif_pdbx.dic 
_audit_conform.dict_version    5.392 
_audit_conform.dict_location   http://mmcif.pdb.org/dictionaries/ascii/mmcif_pdbx.dic 
# 
loop_
_database_2.database_id 
_database_2.database_code 
_database_2.pdbx_database_accession 
_database_2.pdbx_DOI 
PDB   8G4G         pdb_00008g4g 10.2210/pdb8g4g/pdb 
WWPDB D_1000272190 ?            ?                   
# 
loop_
_pdbx_audit_revision_history.ordinal 
_pdbx_audit_revision_history.data_content_type 
_pdbx_audit_revision_history.major_revision 
_pdbx_audit_revision_history.minor_revision 
_pdbx_audit_revision_history.revision_date 
1 'Structure model' 1 0 2023-05-10 
2 'Structure model' 1 1 2023-05-17 
3 'Structure model' 1 2 2023-05-31 
4 'Structure model' 1 3 2024-05-22 
# 
_pdbx_audit_revision_details.ordinal             1 
_pdbx_audit_revision_details.revision_ordinal    1 
_pdbx_audit_revision_details.data_content_type   'Structure model' 
_pdbx_audit_revision_details.provider            repository 
_pdbx_audit_revision_details.type                'Initial release' 
_pdbx_audit_revision_details.description         ? 
_pdbx_audit_revision_details.details             ? 
# 
loop_
_pdbx_audit_revision_group.ordinal 
_pdbx_audit_revision_group.revision_ordinal 
_pdbx_audit_revision_group.data_content_type 
_pdbx_audit_revision_group.group 
1 2 'Structure model' 'Database references' 
2 3 'Structure model' 'Database references' 
3 4 'Structure model' 'Data collection'     
# 
loop_
_pdbx_audit_revision_category.ordinal 
_pdbx_audit_revision_category.revision_ordinal 
_pdbx_audit_revision_category.data_content_type 
_pdbx_audit_revision_category.category 
1 2 'Structure model' citation       
2 3 'Structure model' citation       
3 4 'Structure model' chem_comp_atom 
4 4 'Structure model' chem_comp_bond 
# 
loop_
_pdbx_audit_revision_item.ordinal 
_pdbx_audit_revision_item.revision_ordinal 
_pdbx_audit_revision_item.data_content_type 
_pdbx_audit_revision_item.item 
1 2 'Structure model' '_citation.pdbx_database_id_PubMed' 
2 2 'Structure model' '_citation.title'                   
3 3 'Structure model' '_citation.journal_volume'          
4 3 'Structure model' '_citation.page_first'              
5 3 'Structure model' '_citation.page_last'               
# 
_pdbx_database_status.status_code                     REL 
_pdbx_database_status.status_code_sf                  REL 
_pdbx_database_status.status_code_mr                  ? 
_pdbx_database_status.entry_id                        8G4G 
_pdbx_database_status.recvd_initial_deposition_date   2023-02-09 
_pdbx_database_status.SG_entry                        N 
_pdbx_database_status.deposit_site                    RCSB 
_pdbx_database_status.process_site                    RCSB 
_pdbx_database_status.status_code_cs                  ? 
_pdbx_database_status.status_code_nmr_data            ? 
_pdbx_database_status.methods_development_category    ? 
_pdbx_database_status.pdb_format_compatible           Y 
# 
_pdbx_contact_author.id                 2 
_pdbx_contact_author.email              mao@purdue.edu 
_pdbx_contact_author.name_first         Chengde 
_pdbx_contact_author.name_last          Mao 
_pdbx_contact_author.name_mi            ? 
_pdbx_contact_author.role               'principal investigator/group leader' 
_pdbx_contact_author.identifier_ORCID   0000-0001-7516-8666 
# 
loop_
_audit_author.name 
_audit_author.pdbx_ordinal 
_audit_author.identifier_ORCID 
'Zhao, J.'     1 ?                   
'Zhang, C.'    2 0000-0003-3342-7003 
'Lu, B.'       3 ?                   
'Seeman, N.C.' 4 0000-0002-9680-4649 
'Noinaj, N.'   5 ?                   
'Sha, R.'      6 0000-0002-0807-734X 
'Mao, C.'      7 0000-0001-7516-8666 
# 
_citation.abstract                  ? 
_citation.abstract_id_CAS           ? 
_citation.book_id_ISBN              ? 
_citation.book_publisher            ? 
_citation.book_publisher_city       ? 
_citation.book_title                ? 
_citation.coordinate_linkage        ? 
_citation.country                   US 
_citation.database_id_Medline       ? 
_citation.details                   ? 
_citation.id                        primary 
_citation.journal_abbrev            J.Am.Chem.Soc. 
_citation.journal_id_ASTM           JACSAT 
_citation.journal_id_CSD            ? 
_citation.journal_id_ISSN           1520-5126 
_citation.journal_full              ? 
_citation.journal_issue             ? 
_citation.journal_volume            145 
_citation.language                  ? 
_citation.page_first                10475 
_citation.page_last                 10479 
_citation.title                     'Divergence and Convergence: Complexity Emerges in Crystal Engineering from an 8-mer DNA.' 
_citation.year                      2023 
_citation.database_id_CSD           ? 
_citation.pdbx_database_id_DOI      10.1021/jacs.3c01941 
_citation.pdbx_database_id_PubMed   37134185 
_citation.pdbx_database_id_patent   ? 
_citation.unpublished_flag          ? 
# 
loop_
_citation_author.citation_id 
_citation_author.name 
_citation_author.ordinal 
_citation_author.identifier_ORCID 
primary 'Zhao, J.'   1 ? 
primary 'Zhang, C.'  2 ? 
primary 'Lu, B.'     3 ? 
primary 'Sha, R.'    4 ? 
primary 'Noinaj, N.' 5 ? 
primary 'Mao, C.'    6 ? 
# 
loop_
_entity.id 
_entity.type 
_entity.src_method 
_entity.pdbx_description 
_entity.formula_weight 
_entity.pdbx_number_of_molecules 
_entity.pdbx_ec 
_entity.pdbx_mutation 
_entity.pdbx_fragment 
_entity.details 
1 polymer syn 
;DNA (5'-D(P*CP*CP*G)-3')
;
862.612  2 ? ? ? ? 
2 polymer syn 
;DNA (5'-D(*AP*TP*CP*GP*GP*CP*CP*G)-3')
;
2427.605 1 ? ? ? ? 
3 polymer syn 
;DNA (5'-D(*AP*TP*CP*GP*G)-3')
;
1520.036 2 ? ? ? ? 
# 
loop_
_entity_poly.entity_id 
_entity_poly.type 
_entity_poly.nstd_linkage 
_entity_poly.nstd_monomer 
_entity_poly.pdbx_seq_one_letter_code 
_entity_poly.pdbx_seq_one_letter_code_can 
_entity_poly.pdbx_strand_id 
_entity_poly.pdbx_target_identifier 
1 polydeoxyribonucleotide no no '(DC)(DC)(DG)'                     CCG      E,A ? 
2 polydeoxyribonucleotide no no '(DA)(DT)(DC)(DG)(DG)(DC)(DC)(DG)' ATCGGCCG B   ? 
3 polydeoxyribonucleotide no no '(DA)(DT)(DC)(DG)(DG)'             ATCGG    C,D ? 
# 
loop_
_entity_poly_seq.entity_id 
_entity_poly_seq.num 
_entity_poly_seq.mon_id 
_entity_poly_seq.hetero 
1 1 DC n 
1 2 DC n 
1 3 DG n 
2 1 DA n 
2 2 DT n 
2 3 DC n 
2 4 DG n 
2 5 DG n 
2 6 DC n 
2 7 DC n 
2 8 DG n 
3 1 DA n 
3 2 DT n 
3 3 DC n 
3 4 DG n 
3 5 DG n 
# 
loop_
_pdbx_entity_src_syn.entity_id 
_pdbx_entity_src_syn.pdbx_src_id 
_pdbx_entity_src_syn.pdbx_alt_source_flag 
_pdbx_entity_src_syn.pdbx_beg_seq_num 
_pdbx_entity_src_syn.pdbx_end_seq_num 
_pdbx_entity_src_syn.organism_scientific 
_pdbx_entity_src_syn.organism_common_name 
_pdbx_entity_src_syn.ncbi_taxonomy_id 
_pdbx_entity_src_syn.details 
1 1 sample 1 3 'synthetic construct' ? 32630 ? 
2 1 sample 1 8 'synthetic construct' ? 32630 ? 
3 1 sample 1 5 'synthetic construct' ? 32630 ? 
# 
loop_
_chem_comp.id 
_chem_comp.type 
_chem_comp.mon_nstd_flag 
_chem_comp.name 
_chem_comp.pdbx_synonyms 
_chem_comp.formula 
_chem_comp.formula_weight 
DA 'DNA linking' y "2'-DEOXYADENOSINE-5'-MONOPHOSPHATE" ? 'C10 H14 N5 O6 P' 331.222 
DC 'DNA linking' y "2'-DEOXYCYTIDINE-5'-MONOPHOSPHATE"  ? 'C9 H14 N3 O7 P'  307.197 
DG 'DNA linking' y "2'-DEOXYGUANOSINE-5'-MONOPHOSPHATE" ? 'C10 H14 N5 O7 P' 347.221 
DT 'DNA linking' y "THYMIDINE-5'-MONOPHOSPHATE"         ? 'C10 H15 N2 O8 P' 322.208 
# 
loop_
_pdbx_poly_seq_scheme.asym_id 
_pdbx_poly_seq_scheme.entity_id 
_pdbx_poly_seq_scheme.seq_id 
_pdbx_poly_seq_scheme.mon_id 
_pdbx_poly_seq_scheme.ndb_seq_num 
_pdbx_poly_seq_scheme.pdb_seq_num 
_pdbx_poly_seq_scheme.auth_seq_num 
_pdbx_poly_seq_scheme.pdb_mon_id 
_pdbx_poly_seq_scheme.auth_mon_id 
_pdbx_poly_seq_scheme.pdb_strand_id 
_pdbx_poly_seq_scheme.pdb_ins_code 
_pdbx_poly_seq_scheme.hetero 
A 1 1 DC 1 1 1 DC DC E . n 
A 1 2 DC 2 2 2 DC DC E . n 
A 1 3 DG 3 3 3 DG DG E . n 
B 1 1 DC 1 1 1 DC DC A . n 
B 1 2 DC 2 2 2 DC DC A . n 
B 1 3 DG 3 3 3 DG DG A . n 
C 2 1 DA 1 1 1 DA DA B . n 
C 2 2 DT 2 2 2 DT DT B . n 
C 2 3 DC 3 3 3 DC DC B . n 
C 2 4 DG 4 4 4 DG DG B . n 
C 2 5 DG 5 5 5 DG DG B . n 
C 2 6 DC 6 6 6 DC DC B . n 
C 2 7 DC 7 7 7 DC DC B . n 
C 2 8 DG 8 8 8 DG DG B . n 
D 3 1 DA 1 1 1 DA DA C . n 
D 3 2 DT 2 2 2 DT DT C . n 
D 3 3 DC 3 3 3 DC DC C . n 
D 3 4 DG 4 4 4 DG DG C . n 
D 3 5 DG 5 5 5 DG DG C . n 
E 3 1 DA 1 1 1 DA DA D . n 
E 3 2 DT 2 2 2 DT DT D . n 
E 3 3 DC 3 3 3 DC DC D . n 
E 3 4 DG 4 4 4 DG DG D . n 
E 3 5 DG 5 5 5 DG DG D . n 
# 
loop_
_software.citation_id 
_software.classification 
_software.compiler_name 
_software.compiler_version 
_software.contact_author 
_software.contact_author_email 
_software.date 
_software.description 
_software.dependencies 
_software.hardware 
_software.language 
_software.location 
_software.mods 
_software.name 
_software.os 
_software.os_version 
_software.type 
_software.version 
_software.pdbx_ordinal 
? refinement       ? ? ? ? ? ? ? ? ? ? ? PHENIX    ? ? ? 1.20.1_4487 1 
? 'data reduction' ? ? ? ? ? ? ? ? ? ? ? autoPROC  ? ? ? .           2 
? 'data scaling'   ? ? ? ? ? ? ? ? ? ? ? STARANISO ? ? ? .           3 
? phasing          ? ? ? ? ? ? ? ? ? ? ? PHASER    ? ? ? .           4 
# 
_cell.angle_alpha                  90.000 
_cell.angle_alpha_esd              ? 
_cell.angle_beta                   90.000 
_cell.angle_beta_esd               ? 
_cell.angle_gamma                  120.000 
_cell.angle_gamma_esd              ? 
_cell.entry_id                     8G4G 
_cell.details                      ? 
_cell.formula_units_Z              ? 
_cell.length_a                     69.639 
_cell.length_a_esd                 ? 
_cell.length_b                     69.639 
_cell.length_b_esd                 ? 
_cell.length_c                     72.756 
_cell.length_c_esd                 ? 
_cell.volume                       305565.626 
_cell.volume_esd                   ? 
_cell.Z_PDB                        36 
_cell.reciprocal_angle_alpha       ? 
_cell.reciprocal_angle_beta        ? 
_cell.reciprocal_angle_gamma       ? 
_cell.reciprocal_angle_alpha_esd   ? 
_cell.reciprocal_angle_beta_esd    ? 
_cell.reciprocal_angle_gamma_esd   ? 
_cell.reciprocal_length_a          ? 
_cell.reciprocal_length_b          ? 
_cell.reciprocal_length_c          ? 
_cell.reciprocal_length_a_esd      ? 
_cell.reciprocal_length_b_esd      ? 
_cell.reciprocal_length_c_esd      ? 
_cell.pdbx_unique_axis             ? 
_cell.pdbx_esd_method              ? 
# 
_symmetry.entry_id                         8G4G 
_symmetry.cell_setting                     ? 
_symmetry.Int_Tables_number                155 
_symmetry.space_group_name_Hall            
;H 3 2"
;
_symmetry.space_group_name_H-M             'H 3 2' 
_symmetry.pdbx_full_space_group_name_H-M   ? 
# 
_exptl.absorpt_coefficient_mu     ? 
_exptl.absorpt_correction_T_max   ? 
_exptl.absorpt_correction_T_min   ? 
_exptl.absorpt_correction_type    ? 
_exptl.absorpt_process_details    ? 
_exptl.entry_id                   8G4G 
_exptl.crystals_number            1 
_exptl.details                    ? 
_exptl.method                     'X-RAY DIFFRACTION' 
_exptl.method_details             ? 
# 
_exptl_crystal.colour                       ? 
_exptl_crystal.density_diffrn               ? 
_exptl_crystal.density_Matthews             2.36 
_exptl_crystal.density_method               ? 
_exptl_crystal.density_percent_sol          47.88 
_exptl_crystal.description                  ? 
_exptl_crystal.F_000                        ? 
_exptl_crystal.id                           1 
_exptl_crystal.preparation                  ? 
_exptl_crystal.size_max                     ? 
_exptl_crystal.size_mid                     ? 
_exptl_crystal.size_min                     ? 
_exptl_crystal.size_rad                     ? 
_exptl_crystal.colour_lustre                ? 
_exptl_crystal.colour_modifier              ? 
_exptl_crystal.colour_primary               ? 
_exptl_crystal.density_meas                 ? 
_exptl_crystal.density_meas_esd             ? 
_exptl_crystal.density_meas_gt              ? 
_exptl_crystal.density_meas_lt              ? 
_exptl_crystal.density_meas_temp            ? 
_exptl_crystal.density_meas_temp_esd        ? 
_exptl_crystal.density_meas_temp_gt         ? 
_exptl_crystal.density_meas_temp_lt         ? 
_exptl_crystal.pdbx_crystal_image_url       ? 
_exptl_crystal.pdbx_crystal_image_format    ? 
_exptl_crystal.pdbx_mosaicity               ? 
_exptl_crystal.pdbx_mosaicity_esd           ? 
_exptl_crystal.pdbx_mosaic_method           ? 
_exptl_crystal.pdbx_mosaic_block_size       ? 
_exptl_crystal.pdbx_mosaic_block_size_esd   ? 
# 
_exptl_crystal_grow.apparatus       ? 
_exptl_crystal_grow.atmosphere      ? 
_exptl_crystal_grow.crystal_id      1 
_exptl_crystal_grow.details         ? 
_exptl_crystal_grow.method          'VAPOR DIFFUSION, HANGING DROP' 
_exptl_crystal_grow.method_ref      ? 
_exptl_crystal_grow.pH              ? 
_exptl_crystal_grow.pressure        ? 
_exptl_crystal_grow.pressure_esd    ? 
_exptl_crystal_grow.seeding         ? 
_exptl_crystal_grow.seeding_ref     ? 
_exptl_crystal_grow.temp_details    ? 
_exptl_crystal_grow.temp_esd        ? 
_exptl_crystal_grow.time            ? 
_exptl_crystal_grow.pdbx_details    
;4 uL 0.5 ug/uL DNA motif in 0.2* TAE/Mg2+ buffer (annealing from 95-22 degree C in 2 hours) + 5 uL crystallization buffer [2 mM magnesium chloride hexahydrate, 4 mM sodium cacodylate trihydrate, pH 5.5, 4% v/v MPD, 0.2 mM hexammine cobalt (III) chloride]
;
_exptl_crystal_grow.pdbx_pH_range   ? 
_exptl_crystal_grow.temp            295 
# 
_diffrn.ambient_environment              ? 
_diffrn.ambient_temp                     100 
_diffrn.ambient_temp_details             ? 
_diffrn.ambient_temp_esd                 ? 
_diffrn.crystal_id                       1 
_diffrn.crystal_support                  ? 
_diffrn.crystal_treatment                ? 
_diffrn.details                          ? 
_diffrn.id                               1 
_diffrn.ambient_pressure                 ? 
_diffrn.ambient_pressure_esd             ? 
_diffrn.ambient_pressure_gt              ? 
_diffrn.ambient_pressure_lt              ? 
_diffrn.ambient_temp_gt                  ? 
_diffrn.ambient_temp_lt                  ? 
_diffrn.pdbx_serial_crystal_experiment   N 
# 
_diffrn_detector.details                      ? 
_diffrn_detector.detector                     'IMAGE PLATE' 
_diffrn_detector.diffrn_id                    1 
_diffrn_detector.type                         'RIGAKU RAXIS IV++' 
_diffrn_detector.area_resol_mean              ? 
_diffrn_detector.dtime                        ? 
_diffrn_detector.pdbx_frames_total            ? 
_diffrn_detector.pdbx_collection_time_total   ? 
_diffrn_detector.pdbx_collection_date         2021-12-28 
_diffrn_detector.pdbx_frequency               ? 
_diffrn_detector.id                           ? 
_diffrn_detector.number_of_axes               ? 
# 
_diffrn_radiation.collimation                      ? 
_diffrn_radiation.diffrn_id                        1 
_diffrn_radiation.filter_edge                      ? 
_diffrn_radiation.inhomogeneity                    ? 
_diffrn_radiation.monochromator                    ? 
_diffrn_radiation.polarisn_norm                    ? 
_diffrn_radiation.polarisn_ratio                   ? 
_diffrn_radiation.probe                            ? 
_diffrn_radiation.type                             ? 
_diffrn_radiation.xray_symbol                      ? 
_diffrn_radiation.wavelength_id                    1 
_diffrn_radiation.pdbx_monochromatic_or_laue_m_l   M 
_diffrn_radiation.pdbx_wavelength_list             ? 
_diffrn_radiation.pdbx_wavelength                  ? 
_diffrn_radiation.pdbx_diffrn_protocol             'SINGLE WAVELENGTH' 
_diffrn_radiation.pdbx_analyzer                    ? 
_diffrn_radiation.pdbx_scattering_type             x-ray 
# 
_diffrn_radiation_wavelength.id           1 
_diffrn_radiation_wavelength.wavelength   1.54178 
_diffrn_radiation_wavelength.wt           1.0 
# 
_diffrn_source.current                     ? 
_diffrn_source.details                     ? 
_diffrn_source.diffrn_id                   1 
_diffrn_source.power                       ? 
_diffrn_source.size                        ? 
_diffrn_source.source                      'ROTATING ANODE' 
_diffrn_source.target                      ? 
_diffrn_source.type                        'RIGAKU RUH2R' 
_diffrn_source.voltage                     ? 
_diffrn_source.take-off_angle              ? 
_diffrn_source.pdbx_wavelength_list        1.54178 
_diffrn_source.pdbx_wavelength             ? 
_diffrn_source.pdbx_synchrotron_beamline   ? 
_diffrn_source.pdbx_synchrotron_site       ? 
# 
_reflns.B_iso_Wilson_estimate                          ? 
_reflns.entry_id                                       8G4G 
_reflns.data_reduction_details                         ? 
_reflns.data_reduction_method                          ? 
_reflns.d_resolution_high                              2.17 
_reflns.d_resolution_low                               46.43 
_reflns.details                                        ? 
_reflns.limit_h_max                                    ? 
_reflns.limit_h_min                                    ? 
_reflns.limit_k_max                                    ? 
_reflns.limit_k_min                                    ? 
_reflns.limit_l_max                                    ? 
_reflns.limit_l_min                                    ? 
_reflns.number_all                                     ? 
_reflns.number_obs                                     2537 
_reflns.observed_criterion                             ? 
_reflns.observed_criterion_F_max                       ? 
_reflns.observed_criterion_F_min                       ? 
_reflns.observed_criterion_I_max                       ? 
_reflns.observed_criterion_I_min                       ? 
_reflns.observed_criterion_sigma_F                     ? 
_reflns.observed_criterion_sigma_I                     ? 
_reflns.percent_possible_obs                           83.9 
_reflns.R_free_details                                 ? 
_reflns.Rmerge_F_all                                   ? 
_reflns.Rmerge_F_obs                                   ? 
_reflns.Friedel_coverage                               ? 
_reflns.number_gt                                      ? 
_reflns.threshold_expression                           ? 
_reflns.pdbx_redundancy                                13.4 
_reflns.pdbx_netI_over_av_sigmaI                       ? 
_reflns.pdbx_netI_over_sigmaI                          15.8 
_reflns.pdbx_res_netI_over_av_sigmaI_2                 ? 
_reflns.pdbx_res_netI_over_sigmaI_2                    ? 
_reflns.pdbx_chi_squared                               ? 
_reflns.pdbx_scaling_rejects                           ? 
_reflns.pdbx_d_res_high_opt                            ? 
_reflns.pdbx_d_res_low_opt                             ? 
_reflns.pdbx_d_res_opt_method                          ? 
_reflns.phase_calculation_details                      ? 
_reflns.pdbx_Rrim_I_all                                ? 
_reflns.pdbx_Rpim_I_all                                ? 
_reflns.pdbx_d_opt                                     ? 
_reflns.pdbx_number_measured_all                       ? 
_reflns.pdbx_diffrn_id                                 1 
_reflns.pdbx_ordinal                                   1 
_reflns.pdbx_CC_half                                   1.0 
_reflns.pdbx_CC_star                                   ? 
_reflns.pdbx_R_split                                   ? 
_reflns.pdbx_Rmerge_I_obs                              ? 
_reflns.pdbx_Rmerge_I_all                              ? 
_reflns.pdbx_Rsym_value                                ? 
_reflns.pdbx_CC_split_method                           ? 
_reflns.pdbx_aniso_diffraction_limit_axis_1_ortho[1]   ? 
_reflns.pdbx_aniso_diffraction_limit_axis_1_ortho[2]   ? 
_reflns.pdbx_aniso_diffraction_limit_axis_1_ortho[3]   ? 
_reflns.pdbx_aniso_diffraction_limit_axis_2_ortho[1]   ? 
_reflns.pdbx_aniso_diffraction_limit_axis_2_ortho[2]   ? 
_reflns.pdbx_aniso_diffraction_limit_axis_2_ortho[3]   ? 
_reflns.pdbx_aniso_diffraction_limit_axis_3_ortho[1]   ? 
_reflns.pdbx_aniso_diffraction_limit_axis_3_ortho[2]   ? 
_reflns.pdbx_aniso_diffraction_limit_axis_3_ortho[3]   ? 
_reflns.pdbx_aniso_diffraction_limit_1                 ? 
_reflns.pdbx_aniso_diffraction_limit_2                 ? 
_reflns.pdbx_aniso_diffraction_limit_3                 ? 
_reflns.pdbx_aniso_B_tensor_eigenvector_1_ortho[1]     ? 
_reflns.pdbx_aniso_B_tensor_eigenvector_1_ortho[2]     ? 
_reflns.pdbx_aniso_B_tensor_eigenvector_1_ortho[3]     ? 
_reflns.pdbx_aniso_B_tensor_eigenvector_2_ortho[1]     ? 
_reflns.pdbx_aniso_B_tensor_eigenvector_2_ortho[2]     ? 
_reflns.pdbx_aniso_B_tensor_eigenvector_2_ortho[3]     ? 
_reflns.pdbx_aniso_B_tensor_eigenvector_3_ortho[1]     ? 
_reflns.pdbx_aniso_B_tensor_eigenvector_3_ortho[2]     ? 
_reflns.pdbx_aniso_B_tensor_eigenvector_3_ortho[3]     ? 
_reflns.pdbx_aniso_B_tensor_eigenvalue_1               ? 
_reflns.pdbx_aniso_B_tensor_eigenvalue_2               ? 
_reflns.pdbx_aniso_B_tensor_eigenvalue_3               ? 
_reflns.pdbx_orthogonalization_convention              ? 
_reflns.pdbx_percent_possible_ellipsoidal              ? 
_reflns.pdbx_percent_possible_spherical                ? 
_reflns.pdbx_percent_possible_ellipsoidal_anomalous    ? 
_reflns.pdbx_percent_possible_spherical_anomalous      ? 
_reflns.pdbx_redundancy_anomalous                      ? 
_reflns.pdbx_CC_half_anomalous                         ? 
_reflns.pdbx_absDiff_over_sigma_anomalous              ? 
_reflns.pdbx_percent_possible_anomalous                ? 
_reflns.pdbx_observed_signal_threshold                 ? 
_reflns.pdbx_signal_type                               ? 
_reflns.pdbx_signal_details                            ? 
_reflns.pdbx_signal_software_id                        ? 
# 
_reflns_shell.d_res_high                                    2.17 
_reflns_shell.d_res_low                                     2.40 
_reflns_shell.meanI_over_sigI_all                           ? 
_reflns_shell.meanI_over_sigI_obs                           1.4 
_reflns_shell.number_measured_all                           ? 
_reflns_shell.number_measured_obs                           ? 
_reflns_shell.number_possible                               ? 
_reflns_shell.number_unique_all                             ? 
_reflns_shell.number_unique_obs                             196 
_reflns_shell.percent_possible_obs                          ? 
_reflns_shell.Rmerge_F_all                                  ? 
_reflns_shell.Rmerge_F_obs                                  ? 
_reflns_shell.meanI_over_sigI_gt                            ? 
_reflns_shell.meanI_over_uI_all                             ? 
_reflns_shell.meanI_over_uI_gt                              ? 
_reflns_shell.number_measured_gt                            ? 
_reflns_shell.number_unique_gt                              ? 
_reflns_shell.percent_possible_gt                           ? 
_reflns_shell.Rmerge_F_gt                                   ? 
_reflns_shell.Rmerge_I_gt                                   ? 
_reflns_shell.pdbx_redundancy                               ? 
_reflns_shell.pdbx_chi_squared                              ? 
_reflns_shell.pdbx_netI_over_sigmaI_all                     ? 
_reflns_shell.pdbx_netI_over_sigmaI_obs                     ? 
_reflns_shell.pdbx_Rrim_I_all                               ? 
_reflns_shell.pdbx_Rpim_I_all                               ? 
_reflns_shell.pdbx_rejects                                  ? 
_reflns_shell.pdbx_ordinal                                  1 
_reflns_shell.pdbx_diffrn_id                                1 
_reflns_shell.pdbx_CC_half                                  0.466 
_reflns_shell.pdbx_CC_star                                  ? 
_reflns_shell.pdbx_R_split                                  ? 
_reflns_shell.percent_possible_all                          ? 
_reflns_shell.Rmerge_I_all                                  ? 
_reflns_shell.Rmerge_I_obs                                  ? 
_reflns_shell.pdbx_Rsym_value                               ? 
_reflns_shell.pdbx_percent_possible_ellipsoidal             ? 
_reflns_shell.pdbx_percent_possible_spherical               ? 
_reflns_shell.pdbx_percent_possible_ellipsoidal_anomalous   ? 
_reflns_shell.pdbx_percent_possible_spherical_anomalous     ? 
_reflns_shell.pdbx_redundancy_anomalous                     ? 
_reflns_shell.pdbx_CC_half_anomalous                        ? 
_reflns_shell.pdbx_absDiff_over_sigma_anomalous             ? 
_reflns_shell.pdbx_percent_possible_anomalous               ? 
# 
_refine.aniso_B[1][1]                            ? 
_refine.aniso_B[1][2]                            ? 
_refine.aniso_B[1][3]                            ? 
_refine.aniso_B[2][2]                            ? 
_refine.aniso_B[2][3]                            ? 
_refine.aniso_B[3][3]                            ? 
_refine.B_iso_max                                ? 
_refine.B_iso_mean                               31.19 
_refine.B_iso_min                                ? 
_refine.correlation_coeff_Fo_to_Fc               ? 
_refine.correlation_coeff_Fo_to_Fc_free          ? 
_refine.details                                  ? 
_refine.diff_density_max                         ? 
_refine.diff_density_max_esd                     ? 
_refine.diff_density_min                         ? 
_refine.diff_density_min_esd                     ? 
_refine.diff_density_rms                         ? 
_refine.diff_density_rms_esd                     ? 
_refine.entry_id                                 8G4G 
_refine.pdbx_refine_id                           'X-RAY DIFFRACTION' 
_refine.ls_abs_structure_details                 ? 
_refine.ls_abs_structure_Flack                   ? 
_refine.ls_abs_structure_Flack_esd               ? 
_refine.ls_abs_structure_Rogers                  ? 
_refine.ls_abs_structure_Rogers_esd              ? 
_refine.ls_d_res_high                            2.17 
_refine.ls_d_res_low                             31.15 
_refine.ls_extinction_coef                       ? 
_refine.ls_extinction_coef_esd                   ? 
_refine.ls_extinction_expression                 ? 
_refine.ls_extinction_method                     ? 
_refine.ls_goodness_of_fit_all                   ? 
_refine.ls_goodness_of_fit_all_esd               ? 
_refine.ls_goodness_of_fit_obs                   ? 
_refine.ls_goodness_of_fit_obs_esd               ? 
_refine.ls_hydrogen_treatment                    ? 
_refine.ls_matrix_type                           ? 
_refine.ls_number_constraints                    ? 
_refine.ls_number_parameters                     ? 
_refine.ls_number_reflns_all                     ? 
_refine.ls_number_reflns_obs                     2527 
_refine.ls_number_reflns_R_free                  126 
_refine.ls_number_reflns_R_work                  2401 
_refine.ls_number_restraints                     ? 
_refine.ls_percent_reflns_obs                    67.98 
_refine.ls_percent_reflns_R_free                 4.99 
_refine.ls_R_factor_all                          ? 
_refine.ls_R_factor_obs                          0.2512 
_refine.ls_R_factor_R_free                       0.2608 
_refine.ls_R_factor_R_free_error                 ? 
_refine.ls_R_factor_R_free_error_details         ? 
_refine.ls_R_factor_R_work                       0.2508 
_refine.ls_R_Fsqd_factor_obs                     ? 
_refine.ls_R_I_factor_obs                        ? 
_refine.ls_redundancy_reflns_all                 ? 
_refine.ls_redundancy_reflns_obs                 ? 
_refine.ls_restrained_S_all                      ? 
_refine.ls_restrained_S_obs                      ? 
_refine.ls_shift_over_esd_max                    ? 
_refine.ls_shift_over_esd_mean                   ? 
_refine.ls_structure_factor_coef                 ? 
_refine.ls_weighting_details                     ? 
_refine.ls_weighting_scheme                      ? 
_refine.ls_wR_factor_all                         ? 
_refine.ls_wR_factor_obs                         ? 
_refine.ls_wR_factor_R_free                      ? 
_refine.ls_wR_factor_R_work                      ? 
_refine.occupancy_max                            ? 
_refine.occupancy_min                            ? 
_refine.solvent_model_details                    'FLAT BULK SOLVENT MODEL' 
_refine.solvent_model_param_bsol                 ? 
_refine.solvent_model_param_ksol                 ? 
_refine.pdbx_R_complete                          ? 
_refine.ls_R_factor_gt                           ? 
_refine.ls_goodness_of_fit_gt                    ? 
_refine.ls_goodness_of_fit_ref                   ? 
_refine.ls_shift_over_su_max                     ? 
_refine.ls_shift_over_su_max_lt                  ? 
_refine.ls_shift_over_su_mean                    ? 
_refine.ls_shift_over_su_mean_lt                 ? 
_refine.pdbx_ls_sigma_I                          ? 
_refine.pdbx_ls_sigma_F                          1.36 
_refine.pdbx_ls_sigma_Fsqd                       ? 
_refine.pdbx_data_cutoff_high_absF               ? 
_refine.pdbx_data_cutoff_high_rms_absF           ? 
_refine.pdbx_data_cutoff_low_absF                ? 
_refine.pdbx_isotropic_thermal_model             ? 
_refine.pdbx_ls_cross_valid_method               'FREE R-VALUE' 
_refine.pdbx_method_to_determine_struct          'MOLECULAR REPLACEMENT' 
_refine.pdbx_starting_model                      '7 bp ideal B type DNA duplex generated in Cadnano' 
_refine.pdbx_stereochemistry_target_values       'GeoStd + Monomer Library + CDL v1.2' 
_refine.pdbx_R_Free_selection_details            ? 
_refine.pdbx_stereochem_target_val_spec_case     ? 
_refine.pdbx_overall_ESU_R                       ? 
_refine.pdbx_overall_ESU_R_Free                  ? 
_refine.pdbx_solvent_vdw_probe_radii             1.1000 
_refine.pdbx_solvent_ion_probe_radii             ? 
_refine.pdbx_solvent_shrinkage_radii             0.9000 
_refine.pdbx_real_space_R                        ? 
_refine.pdbx_density_correlation                 ? 
_refine.pdbx_pd_number_of_powder_patterns        ? 
_refine.pdbx_pd_number_of_points                 ? 
_refine.pdbx_pd_meas_number_of_points            ? 
_refine.pdbx_pd_proc_ls_prof_R_factor            ? 
_refine.pdbx_pd_proc_ls_prof_wR_factor           ? 
_refine.pdbx_pd_Marquardt_correlation_coeff      ? 
_refine.pdbx_pd_Fsqrd_R_factor                   ? 
_refine.pdbx_pd_ls_matrix_band_width             ? 
_refine.pdbx_overall_phase_error                 28.4944 
_refine.pdbx_overall_SU_R_free_Cruickshank_DPI   ? 
_refine.pdbx_overall_SU_R_free_Blow_DPI          ? 
_refine.pdbx_overall_SU_R_Blow_DPI               ? 
_refine.pdbx_TLS_residual_ADP_flag               ? 
_refine.pdbx_diffrn_id                           1 
_refine.overall_SU_B                             ? 
_refine.overall_SU_ML                            0.0882 
_refine.overall_SU_R_Cruickshank_DPI             ? 
_refine.overall_SU_R_free                        ? 
_refine.overall_FOM_free_R_set                   ? 
_refine.overall_FOM_work_R_set                   ? 
_refine.pdbx_average_fsc_overall                 ? 
_refine.pdbx_average_fsc_work                    ? 
_refine.pdbx_average_fsc_free                    ? 
# 
_refine_hist.pdbx_refine_id                   'X-RAY DIFFRACTION' 
_refine_hist.cycle_id                         LAST 
_refine_hist.details                          ? 
_refine_hist.d_res_high                       2.17 
_refine_hist.d_res_low                        31.15 
_refine_hist.number_atoms_solvent             0 
_refine_hist.number_atoms_total               483 
_refine_hist.number_reflns_all                ? 
_refine_hist.number_reflns_obs                ? 
_refine_hist.number_reflns_R_free             ? 
_refine_hist.number_reflns_R_work             ? 
_refine_hist.R_factor_all                     ? 
_refine_hist.R_factor_obs                     ? 
_refine_hist.R_factor_R_free                  ? 
_refine_hist.R_factor_R_work                  ? 
_refine_hist.pdbx_number_residues_total       ? 
_refine_hist.pdbx_B_iso_mean_ligand           ? 
_refine_hist.pdbx_B_iso_mean_solvent          ? 
_refine_hist.pdbx_number_atoms_protein        0 
_refine_hist.pdbx_number_atoms_nucleic_acid   483 
_refine_hist.pdbx_number_atoms_ligand         0 
_refine_hist.pdbx_number_atoms_lipid          ? 
_refine_hist.pdbx_number_atoms_carb           ? 
_refine_hist.pdbx_pseudo_atom_details         ? 
# 
loop_
_refine_ls_restr.pdbx_refine_id 
_refine_ls_restr.criterion 
_refine_ls_restr.dev_ideal 
_refine_ls_restr.dev_ideal_target 
_refine_ls_restr.number 
_refine_ls_restr.rejects 
_refine_ls_restr.type 
_refine_ls_restr.weight 
_refine_ls_restr.pdbx_restraint_function 
'X-RAY DIFFRACTION' ? 0.0071  ? 538 ? f_bond_d           ? ? 
'X-RAY DIFFRACTION' ? 0.7931  ? 820 ? f_angle_d          ? ? 
'X-RAY DIFFRACTION' ? 0.0578  ? 93  ? f_chiral_restr     ? ? 
'X-RAY DIFFRACTION' ? 0.0056  ? 24  ? f_plane_restr      ? ? 
'X-RAY DIFFRACTION' ? 34.5833 ? 222 ? f_dihedral_angle_d ? ? 
# 
_refine_ls_shell.pdbx_refine_id                   'X-RAY DIFFRACTION' 
_refine_ls_shell.d_res_high                       2.17 
_refine_ls_shell.d_res_low                        31.15 
_refine_ls_shell.number_reflns_all                ? 
_refine_ls_shell.number_reflns_obs                ? 
_refine_ls_shell.number_reflns_R_free             126 
_refine_ls_shell.number_reflns_R_work             2401 
_refine_ls_shell.percent_reflns_obs               67.98 
_refine_ls_shell.percent_reflns_R_free            ? 
_refine_ls_shell.R_factor_all                     ? 
_refine_ls_shell.R_factor_obs                     ? 
_refine_ls_shell.R_factor_R_free_error            ? 
_refine_ls_shell.R_factor_R_work                  0.2508 
_refine_ls_shell.redundancy_reflns_all            ? 
_refine_ls_shell.redundancy_reflns_obs            ? 
_refine_ls_shell.wR_factor_all                    ? 
_refine_ls_shell.wR_factor_obs                    ? 
_refine_ls_shell.wR_factor_R_free                 ? 
_refine_ls_shell.wR_factor_R_work                 ? 
_refine_ls_shell.pdbx_R_complete                  ? 
_refine_ls_shell.pdbx_total_number_of_bins_used   ? 
_refine_ls_shell.pdbx_phase_error                 ? 
_refine_ls_shell.pdbx_fsc_work                    ? 
_refine_ls_shell.pdbx_fsc_free                    ? 
_refine_ls_shell.R_factor_R_free                  0.2608 
# 
_struct.entry_id                     8G4G 
_struct.title                        'Crystal Engineering with One 8-mer DNA' 
_struct.pdbx_model_details           ? 
_struct.pdbx_formula_weight          ? 
_struct.pdbx_formula_weight_method   ? 
_struct.pdbx_model_type_details      ? 
_struct.pdbx_CASP_flag               N 
# 
_struct_keywords.entry_id        8G4G 
_struct_keywords.text            'DNA, 8-mer, meta-triplex' 
_struct_keywords.pdbx_keywords   DNA 
# 
loop_
_struct_asym.id 
_struct_asym.pdbx_blank_PDB_chainid_flag 
_struct_asym.pdbx_modified 
_struct_asym.entity_id 
_struct_asym.details 
A N N 1 ? 
B N N 1 ? 
C N N 2 ? 
D N N 3 ? 
E N N 3 ? 
# 
loop_
_struct_ref.id 
_struct_ref.db_name 
_struct_ref.db_code 
_struct_ref.pdbx_db_accession 
_struct_ref.pdbx_db_isoform 
_struct_ref.entity_id 
_struct_ref.pdbx_seq_one_letter_code 
_struct_ref.pdbx_align_begin 
1 PDB 8G4G 8G4G ? 1 ? 1 
2 PDB 8G4G 8G4G ? 2 ? 1 
3 PDB 8G4G 8G4G ? 3 ? 1 
# 
loop_
_struct_ref_seq.align_id 
_struct_ref_seq.ref_id 
_struct_ref_seq.pdbx_PDB_id_code 
_struct_ref_seq.pdbx_strand_id 
_struct_ref_seq.seq_align_beg 
_struct_ref_seq.pdbx_seq_align_beg_ins_code 
_struct_ref_seq.seq_align_end 
_struct_ref_seq.pdbx_seq_align_end_ins_code 
_struct_ref_seq.pdbx_db_accession 
_struct_ref_seq.db_align_beg 
_struct_ref_seq.pdbx_db_align_beg_ins_code 
_struct_ref_seq.db_align_end 
_struct_ref_seq.pdbx_db_align_end_ins_code 
_struct_ref_seq.pdbx_auth_seq_align_beg 
_struct_ref_seq.pdbx_auth_seq_align_end 
1 1 8G4G E 1 ? 3 ? 8G4G 1 ? 3 ? 1 3 
2 1 8G4G A 1 ? 3 ? 8G4G 1 ? 3 ? 1 3 
3 2 8G4G B 1 ? 8 ? 8G4G 1 ? 8 ? 1 8 
4 3 8G4G C 1 ? 5 ? 8G4G 1 ? 5 ? 1 5 
5 3 8G4G D 1 ? 5 ? 8G4G 1 ? 5 ? 1 5 
# 
_pdbx_struct_assembly.id                   1 
_pdbx_struct_assembly.details              author_defined_assembly 
_pdbx_struct_assembly.method_details       ? 
_pdbx_struct_assembly.oligomeric_details   pentameric 
_pdbx_struct_assembly.oligomeric_count     5 
# 
loop_
_pdbx_struct_assembly_prop.biol_id 
_pdbx_struct_assembly_prop.type 
_pdbx_struct_assembly_prop.value 
_pdbx_struct_assembly_prop.details 
1 'ABSA (A^2)' 1870 ? 
1 MORE         1    ? 
1 'SSA (A^2)'  4410 ? 
# 
_pdbx_struct_assembly_gen.assembly_id       1 
_pdbx_struct_assembly_gen.oper_expression   1 
_pdbx_struct_assembly_gen.asym_id_list      A,B,C,D,E 
# 
_pdbx_struct_assembly_auth_evidence.id                     1 
_pdbx_struct_assembly_auth_evidence.assembly_id            1 
_pdbx_struct_assembly_auth_evidence.experimental_support   'native gel electrophoresis' 
_pdbx_struct_assembly_auth_evidence.details                ? 
# 
_pdbx_struct_oper_list.id                   1 
_pdbx_struct_oper_list.type                 'identity operation' 
_pdbx_struct_oper_list.name                 1_555 
_pdbx_struct_oper_list.symmetry_operation   x,y,z 
_pdbx_struct_oper_list.matrix[1][1]         1.0000000000 
_pdbx_struct_oper_list.matrix[1][2]         0.0000000000 
_pdbx_struct_oper_list.matrix[1][3]         0.0000000000 
_pdbx_struct_oper_list.vector[1]            0.0000000000 
_pdbx_struct_oper_list.matrix[2][1]         0.0000000000 
_pdbx_struct_oper_list.matrix[2][2]         1.0000000000 
_pdbx_struct_oper_list.matrix[2][3]         0.0000000000 
_pdbx_struct_oper_list.vector[2]            0.0000000000 
_pdbx_struct_oper_list.matrix[3][1]         0.0000000000 
_pdbx_struct_oper_list.matrix[3][2]         0.0000000000 
_pdbx_struct_oper_list.matrix[3][3]         1.0000000000 
_pdbx_struct_oper_list.vector[3]            0.0000000000 
# 
loop_
_struct_conn.id 
_struct_conn.conn_type_id 
_struct_conn.pdbx_leaving_atom_flag 
_struct_conn.pdbx_PDB_id 
_struct_conn.ptnr1_label_asym_id 
_struct_conn.ptnr1_label_comp_id 
_struct_conn.ptnr1_label_seq_id 
_struct_conn.ptnr1_label_atom_id 
_struct_conn.pdbx_ptnr1_label_alt_id 
_struct_conn.pdbx_ptnr1_PDB_ins_code 
_struct_conn.pdbx_ptnr1_standard_comp_id 
_struct_conn.ptnr1_symmetry 
_struct_conn.ptnr2_label_asym_id 
_struct_conn.ptnr2_label_comp_id 
_struct_conn.ptnr2_label_seq_id 
_struct_conn.ptnr2_label_atom_id 
_struct_conn.pdbx_ptnr2_label_alt_id 
_struct_conn.pdbx_ptnr2_PDB_ins_code 
_struct_conn.ptnr1_auth_asym_id 
_struct_conn.ptnr1_auth_comp_id 
_struct_conn.ptnr1_auth_seq_id 
_struct_conn.ptnr2_auth_asym_id 
_struct_conn.ptnr2_auth_comp_id 
_struct_conn.ptnr2_auth_seq_id 
_struct_conn.ptnr2_symmetry 
_struct_conn.pdbx_ptnr3_label_atom_id 
_struct_conn.pdbx_ptnr3_label_seq_id 
_struct_conn.pdbx_ptnr3_label_comp_id 
_struct_conn.pdbx_ptnr3_label_asym_id 
_struct_conn.pdbx_ptnr3_label_alt_id 
_struct_conn.pdbx_ptnr3_PDB_ins_code 
_struct_conn.details 
_struct_conn.pdbx_dist_value 
_struct_conn.pdbx_value_order 
_struct_conn.pdbx_role 
hydrog1  hydrog ? ? B DC 1 N3 ? ? ? 1_555 C DG 5 N1 ? ? A DC 1 B DG 5 1_555 ? ? ? ? ? ? WATSON-CRICK ? ? ? 
hydrog2  hydrog ? ? B DC 1 N4 ? ? ? 1_555 C DG 5 O6 ? ? A DC 1 B DG 5 1_555 ? ? ? ? ? ? WATSON-CRICK ? ? ? 
hydrog3  hydrog ? ? B DC 1 O2 ? ? ? 1_555 C DG 5 N2 ? ? A DC 1 B DG 5 1_555 ? ? ? ? ? ? WATSON-CRICK ? ? ? 
hydrog4  hydrog ? ? B DC 2 N3 ? ? ? 1_555 C DG 4 N1 ? ? A DC 2 B DG 4 1_555 ? ? ? ? ? ? WATSON-CRICK ? ? ? 
hydrog5  hydrog ? ? B DC 2 N4 ? ? ? 1_555 C DG 4 O6 ? ? A DC 2 B DG 4 1_555 ? ? ? ? ? ? WATSON-CRICK ? ? ? 
hydrog6  hydrog ? ? B DC 2 O2 ? ? ? 1_555 C DG 4 N2 ? ? A DC 2 B DG 4 1_555 ? ? ? ? ? ? WATSON-CRICK ? ? ? 
hydrog7  hydrog ? ? B DG 3 N1 ? ? ? 1_555 C DC 3 N3 ? ? A DG 3 B DC 3 1_555 ? ? ? ? ? ? WATSON-CRICK ? ? ? 
hydrog8  hydrog ? ? B DG 3 N2 ? ? ? 1_555 C DC 3 O2 ? ? A DG 3 B DC 3 1_555 ? ? ? ? ? ? WATSON-CRICK ? ? ? 
hydrog9  hydrog ? ? B DG 3 O6 ? ? ? 1_555 C DC 3 N4 ? ? A DG 3 B DC 3 1_555 ? ? ? ? ? ? WATSON-CRICK ? ? ? 
hydrog10 hydrog ? ? C DA 1 N1 ? ? ? 1_555 E DT 2 N3 ? ? B DA 1 D DT 2 1_555 ? ? ? ? ? ? 'DA-DT PAIR' ? ? ? 
hydrog11 hydrog ? ? C DT 2 N3 ? ? ? 1_555 E DA 1 N1 ? ? B DT 2 D DA 1 1_555 ? ? ? ? ? ? 'DT-DA PAIR' ? ? ? 
hydrog12 hydrog ? ? C DC 6 N3 ? ? ? 1_555 D DG 5 N1 ? ? B DC 6 C DG 5 1_555 ? ? ? ? ? ? WATSON-CRICK ? ? ? 
hydrog13 hydrog ? ? C DC 6 N4 ? ? ? 1_555 D DG 5 O6 ? ? B DC 6 C DG 5 1_555 ? ? ? ? ? ? WATSON-CRICK ? ? ? 
hydrog14 hydrog ? ? C DC 6 O2 ? ? ? 1_555 D DG 5 N2 ? ? B DC 6 C DG 5 1_555 ? ? ? ? ? ? WATSON-CRICK ? ? ? 
hydrog15 hydrog ? ? C DC 7 N3 ? ? ? 1_555 D DG 4 N1 ? ? B DC 7 C DG 4 1_555 ? ? ? ? ? ? WATSON-CRICK ? ? ? 
hydrog16 hydrog ? ? C DC 7 N4 ? ? ? 1_555 D DG 4 O6 ? ? B DC 7 C DG 4 1_555 ? ? ? ? ? ? WATSON-CRICK ? ? ? 
hydrog17 hydrog ? ? C DC 7 O2 ? ? ? 1_555 D DG 4 N2 ? ? B DC 7 C DG 4 1_555 ? ? ? ? ? ? WATSON-CRICK ? ? ? 
hydrog18 hydrog ? ? C DG 8 N1 ? ? ? 1_555 D DC 3 N3 ? ? B DG 8 C DC 3 1_555 ? ? ? ? ? ? WATSON-CRICK ? ? ? 
hydrog19 hydrog ? ? C DG 8 N2 ? ? ? 1_555 D DC 3 O2 ? ? B DG 8 C DC 3 1_555 ? ? ? ? ? ? WATSON-CRICK ? ? ? 
hydrog20 hydrog ? ? C DG 8 O6 ? ? ? 1_555 D DC 3 N4 ? ? B DG 8 C DC 3 1_555 ? ? ? ? ? ? WATSON-CRICK ? ? ? 
hydrog21 hydrog ? ? A DC 1 N3 ? ? ? 1_555 E DG 5 N1 ? ? E DC 1 D DG 5 1_555 ? ? ? ? ? ? WATSON-CRICK ? ? ? 
hydrog22 hydrog ? ? A DC 1 N4 ? ? ? 1_555 E DG 5 O6 ? ? E DC 1 D DG 5 1_555 ? ? ? ? ? ? WATSON-CRICK ? ? ? 
hydrog23 hydrog ? ? A DC 1 O2 ? ? ? 1_555 E DG 5 N2 ? ? E DC 1 D DG 5 1_555 ? ? ? ? ? ? WATSON-CRICK ? ? ? 
hydrog24 hydrog ? ? A DC 2 N4 ? ? ? 1_555 E DG 4 O6 ? ? E DC 2 D DG 4 1_555 ? ? ? ? ? ? 'DC-DG PAIR' ? ? ? 
hydrog25 hydrog ? ? A DG 3 N1 ? ? ? 1_555 E DC 3 N3 ? ? E DG 3 D DC 3 1_555 ? ? ? ? ? ? WATSON-CRICK ? ? ? 
hydrog26 hydrog ? ? A DG 3 N2 ? ? ? 1_555 E DC 3 O2 ? ? E DG 3 D DC 3 1_555 ? ? ? ? ? ? WATSON-CRICK ? ? ? 
hydrog27 hydrog ? ? A DG 3 O6 ? ? ? 1_555 E DC 3 N4 ? ? E DG 3 D DC 3 1_555 ? ? ? ? ? ? WATSON-CRICK ? ? ? 
# 
_struct_conn_type.id          hydrog 
_struct_conn_type.criteria    ? 
_struct_conn_type.reference   ? 
# 
loop_
_pdbx_validate_symm_contact.id 
_pdbx_validate_symm_contact.PDB_model_num 
_pdbx_validate_symm_contact.auth_atom_id_1 
_pdbx_validate_symm_contact.auth_asym_id_1 
_pdbx_validate_symm_contact.auth_comp_id_1 
_pdbx_validate_symm_contact.auth_seq_id_1 
_pdbx_validate_symm_contact.PDB_ins_code_1 
_pdbx_validate_symm_contact.label_alt_id_1 
_pdbx_validate_symm_contact.site_symmetry_1 
_pdbx_validate_symm_contact.auth_atom_id_2 
_pdbx_validate_symm_contact.auth_asym_id_2 
_pdbx_validate_symm_contact.auth_comp_id_2 
_pdbx_validate_symm_contact.auth_seq_id_2 
_pdbx_validate_symm_contact.PDB_ins_code_2 
_pdbx_validate_symm_contact.label_alt_id_2 
_pdbx_validate_symm_contact.site_symmetry_2 
_pdbx_validate_symm_contact.dist 
1 1 OP1   A DC 1 ? ? 1_555 "O3'" C DG 5 ? ? 12_555 1.41 
2 1 P     E DC 1 ? ? 1_555 "O3'" D DG 5 ? ? 4_556  1.60 
3 1 P     A DC 1 ? ? 1_555 "O3'" C DG 5 ? ? 12_555 1.63 
4 1 "O5'" A DC 1 ? ? 1_555 "O3'" C DG 5 ? ? 12_555 1.79 
5 1 OP1   E DC 1 ? ? 1_555 "O3'" D DG 5 ? ? 4_556  1.87 
# 
loop_
_space_group_symop.id 
_space_group_symop.operation_xyz 
1  x,y,z                  
2  -y,x-y,z               
3  -x+y,-x,z              
4  x-y,-y,-z              
5  -x,-x+y,-z             
6  y,x,-z                 
7  x+1/3,y+2/3,z+2/3      
8  -y+1/3,x-y+2/3,z+2/3   
9  -x+y+1/3,-x+2/3,z+2/3  
10 x-y+1/3,-y+2/3,-z+2/3  
11 -x+1/3,-x+y+2/3,-z+2/3 
12 y+1/3,x+2/3,-z+2/3     
13 x+2/3,y+1/3,z+1/3      
14 -y+2/3,x-y+1/3,z+1/3   
15 -x+y+2/3,-x+1/3,z+1/3  
16 x-y+2/3,-y+1/3,-z+1/3  
17 -x+2/3,-x+y+1/3,-z+1/3 
18 y+2/3,x+1/3,-z+1/3     
# 
_pdbx_refine_tls.id               1 
_pdbx_refine_tls.pdbx_refine_id   'X-RAY DIFFRACTION' 
_pdbx_refine_tls.details          ? 
_pdbx_refine_tls.method           refined 
_pdbx_refine_tls.origin_x         0.0036137776 
_pdbx_refine_tls.origin_y         -0.0448824412 
_pdbx_refine_tls.origin_z         0.0051527197 
_pdbx_refine_tls.T[1][1]          -0.360794446724 
_pdbx_refine_tls.T[1][1]_esd      ? 
_pdbx_refine_tls.T[1][2]          -0.040394160185 
_pdbx_refine_tls.T[1][2]_esd      ? 
_pdbx_refine_tls.T[1][3]          0.07215331151 
_pdbx_refine_tls.T[1][3]_esd      ? 
_pdbx_refine_tls.T[2][2]          0.180198138242 
_pdbx_refine_tls.T[2][2]_esd      ? 
_pdbx_refine_tls.T[2][3]          0.074718352478 
_pdbx_refine_tls.T[2][3]_esd      ? 
_pdbx_refine_tls.T[3][3]          0.161764030 
_pdbx_refine_tls.T[3][3]_esd      ? 
_pdbx_refine_tls.L[1][1]          0.654841009201 
_pdbx_refine_tls.L[1][1]_esd      ? 
_pdbx_refine_tls.L[1][2]          0.365824934935 
_pdbx_refine_tls.L[1][2]_esd      ? 
_pdbx_refine_tls.L[1][3]          0.193100203593 
_pdbx_refine_tls.L[1][3]_esd      ? 
_pdbx_refine_tls.L[2][2]          2.18605530160 
_pdbx_refine_tls.L[2][2]_esd      ? 
_pdbx_refine_tls.L[2][3]          -0.485300422520 
_pdbx_refine_tls.L[2][3]_esd      ? 
_pdbx_refine_tls.L[3][3]          1.37898241182 
_pdbx_refine_tls.L[3][3]_esd      ? 
_pdbx_refine_tls.S[1][1]          0.767346772862 
_pdbx_refine_tls.S[1][1]_esd      ? 
_pdbx_refine_tls.S[1][2]          -0.173599409938 
_pdbx_refine_tls.S[1][2]_esd      ? 
_pdbx_refine_tls.S[1][3]          -0.329709356559 
_pdbx_refine_tls.S[1][3]_esd      ? 
_pdbx_refine_tls.S[2][1]          0.59573588575 
_pdbx_refine_tls.S[2][1]_esd      ? 
_pdbx_refine_tls.S[2][2]          1.14547475130 
_pdbx_refine_tls.S[2][2]_esd      ? 
_pdbx_refine_tls.S[2][3]          -0.404100784854 
_pdbx_refine_tls.S[2][3]_esd      ? 
_pdbx_refine_tls.S[3][1]          0.804108802791 
_pdbx_refine_tls.S[3][1]_esd      ? 
_pdbx_refine_tls.S[3][2]          0.060340964800 
_pdbx_refine_tls.S[3][2]_esd      ? 
_pdbx_refine_tls.S[3][3]          0.37747830479 
_pdbx_refine_tls.S[3][3]_esd      ? 
# 
_pdbx_refine_tls_group.id                  1 
_pdbx_refine_tls_group.pdbx_refine_id      'X-RAY DIFFRACTION' 
_pdbx_refine_tls_group.refine_tls_id       1 
_pdbx_refine_tls_group.beg_label_asym_id   A 
_pdbx_refine_tls_group.beg_label_seq_id    ? 
_pdbx_refine_tls_group.beg_auth_asym_id    E 
_pdbx_refine_tls_group.beg_auth_seq_id     1 
_pdbx_refine_tls_group.beg_PDB_ins_code    ? 
_pdbx_refine_tls_group.end_label_asym_id   E 
_pdbx_refine_tls_group.end_label_seq_id    ? 
_pdbx_refine_tls_group.end_auth_asym_id    D 
_pdbx_refine_tls_group.end_auth_seq_id     5 
_pdbx_refine_tls_group.end_PDB_ins_code    ? 
_pdbx_refine_tls_group.selection           ? 
_pdbx_refine_tls_group.selection_details   all 
# 
loop_
_chem_comp_atom.comp_id 
_chem_comp_atom.atom_id 
_chem_comp_atom.type_symbol 
_chem_comp_atom.pdbx_aromatic_flag 
_chem_comp_atom.pdbx_stereo_config 
_chem_comp_atom.pdbx_ordinal 
DA OP3    O N N 1   
DA P      P N N 2   
DA OP1    O N N 3   
DA OP2    O N N 4   
DA "O5'"  O N N 5   
DA "C5'"  C N N 6   
DA "C4'"  C N R 7   
DA "O4'"  O N N 8   
DA "C3'"  C N S 9   
DA "O3'"  O N N 10  
DA "C2'"  C N N 11  
DA "C1'"  C N R 12  
DA N9     N Y N 13  
DA C8     C Y N 14  
DA N7     N Y N 15  
DA C5     C Y N 16  
DA C6     C Y N 17  
DA N6     N N N 18  
DA N1     N Y N 19  
DA C2     C Y N 20  
DA N3     N Y N 21  
DA C4     C Y N 22  
DA HOP3   H N N 23  
DA HOP2   H N N 24  
DA "H5'"  H N N 25  
DA "H5''" H N N 26  
DA "H4'"  H N N 27  
DA "H3'"  H N N 28  
DA "HO3'" H N N 29  
DA "H2'"  H N N 30  
DA "H2''" H N N 31  
DA "H1'"  H N N 32  
DA H8     H N N 33  
DA H61    H N N 34  
DA H62    H N N 35  
DA H2     H N N 36  
DC OP3    O N N 37  
DC P      P N N 38  
DC OP1    O N N 39  
DC OP2    O N N 40  
DC "O5'"  O N N 41  
DC "C5'"  C N N 42  
DC "C4'"  C N R 43  
DC "O4'"  O N N 44  
DC "C3'"  C N S 45  
DC "O3'"  O N N 46  
DC "C2'"  C N N 47  
DC "C1'"  C N R 48  
DC N1     N N N 49  
DC C2     C N N 50  
DC O2     O N N 51  
DC N3     N N N 52  
DC C4     C N N 53  
DC N4     N N N 54  
DC C5     C N N 55  
DC C6     C N N 56  
DC HOP3   H N N 57  
DC HOP2   H N N 58  
DC "H5'"  H N N 59  
DC "H5''" H N N 60  
DC "H4'"  H N N 61  
DC "H3'"  H N N 62  
DC "HO3'" H N N 63  
DC "H2'"  H N N 64  
DC "H2''" H N N 65  
DC "H1'"  H N N 66  
DC H41    H N N 67  
DC H42    H N N 68  
DC H5     H N N 69  
DC H6     H N N 70  
DG OP3    O N N 71  
DG P      P N N 72  
DG OP1    O N N 73  
DG OP2    O N N 74  
DG "O5'"  O N N 75  
DG "C5'"  C N N 76  
DG "C4'"  C N R 77  
DG "O4'"  O N N 78  
DG "C3'"  C N S 79  
DG "O3'"  O N N 80  
DG "C2'"  C N N 81  
DG "C1'"  C N R 82  
DG N9     N Y N 83  
DG C8     C Y N 84  
DG N7     N Y N 85  
DG C5     C Y N 86  
DG C6     C N N 87  
DG O6     O N N 88  
DG N1     N N N 89  
DG C2     C N N 90  
DG N2     N N N 91  
DG N3     N N N 92  
DG C4     C Y N 93  
DG HOP3   H N N 94  
DG HOP2   H N N 95  
DG "H5'"  H N N 96  
DG "H5''" H N N 97  
DG "H4'"  H N N 98  
DG "H3'"  H N N 99  
DG "HO3'" H N N 100 
DG "H2'"  H N N 101 
DG "H2''" H N N 102 
DG "H1'"  H N N 103 
DG H8     H N N 104 
DG H1     H N N 105 
DG H21    H N N 106 
DG H22    H N N 107 
DT OP3    O N N 108 
DT P      P N N 109 
DT OP1    O N N 110 
DT OP2    O N N 111 
DT "O5'"  O N N 112 
DT "C5'"  C N N 113 
DT "C4'"  C N R 114 
DT "O4'"  O N N 115 
DT "C3'"  C N S 116 
DT "O3'"  O N N 117 
DT "C2'"  C N N 118 
DT "C1'"  C N R 119 
DT N1     N N N 120 
DT C2     C N N 121 
DT O2     O N N 122 
DT N3     N N N 123 
DT C4     C N N 124 
DT O4     O N N 125 
DT C5     C N N 126 
DT C7     C N N 127 
DT C6     C N N 128 
DT HOP3   H N N 129 
DT HOP2   H N N 130 
DT "H5'"  H N N 131 
DT "H5''" H N N 132 
DT "H4'"  H N N 133 
DT "H3'"  H N N 134 
DT "HO3'" H N N 135 
DT "H2'"  H N N 136 
DT "H2''" H N N 137 
DT "H1'"  H N N 138 
DT H3     H N N 139 
DT H71    H N N 140 
DT H72    H N N 141 
DT H73    H N N 142 
DT H6     H N N 143 
# 
loop_
_chem_comp_bond.comp_id 
_chem_comp_bond.atom_id_1 
_chem_comp_bond.atom_id_2 
_chem_comp_bond.value_order 
_chem_comp_bond.pdbx_aromatic_flag 
_chem_comp_bond.pdbx_stereo_config 
_chem_comp_bond.pdbx_ordinal 
DA OP3   P      sing N N 1   
DA OP3   HOP3   sing N N 2   
DA P     OP1    doub N N 3   
DA P     OP2    sing N N 4   
DA P     "O5'"  sing N N 5   
DA OP2   HOP2   sing N N 6   
DA "O5'" "C5'"  sing N N 7   
DA "C5'" "C4'"  sing N N 8   
DA "C5'" "H5'"  sing N N 9   
DA "C5'" "H5''" sing N N 10  
DA "C4'" "O4'"  sing N N 11  
DA "C4'" "C3'"  sing N N 12  
DA "C4'" "H4'"  sing N N 13  
DA "O4'" "C1'"  sing N N 14  
DA "C3'" "O3'"  sing N N 15  
DA "C3'" "C2'"  sing N N 16  
DA "C3'" "H3'"  sing N N 17  
DA "O3'" "HO3'" sing N N 18  
DA "C2'" "C1'"  sing N N 19  
DA "C2'" "H2'"  sing N N 20  
DA "C2'" "H2''" sing N N 21  
DA "C1'" N9     sing N N 22  
DA "C1'" "H1'"  sing N N 23  
DA N9    C8     sing Y N 24  
DA N9    C4     sing Y N 25  
DA C8    N7     doub Y N 26  
DA C8    H8     sing N N 27  
DA N7    C5     sing Y N 28  
DA C5    C6     sing Y N 29  
DA C5    C4     doub Y N 30  
DA C6    N6     sing N N 31  
DA C6    N1     doub Y N 32  
DA N6    H61    sing N N 33  
DA N6    H62    sing N N 34  
DA N1    C2     sing Y N 35  
DA C2    N3     doub Y N 36  
DA C2    H2     sing N N 37  
DA N3    C4     sing Y N 38  
DC OP3   P      sing N N 39  
DC OP3   HOP3   sing N N 40  
DC P     OP1    doub N N 41  
DC P     OP2    sing N N 42  
DC P     "O5'"  sing N N 43  
DC OP2   HOP2   sing N N 44  
DC "O5'" "C5'"  sing N N 45  
DC "C5'" "C4'"  sing N N 46  
DC "C5'" "H5'"  sing N N 47  
DC "C5'" "H5''" sing N N 48  
DC "C4'" "O4'"  sing N N 49  
DC "C4'" "C3'"  sing N N 50  
DC "C4'" "H4'"  sing N N 51  
DC "O4'" "C1'"  sing N N 52  
DC "C3'" "O3'"  sing N N 53  
DC "C3'" "C2'"  sing N N 54  
DC "C3'" "H3'"  sing N N 55  
DC "O3'" "HO3'" sing N N 56  
DC "C2'" "C1'"  sing N N 57  
DC "C2'" "H2'"  sing N N 58  
DC "C2'" "H2''" sing N N 59  
DC "C1'" N1     sing N N 60  
DC "C1'" "H1'"  sing N N 61  
DC N1    C2     sing N N 62  
DC N1    C6     sing N N 63  
DC C2    O2     doub N N 64  
DC C2    N3     sing N N 65  
DC N3    C4     doub N N 66  
DC C4    N4     sing N N 67  
DC C4    C5     sing N N 68  
DC N4    H41    sing N N 69  
DC N4    H42    sing N N 70  
DC C5    C6     doub N N 71  
DC C5    H5     sing N N 72  
DC C6    H6     sing N N 73  
DG OP3   P      sing N N 74  
DG OP3   HOP3   sing N N 75  
DG P     OP1    doub N N 76  
DG P     OP2    sing N N 77  
DG P     "O5'"  sing N N 78  
DG OP2   HOP2   sing N N 79  
DG "O5'" "C5'"  sing N N 80  
DG "C5'" "C4'"  sing N N 81  
DG "C5'" "H5'"  sing N N 82  
DG "C5'" "H5''" sing N N 83  
DG "C4'" "O4'"  sing N N 84  
DG "C4'" "C3'"  sing N N 85  
DG "C4'" "H4'"  sing N N 86  
DG "O4'" "C1'"  sing N N 87  
DG "C3'" "O3'"  sing N N 88  
DG "C3'" "C2'"  sing N N 89  
DG "C3'" "H3'"  sing N N 90  
DG "O3'" "HO3'" sing N N 91  
DG "C2'" "C1'"  sing N N 92  
DG "C2'" "H2'"  sing N N 93  
DG "C2'" "H2''" sing N N 94  
DG "C1'" N9     sing N N 95  
DG "C1'" "H1'"  sing N N 96  
DG N9    C8     sing Y N 97  
DG N9    C4     sing Y N 98  
DG C8    N7     doub Y N 99  
DG C8    H8     sing N N 100 
DG N7    C5     sing Y N 101 
DG C5    C6     sing N N 102 
DG C5    C4     doub Y N 103 
DG C6    O6     doub N N 104 
DG C6    N1     sing N N 105 
DG N1    C2     sing N N 106 
DG N1    H1     sing N N 107 
DG C2    N2     sing N N 108 
DG C2    N3     doub N N 109 
DG N2    H21    sing N N 110 
DG N2    H22    sing N N 111 
DG N3    C4     sing N N 112 
DT OP3   P      sing N N 113 
DT OP3   HOP3   sing N N 114 
DT P     OP1    doub N N 115 
DT P     OP2    sing N N 116 
DT P     "O5'"  sing N N 117 
DT OP2   HOP2   sing N N 118 
DT "O5'" "C5'"  sing N N 119 
DT "C5'" "C4'"  sing N N 120 
DT "C5'" "H5'"  sing N N 121 
DT "C5'" "H5''" sing N N 122 
DT "C4'" "O4'"  sing N N 123 
DT "C4'" "C3'"  sing N N 124 
DT "C4'" "H4'"  sing N N 125 
DT "O4'" "C1'"  sing N N 126 
DT "C3'" "O3'"  sing N N 127 
DT "C3'" "C2'"  sing N N 128 
DT "C3'" "H3'"  sing N N 129 
DT "O3'" "HO3'" sing N N 130 
DT "C2'" "C1'"  sing N N 131 
DT "C2'" "H2'"  sing N N 132 
DT "C2'" "H2''" sing N N 133 
DT "C1'" N1     sing N N 134 
DT "C1'" "H1'"  sing N N 135 
DT N1    C2     sing N N 136 
DT N1    C6     sing N N 137 
DT C2    O2     doub N N 138 
DT C2    N3     sing N N 139 
DT N3    C4     sing N N 140 
DT N3    H3     sing N N 141 
DT C4    O4     doub N N 142 
DT C4    C5     sing N N 143 
DT C5    C7     sing N N 144 
DT C5    C6     doub N N 145 
DT C7    H71    sing N N 146 
DT C7    H72    sing N N 147 
DT C7    H73    sing N N 148 
DT C6    H6     sing N N 149 
# 
loop_
_ndb_struct_conf_na.entry_id 
_ndb_struct_conf_na.feature 
8G4G 'double helix'        
8G4G 'b-form double helix' 
# 
loop_
_ndb_struct_na_base_pair.model_number 
_ndb_struct_na_base_pair.i_label_asym_id 
_ndb_struct_na_base_pair.i_label_comp_id 
_ndb_struct_na_base_pair.i_label_seq_id 
_ndb_struct_na_base_pair.i_symmetry 
_ndb_struct_na_base_pair.j_label_asym_id 
_ndb_struct_na_base_pair.j_label_comp_id 
_ndb_struct_na_base_pair.j_label_seq_id 
_ndb_struct_na_base_pair.j_symmetry 
_ndb_struct_na_base_pair.shear 
_ndb_struct_na_base_pair.stretch 
_ndb_struct_na_base_pair.stagger 
_ndb_struct_na_base_pair.buckle 
_ndb_struct_na_base_pair.propeller 
_ndb_struct_na_base_pair.opening 
_ndb_struct_na_base_pair.pair_number 
_ndb_struct_na_base_pair.pair_name 
_ndb_struct_na_base_pair.i_auth_asym_id 
_ndb_struct_na_base_pair.i_auth_seq_id 
_ndb_struct_na_base_pair.i_PDB_ins_code 
_ndb_struct_na_base_pair.j_auth_asym_id 
_ndb_struct_na_base_pair.j_auth_seq_id 
_ndb_struct_na_base_pair.j_PDB_ins_code 
_ndb_struct_na_base_pair.hbond_type_28 
_ndb_struct_na_base_pair.hbond_type_12 
1 A DC 1 1_555 E DG 5 1_555 0.208  -0.121 -0.002 -0.285 -4.635 0.658  1  E_DC1:DG5_D E 1 ? D 5 ? 19 1 
1 A DC 2 1_555 E DG 4 1_555 -0.383 -5.622 -0.274 -0.316 5.379  67.477 2  E_DC2:DG4_D E 2 ? D 4 ? ?  ? 
1 A DG 3 1_555 E DC 3 1_555 -0.223 -0.168 0.075  1.899  -0.615 1.157  3  E_DG3:DC3_D E 3 ? D 3 ? 19 1 
1 C DA 1 1_555 E DT 2 1_555 0.658  0.035  0.208  6.002  -7.632 28.296 4  B_DA1:DT2_D B 1 ? D 2 ? ?  1 
1 C DT 2 1_555 E DA 1 1_555 -1.913 0.248  -0.011 4.627  -5.072 41.366 5  B_DT2:DA1_D B 2 ? D 1 ? ?  1 
1 C DC 3 1_555 B DG 3 1_555 0.202  -0.181 -0.177 -1.290 -2.769 2.639  6  B_DC3:DG3_A B 3 ? A 3 ? 19 1 
1 C DG 4 1_555 B DC 2 1_555 -0.473 0.023  0.189  -0.816 -1.264 8.657  7  B_DG4:DC2_A B 4 ? A 2 ? 19 1 
1 C DG 5 1_555 B DC 1 1_555 -0.182 -0.187 0.348  5.714  -9.412 -2.142 8  B_DG5:DC1_A B 5 ? A 1 ? 19 1 
1 C DC 6 1_555 D DG 5 1_555 0.221  -0.139 0.397  -1.320 -7.749 -0.932 9  B_DC6:DG5_C B 6 ? C 5 ? 19 1 
1 C DC 7 1_555 D DG 4 1_555 0.176  -0.177 0.250  -1.938 -5.857 -0.838 10 B_DC7:DG4_C B 7 ? C 4 ? 19 1 
1 C DG 8 1_555 D DC 3 1_555 -0.222 -0.189 -0.183 2.289  -6.664 -0.145 11 B_DG8:DC3_C B 8 ? C 3 ? 19 1 
# 
loop_
_ndb_struct_na_base_pair_step.model_number 
_ndb_struct_na_base_pair_step.i_label_asym_id_1 
_ndb_struct_na_base_pair_step.i_label_comp_id_1 
_ndb_struct_na_base_pair_step.i_label_seq_id_1 
_ndb_struct_na_base_pair_step.i_symmetry_1 
_ndb_struct_na_base_pair_step.j_label_asym_id_1 
_ndb_struct_na_base_pair_step.j_label_comp_id_1 
_ndb_struct_na_base_pair_step.j_label_seq_id_1 
_ndb_struct_na_base_pair_step.j_symmetry_1 
_ndb_struct_na_base_pair_step.i_label_asym_id_2 
_ndb_struct_na_base_pair_step.i_label_comp_id_2 
_ndb_struct_na_base_pair_step.i_label_seq_id_2 
_ndb_struct_na_base_pair_step.i_symmetry_2 
_ndb_struct_na_base_pair_step.j_label_asym_id_2 
_ndb_struct_na_base_pair_step.j_label_comp_id_2 
_ndb_struct_na_base_pair_step.j_label_seq_id_2 
_ndb_struct_na_base_pair_step.j_symmetry_2 
_ndb_struct_na_base_pair_step.shift 
_ndb_struct_na_base_pair_step.slide 
_ndb_struct_na_base_pair_step.rise 
_ndb_struct_na_base_pair_step.tilt 
_ndb_struct_na_base_pair_step.roll 
_ndb_struct_na_base_pair_step.twist 
_ndb_struct_na_base_pair_step.x_displacement 
_ndb_struct_na_base_pair_step.y_displacement 
_ndb_struct_na_base_pair_step.helical_rise 
_ndb_struct_na_base_pair_step.inclination 
_ndb_struct_na_base_pair_step.tip 
_ndb_struct_na_base_pair_step.helical_twist 
_ndb_struct_na_base_pair_step.step_number 
_ndb_struct_na_base_pair_step.step_name 
_ndb_struct_na_base_pair_step.i_auth_asym_id_1 
_ndb_struct_na_base_pair_step.i_auth_seq_id_1 
_ndb_struct_na_base_pair_step.i_PDB_ins_code_1 
_ndb_struct_na_base_pair_step.j_auth_asym_id_1 
_ndb_struct_na_base_pair_step.j_auth_seq_id_1 
_ndb_struct_na_base_pair_step.j_PDB_ins_code_1 
_ndb_struct_na_base_pair_step.i_auth_asym_id_2 
_ndb_struct_na_base_pair_step.i_auth_seq_id_2 
_ndb_struct_na_base_pair_step.i_PDB_ins_code_2 
_ndb_struct_na_base_pair_step.j_auth_asym_id_2 
_ndb_struct_na_base_pair_step.j_auth_seq_id_2 
_ndb_struct_na_base_pair_step.j_PDB_ins_code_2 
1 A DC 1 1_555 E DG 5 1_555 A DC 2 1_555 E DG 4 1_555 -0.819 3.295  -1.869 177.347  -6.213 -39.733  -1.668 -0.980 0.243  3.136   
89.513  -177.607 1  EE_DC1DC2:DG4DG5_DD E 1 ? D 5 ? E 2 ? D 4 ? 
1 A DC 2 1_555 E DG 4 1_555 A DG 3 1_555 E DC 3 1_555 0.111  3.770  -0.636 -142.841 97.157 -140.174 -1.791 0.195  -1.288 -48.700 
-71.599 -177.533 2  EE_DC2DG3:DC3DG4_DD E 2 ? D 4 ? E 3 ? D 3 ? 
1 A DG 3 1_555 E DC 3 1_555 C DA 1 1_555 E DT 2 1_555 1.059  -0.496 3.072  1.374    6.723  39.090   -1.463 -1.411 2.983  9.955   
-2.034  39.664   3  EB_DG3DA1:DT2DC3_DD E 3 ? D 3 ? B 1 ? D 2 ? 
1 C DA 1 1_555 E DT 2 1_555 C DT 2 1_555 E DA 1 1_555 0.333  -1.232 3.224  1.150    3.256  21.647   -4.452 -0.446 3.021  8.599   
-3.037  21.918   4  BB_DA1DT2:DA1DT2_DD B 1 ? D 2 ? B 2 ? D 1 ? 
1 C DT 2 1_555 E DA 1 1_555 C DC 3 1_555 B DG 3 1_555 -1.035 0.598  3.393  0.804    3.007  47.500   0.490  1.349  3.406  3.728   
-0.997  47.596   5  BB_DT2DC3:DG3DA1_AD B 2 ? D 1 ? B 3 ? A 3 ? 
1 C DC 3 1_555 B DG 3 1_555 C DG 4 1_555 B DC 2 1_555 0.391  0.646  3.338  -2.031   2.214  33.153   0.750  -1.030 3.344  3.870   
3.550   33.285   6  BB_DC3DG4:DC2DG3_AA B 3 ? A 3 ? B 4 ? A 2 ? 
1 C DG 4 1_555 B DC 2 1_555 C DG 5 1_555 B DC 1 1_555 -0.249 0.162  3.162  -2.509   5.096  40.773   -0.306 0.090  3.168  7.271   
3.581   41.151   7  BB_DG4DG5:DC1DC2_AA B 4 ? A 2 ? B 5 ? A 1 ? 
1 C DG 5 1_555 B DC 1 1_555 C DC 6 1_555 D DG 5 1_555 -0.962 -0.547 3.367  -1.851   0.303  34.378   -0.974 1.326  3.408  0.512   
3.129   34.427   8  BB_DG5DC6:DG5DC1_CA B 5 ? A 1 ? B 6 ? C 5 ? 
1 C DC 6 1_555 D DG 5 1_555 C DC 7 1_555 D DG 4 1_555 -0.128 -0.103 3.366  -0.965   1.997  34.990   -0.480 0.063  3.358  3.317   
1.603   35.058   9  BB_DC6DC7:DG4DG5_CC B 6 ? C 5 ? B 7 ? C 4 ? 
1 C DC 7 1_555 D DG 4 1_555 C DG 8 1_555 D DC 3 1_555 0.334  0.343  3.242  2.173    4.680  30.820   -0.253 -0.208 3.273  8.730   
-4.052  31.238   10 BB_DC7DG8:DC3DG4_CC B 7 ? C 4 ? B 8 ? C 3 ? 
# 
loop_
_pdbx_audit_support.funding_organization 
_pdbx_audit_support.country 
_pdbx_audit_support.grant_number 
_pdbx_audit_support.ordinal 
'National Science Foundation (NSF, United States)'                                         'United States' CMMI-2025187 1 
'National Science Foundation (NSF, United States)'                                         'United States' CCF-2107393  2 
'National Institutes of Health/National Institute of General Medical Sciences (NIH/NIGMS)' 'United States' GM127884     3 
'National Institutes of Health/National Institute of General Medical Sciences (NIH/NIGMS)' 'United States' GM127896     4 
# 
_pdbx_initial_refinement_model.id               1 
_pdbx_initial_refinement_model.entity_id_list   ? 
_pdbx_initial_refinement_model.type             'in silico model' 
_pdbx_initial_refinement_model.source_name      Other 
_pdbx_initial_refinement_model.accession_code   ? 
_pdbx_initial_refinement_model.details          '7 bp ideal B type DNA duplex generated in Cadnano' 
# 
_space_group.name_H-M_alt     'H 3 2' 
_space_group.name_Hall        
;H 3 2"
;
_space_group.IT_number        155 
_space_group.crystal_system   trigonal 
_space_group.id               1 
# 
_atom_sites.entry_id                    8G4G 
_atom_sites.Cartn_transf_matrix[1][1]   ? 
_atom_sites.Cartn_transf_matrix[1][2]   ? 
_atom_sites.Cartn_transf_matrix[1][3]   ? 
_atom_sites.Cartn_transf_matrix[2][1]   ? 
_atom_sites.Cartn_transf_matrix[2][2]   ? 
_atom_sites.Cartn_transf_matrix[2][3]   ? 
_atom_sites.Cartn_transf_matrix[3][1]   ? 
_atom_sites.Cartn_transf_matrix[3][2]   ? 
_atom_sites.Cartn_transf_matrix[3][3]   ? 
_atom_sites.Cartn_transf_vector[1]      ? 
_atom_sites.Cartn_transf_vector[2]      ? 
_atom_sites.Cartn_transf_vector[3]      ? 
_atom_sites.fract_transf_matrix[1][1]   0.01410469 
_atom_sites.fract_transf_matrix[1][2]   0.00525758 
_atom_sites.fract_transf_matrix[1][3]   0.00695457 
_atom_sites.fract_transf_matrix[2][1]   -0.00047479 
_atom_sites.fract_transf_matrix[2][2]   0.00908149 
_atom_sites.fract_transf_matrix[2][3]   0.01386473 
_atom_sites.fract_transf_matrix[3][1]   0.00056209 
_atom_sites.fract_transf_matrix[3][2]   -0.01147958 
_atom_sites.fract_transf_matrix[3][3]   0.00753845 
_atom_sites.fract_transf_vector[1]      0.210844 
_atom_sites.fract_transf_vector[2]      0.113180 
_atom_sites.fract_transf_vector[3]      0.252930 
_atom_sites.solution_primary            ? 
_atom_sites.solution_secondary          ? 
_atom_sites.solution_hydrogens          ? 
_atom_sites.special_details             ? 
# 
loop_
_atom_type.symbol 
_atom_type.scat_dispersion_real 
_atom_type.scat_dispersion_imag 
_atom_type.scat_Cromer_Mann_a1 
_atom_type.scat_Cromer_Mann_a2 
_atom_type.scat_Cromer_Mann_a3 
_atom_type.scat_Cromer_Mann_a4 
_atom_type.scat_Cromer_Mann_b1 
_atom_type.scat_Cromer_Mann_b2 
_atom_type.scat_Cromer_Mann_b3 
_atom_type.scat_Cromer_Mann_b4 
_atom_type.scat_Cromer_Mann_c 
_atom_type.scat_source 
_atom_type.scat_dispersion_source 
C ? ? 3.54356 2.42580 ? ? 25.62398 1.50364  ? ? 0.0 
;2-Gaussian fit: Grosse-Kunstleve RW, Sauter NK, Adams PD: Newsletter of the IUCr Commission on Crystallographic Computing 2004, 3, 22-31.
;
? 
N ? ? 4.01032 2.96436 ? ? 19.97189 1.75589  ? ? 0.0 
;2-Gaussian fit: Grosse-Kunstleve RW, Sauter NK, Adams PD: Newsletter of the IUCr Commission on Crystallographic Computing 2004, 3, 22-31.
;
? 
O ? ? 4.49882 3.47563 ? ? 15.80542 1.70748  ? ? 0.0 
;2-Gaussian fit: Grosse-Kunstleve RW, Sauter NK, Adams PD: Newsletter of the IUCr Commission on Crystallographic Computing 2004, 3, 22-31.
;
? 
P ? ? 9.51135 5.44231 ? ? 1.42069  35.72801 ? ? 0.0 
;2-Gaussian fit: Grosse-Kunstleve RW, Sauter NK, Adams PD: Newsletter of the IUCr Commission on Crystallographic Computing 2004, 3, 22-31.
;
? 
# 
loop_
_atom_site.group_PDB 
_atom_site.id 
_atom_site.type_symbol 
_atom_site.label_atom_id 
_atom_site.label_alt_id 
_atom_site.label_comp_id 
_atom_site.label_asym_id 
_atom_site.label_entity_id 
_atom_site.label_seq_id 
_atom_site.pdbx_PDB_ins_code 
_atom_site.Cartn_x 
_atom_site.Cartn_y 
_atom_site.Cartn_z 
_atom_site.occupancy 
_atom_site.B_iso_or_equiv 
_atom_site.pdbx_formal_charge 
_atom_site.auth_seq_id 
_atom_site.auth_comp_id 
_atom_site.auth_asym_id 
_atom_site.auth_atom_id 
_atom_site.pdbx_PDB_model_num 
ATOM 1   P P     . DC A 1 1 ? -8.08089  -4.45635  17.74489  1.000 68.41363 ? 1 DC E P     1 
ATOM 2   O OP1   . DC A 1 1 ? -8.84661  -3.65923  18.72906  1.000 52.51082 ? 1 DC E OP1   1 
ATOM 3   O OP2   . DC A 1 1 ? -8.35923  -4.32217  16.29606  1.000 53.17125 ? 1 DC E OP2   1 
ATOM 4   O "O5'" . DC A 1 1 ? -6.51395  -4.21058  17.96906  1.000 49.23990 ? 1 DC E "O5'" 1 
ATOM 5   C "C5'" . DC A 1 1 ? -5.88428  -4.67096  19.16185  1.000 57.85909 ? 1 DC E "C5'" 1 
ATOM 6   C "C4'" . DC A 1 1 ? -4.41154  -4.95401  18.92160  1.000 49.29992 ? 1 DC E "C4'" 1 
ATOM 7   O "O4'" . DC A 1 1 ? -4.25466  -6.26224  18.30383  1.000 59.99677 ? 1 DC E "O4'" 1 
ATOM 8   C "C3'" . DC A 1 1 ? -3.70740  -3.96004  17.99010  1.000 59.12220 ? 1 DC E "C3'" 1 
ATOM 9   O "O3'" . DC A 1 1 ? -2.43845  -3.61859  18.51626  1.000 48.59716 ? 1 DC E "O3'" 1 
ATOM 10  C "C2'" . DC A 1 1 ? -3.56679  -4.74482  16.69240  1.000 52.14893 ? 1 DC E "C2'" 1 
ATOM 11  C "C1'" . DC A 1 1 ? -3.34824  -6.14402  17.23469  1.000 55.58310 ? 1 DC E "C1'" 1 
ATOM 12  N N1    . DC A 1 1 ? -3.62002  -7.20782  16.24005  1.000 39.58894 ? 1 DC E N1    1 
ATOM 13  C C2    . DC A 1 1 ? -2.61271  -8.12452  15.92267  1.000 36.89317 ? 1 DC E C2    1 
ATOM 14  O O2    . DC A 1 1 ? -1.52220  -8.03678  16.50127  1.000 38.82985 ? 1 DC E O2    1 
ATOM 15  N N3    . DC A 1 1 ? -2.86725  -9.08618  14.99597  1.000 34.83838 ? 1 DC E N3    1 
ATOM 16  C C4    . DC A 1 1 ? -4.06463  -9.13897  14.40050  1.000 36.91256 ? 1 DC E C4    1 
ATOM 17  N N4    . DC A 1 1 ? -4.27634  -10.10222 13.49778  1.000 36.41566 ? 1 DC E N4    1 
ATOM 18  C C5    . DC A 1 1 ? -5.09880  -8.20430  14.70624  1.000 33.87371 ? 1 DC E C5    1 
ATOM 19  C C6    . DC A 1 1 ? -4.83285  -7.26164  15.61870  1.000 38.12026 ? 1 DC E C6    1 
ATOM 20  P P     . DC A 1 2 ? -1.76339  -2.21034  18.14319  1.000 52.62497 ? 2 DC E P     1 
ATOM 21  O OP1   . DC A 1 2 ? -1.64806  -1.44932  19.40998  1.000 56.23680 ? 2 DC E OP1   1 
ATOM 22  O OP2   . DC A 1 2 ? -2.49496  -1.62956  16.99219  1.000 48.02671 ? 2 DC E OP2   1 
ATOM 23  O "O5'" . DC A 1 2 ? -0.31205  -2.61268  17.60054  1.000 47.41957 ? 2 DC E "O5'" 1 
ATOM 24  C "C5'" . DC A 1 2 ? 0.50804   -3.51204  18.34180  1.000 54.46292 ? 2 DC E "C5'" 1 
ATOM 25  C "C4'" . DC A 1 2 ? 1.66079   -3.99151  17.48628  1.000 44.83670 ? 2 DC E "C4'" 1 
ATOM 26  O "O4'" . DC A 1 2 ? 1.31109   -5.25771  16.88992  1.000 51.32179 ? 2 DC E "O4'" 1 
ATOM 27  C "C3'" . DC A 1 2 ? 1.99111   -3.06548  16.32999  1.000 44.00018 ? 2 DC E "C3'" 1 
ATOM 28  O "O3'" . DC A 1 2 ? 3.03136   -2.17890  16.70359  1.000 53.89365 ? 2 DC E "O3'" 1 
ATOM 29  C "C2'" . DC A 1 2 ? 2.44680   -4.00470  15.21587  1.000 51.57555 ? 2 DC E "C2'" 1 
ATOM 30  C "C1'" . DC A 1 2 ? 1.86715   -5.36030  15.59289  1.000 50.41478 ? 2 DC E "C1'" 1 
ATOM 31  N N1    . DC A 1 2 ? 0.81130   -5.86817  14.65498  1.000 38.62465 ? 2 DC E N1    1 
ATOM 32  C C2    . DC A 1 2 ? -0.46713  -5.28551  14.64564  1.000 45.33204 ? 2 DC E C2    1 
ATOM 33  O O2    . DC A 1 2 ? -0.70869  -4.33185  15.39271  1.000 51.51727 ? 2 DC E O2    1 
ATOM 34  N N3    . DC A 1 2 ? -1.40825  -5.78236  13.80514  1.000 52.03142 ? 2 DC E N3    1 
ATOM 35  C C4    . DC A 1 2 ? -1.11803  -6.80926  13.00976  1.000 40.46303 ? 2 DC E C4    1 
ATOM 36  N N4    . DC A 1 2 ? -2.08131  -7.26391  12.20229  1.000 37.87753 ? 2 DC E N4    1 
ATOM 37  C C5    . DC A 1 2 ? 0.17233   -7.41726  13.00938  1.000 31.46564 ? 2 DC E C5    1 
ATOM 38  C C6    . DC A 1 2 ? 1.09489   -6.92364  13.83906  1.000 31.48214 ? 2 DC E C6    1 
ATOM 39  P P     . DG A 1 3 ? 3.45109   -0.97585  15.72540  1.000 68.32839 ? 3 DG E P     1 
ATOM 40  O OP1   . DG A 1 3 ? 4.22005   0.00323   16.52782  1.000 73.47580 ? 3 DG E OP1   1 
ATOM 41  O OP2   . DG A 1 3 ? 2.21681   -0.55415  15.01765  1.000 34.88172 ? 3 DG E OP2   1 
ATOM 42  O "O5'" . DG A 1 3 ? 4.43903   -1.65859  14.65918  1.000 48.36223 ? 3 DG E "O5'" 1 
ATOM 43  C "C5'" . DG A 1 3 ? 5.54828   -2.44242  15.10356  1.000 36.00151 ? 3 DG E "C5'" 1 
ATOM 44  C "C4'" . DG A 1 3 ? 6.06020   -3.34368  13.98770  1.000 36.05211 ? 3 DG E "C4'" 1 
ATOM 45  O "O4'" . DG A 1 3 ? 4.98249   -4.19431  13.51297  1.000 37.62874 ? 3 DG E "O4'" 1 
ATOM 46  C "C3'" . DG A 1 3 ? 6.59687   -2.61276  12.75390  1.000 29.01976 ? 3 DG E "C3'" 1 
ATOM 47  O "O3'" . DG A 1 3 ? 7.73542   -3.29204  12.23950  1.000 40.05777 ? 3 DG E "O3'" 1 
ATOM 48  C "C2'" . DG A 1 3 ? 5.42717   -2.67780  11.78181  1.000 30.97485 ? 3 DG E "C2'" 1 
ATOM 49  C "C1'" . DG A 1 3 ? 4.83290   -4.03741  12.12058  1.000 40.08780 ? 3 DG E "C1'" 1 
ATOM 50  N N9    . DG A 1 3 ? 3.41830   -4.14875  11.77927  1.000 34.84795 ? 3 DG E N9    1 
ATOM 51  C C8    . DG A 1 3 ? 2.40439   -3.29767  12.14678  1.000 29.39633 ? 3 DG E C8    1 
ATOM 52  N N7    . DG A 1 3 ? 1.23874   -3.64722  11.68116  1.000 37.94145 ? 3 DG E N7    1 
ATOM 53  C C5    . DG A 1 3 ? 1.50092   -4.79091  10.93836  1.000 31.37556 ? 3 DG E C5    1 
ATOM 54  C C6    . DG A 1 3 ? 0.62691   -5.61370  10.19768  1.000 33.98668 ? 3 DG E C6    1 
ATOM 55  O O6    . DG A 1 3 ? -0.59698  -5.48871  10.04094  1.000 47.27959 ? 3 DG E O6    1 
ATOM 56  N N1    . DG A 1 3 ? 1.30308   -6.66946  9.59751   1.000 22.84903 ? 3 DG E N1    1 
ATOM 57  C C2    . DG A 1 3 ? 2.65436   -6.90074  9.70105   1.000 24.90588 ? 3 DG E C2    1 
ATOM 58  N N2    . DG A 1 3 ? 3.13461   -7.96976  9.05238   1.000 22.86104 ? 3 DG E N2    1 
ATOM 59  N N3    . DG A 1 3 ? 3.48102   -6.13889  10.39397  1.000 31.64825 ? 3 DG E N3    1 
ATOM 60  C C4    . DG A 1 3 ? 2.83783   -5.10810  10.98572  1.000 33.19990 ? 3 DG E C4    1 
ATOM 61  P P     . DC B 1 1 ? 2.58988   6.26159   3.40859   1.000 38.80898 ? 1 DC A P     1 
ATOM 62  O OP1   . DC B 1 1 ? 3.53257   6.25791   4.55351   1.000 18.81244 ? 1 DC A OP1   1 
ATOM 63  O OP2   . DC B 1 1 ? 2.33405   5.08371   2.44713   1.000 60.04996 ? 1 DC A OP2   1 
ATOM 64  O "O5'" . DC B 1 1 ? 2.75978   7.67339   2.65752   1.000 34.09161 ? 1 DC A "O5'" 1 
ATOM 65  C "C5'" . DC B 1 1 ? 1.90267   8.77357   2.99526   1.000 27.18134 ? 1 DC A "C5'" 1 
ATOM 66  C "C4'" . DC B 1 1 ? 0.75261   8.89544   2.00368   1.000 23.15816 ? 1 DC A "C4'" 1 
ATOM 67  O "O4'" . DC B 1 1 ? 1.19604   8.44525   0.71869   1.000 19.70571 ? 1 DC A "O4'" 1 
ATOM 68  C "C3'" . DC B 1 1 ? -0.46718  8.05717   2.34482   1.000 25.67341 ? 1 DC A "C3'" 1 
ATOM 69  O "O3'" . DC B 1 1 ? -1.43113  8.87178   2.96253   1.000 17.53759 ? 1 DC A "O3'" 1 
ATOM 70  C "C2'" . DC B 1 1 ? -0.98202  7.52946   1.00319   1.000 13.22296 ? 1 DC A "C2'" 1 
ATOM 71  C "C1'" . DC B 1 1 ? 0.15169   7.79216   0.03321   1.000 17.68016 ? 1 DC A "C1'" 1 
ATOM 72  N N1    . DC B 1 1 ? 0.72629   6.58399   -0.63546  1.000 22.20073 ? 1 DC A N1    1 
ATOM 73  C C2    . DC B 1 1 ? -0.06688  5.78338   -1.47720  1.000 21.19847 ? 1 DC A C2    1 
ATOM 74  O O2    . DC B 1 1 ? -1.26871  6.04587   -1.61775  1.000 17.35837 ? 1 DC A O2    1 
ATOM 75  N N3    . DC B 1 1 ? 0.51027   4.73004   -2.10413  1.000 16.04388 ? 1 DC A N3    1 
ATOM 76  C C4    . DC B 1 1 ? 1.80938   4.47802   -1.93327  1.000 16.04305 ? 1 DC A C4    1 
ATOM 77  N N4    . DC B 1 1 ? 2.33152   3.43052   -2.57292  1.000 14.30971 ? 1 DC A N4    1 
ATOM 78  C C5    . DC B 1 1 ? 2.62991   5.28660   -1.10083  1.000 21.85798 ? 1 DC A C5    1 
ATOM 79  C C6    . DC B 1 1 ? 2.05543   6.32085   -0.48399  1.000 23.54360 ? 1 DC A C6    1 
ATOM 80  P P     . DC B 1 2 ? -2.29269  8.29158   4.18044   1.000 45.18897 ? 2 DC A P     1 
ATOM 81  O OP1   . DC B 1 2 ? -3.02801  9.42805   4.78042   1.000 58.38725 ? 2 DC A OP1   1 
ATOM 82  O OP2   . DC B 1 2 ? -1.38496  7.46229   5.01291   1.000 31.11997 ? 2 DC A OP2   1 
ATOM 83  O "O5'" . DC B 1 2 ? -3.32026  7.29166   3.47429   1.000 29.78554 ? 2 DC A "O5'" 1 
ATOM 84  C "C5'" . DC B 1 2 ? -4.13878  7.73858   2.39871   1.000 34.49971 ? 2 DC A "C5'" 1 
ATOM 85  C "C4'" . DC B 1 2 ? -5.09654  6.64032   1.96826   1.000 30.13860 ? 2 DC A "C4'" 1 
ATOM 86  O "O4'" . DC B 1 2 ? -4.43296  5.72068   1.06677   1.000 22.73218 ? 2 DC A "O4'" 1 
ATOM 87  C "C3'" . DC B 1 2 ? -5.63438  5.78837   3.09892   1.000 34.63650 ? 2 DC A "C3'" 1 
ATOM 88  O "O3'" . DC B 1 2 ? -6.95020  5.37624   2.79696   1.000 48.53847 ? 2 DC A "O3'" 1 
ATOM 89  C "C2'" . DC B 1 2 ? -4.66072  4.60892   3.13608   1.000 44.09017 ? 2 DC A "C2'" 1 
ATOM 90  C "C1'" . DC B 1 2 ? -4.29072  4.44406   1.66853   1.000 28.91577 ? 2 DC A "C1'" 1 
ATOM 91  N N1    . DC B 1 2 ? -2.87782  4.00575   1.44843   1.000 33.84498 ? 2 DC A N1    1 
ATOM 92  C C2    . DC B 1 2 ? -2.59879  3.02983   0.48932   1.000 35.09597 ? 2 DC A C2    1 
ATOM 93  O O2    . DC B 1 2 ? -3.56290  2.54013   -0.12477  1.000 21.50478 ? 2 DC A O2    1 
ATOM 94  N N3    . DC B 1 2 ? -1.29301  2.65310   0.27820   1.000 21.46967 ? 2 DC A N3    1 
ATOM 95  C C4    . DC B 1 2 ? -0.31224  3.25169   1.00949   1.000 20.74604 ? 2 DC A C4    1 
ATOM 96  N N4    . DC B 1 2 ? 0.97076   2.89877   0.80173   1.000 28.30752 ? 2 DC A N4    1 
ATOM 97  C C5    . DC B 1 2 ? -0.60729  4.25050   1.97435   1.000 23.94556 ? 2 DC A C5    1 
ATOM 98  C C6    . DC B 1 2 ? -1.88176  4.58941   2.15842   1.000 34.04199 ? 2 DC A C6    1 
ATOM 99  P P     . DG B 1 3 ? -7.87759  4.76446   3.95135   1.000 30.17117 ? 3 DG A P     1 
ATOM 100 O OP1   . DG B 1 3 ? -9.12202  5.56540   3.98213   1.000 65.20313 ? 3 DG A OP1   1 
ATOM 101 O OP2   . DG B 1 3 ? -7.04775  4.60712   5.16740   1.000 32.10736 ? 3 DG A OP2   1 
ATOM 102 O "O5'" . DG B 1 3 ? -8.19629  3.29318   3.42741   1.000 28.53488 ? 3 DG A "O5'" 1 
ATOM 103 C "C5'" . DG B 1 3 ? -8.82532  3.11092   2.17594   1.000 32.14630 ? 3 DG A "C5'" 1 
ATOM 104 C "C4'" . DG B 1 3 ? -8.75619  1.65718   1.77016   1.000 42.54475 ? 3 DG A "C4'" 1 
ATOM 105 O "O4'" . DG B 1 3 ? -7.38815  1.33491   1.40105   1.000 32.89402 ? 3 DG A "O4'" 1 
ATOM 106 C "C3'" . DG B 1 3 ? -9.14837  0.66978   2.86961   1.000 29.34089 ? 3 DG A "C3'" 1 
ATOM 107 O "O3'" . DG B 1 3 ? -9.89045  -0.40893  2.31818   1.000 34.33323 ? 3 DG A "O3'" 1 
ATOM 108 C "C2'" . DG B 1 3 ? -7.80038  0.20205   3.41409   1.000 33.58169 ? 3 DG A "C2'" 1 
ATOM 109 C "C1'" . DG B 1 3 ? -6.92558  0.24925   2.16921   1.000 29.16675 ? 3 DG A "C1'" 1 
ATOM 110 N N9    . DG B 1 3 ? -5.51655  0.46656   2.46710   1.000 35.44574 ? 3 DG A N9    1 
ATOM 111 C C8    . DG B 1 3 ? -4.98995  1.32276   3.40309   1.000 28.63562 ? 3 DG A C8    1 
ATOM 112 N N7    . DG B 1 3 ? -3.68759  1.30419   3.44741   1.000 22.05679 ? 3 DG A N7    1 
ATOM 113 C C5    . DG B 1 3 ? -3.32863  0.37325   2.48032   1.000 30.61301 ? 3 DG A C5    1 
ATOM 114 C C6    . DG B 1 3 ? -2.04793  -0.07524  2.07094   1.000 29.85388 ? 3 DG A C6    1 
ATOM 115 O O6    . DG B 1 3 ? -0.93921  0.27104   2.49637   1.000 19.97840 ? 3 DG A O6    1 
ATOM 116 N N1    . DG B 1 3 ? -2.13557  -1.02475  1.05871   1.000 26.79926 ? 3 DG A N1    1 
ATOM 117 C C2    . DG B 1 3 ? -3.30967  -1.48170  0.51108   1.000 32.21514 ? 3 DG A C2    1 
ATOM 118 N N2    . DG B 1 3 ? -3.20247  -2.39419  -0.45964  1.000 24.93931 ? 3 DG A N2    1 
ATOM 119 N N3    . DG B 1 3 ? -4.51263  -1.07035  0.88505   1.000 30.51350 ? 3 DG A N3    1 
ATOM 120 C C4    . DG B 1 3 ? -4.44530  -0.14732  1.86879   1.000 28.51611 ? 3 DG A C4    1 
ATOM 121 O "O5'" . DA C 2 1 ? 6.85698   -3.93901  9.04848   1.000 40.75499 ? 1 DA B "O5'" 1 
ATOM 122 C "C5'" . DA C 2 1 ? 7.60902   -5.14355  8.97208   1.000 33.62181 ? 1 DA B "C5'" 1 
ATOM 123 C "C4'" . DA C 2 1 ? 7.13550   -6.02444  7.82658   1.000 29.37999 ? 1 DA B "C4'" 1 
ATOM 124 O "O4'" . DA C 2 1 ? 5.69441   -6.09774  7.83601   1.000 21.94643 ? 1 DA B "O4'" 1 
ATOM 125 C "C3'" . DA C 2 1 ? 7.48577   -5.54000  6.43017   1.000 29.07786 ? 1 DA B "C3'" 1 
ATOM 126 O "O3'" . DA C 2 1 ? 7.45314   -6.64134  5.54447   1.000 21.49212 ? 1 DA B "O3'" 1 
ATOM 127 C "C2'" . DA C 2 1 ? 6.33878   -4.58831  6.14329   1.000 31.34245 ? 1 DA B "C2'" 1 
ATOM 128 C "C1'" . DA C 2 1 ? 5.17435   -5.36707  6.74148   1.000 24.16241 ? 1 DA B "C1'" 1 
ATOM 129 N N9    . DA C 2 1 ? 4.09823   -4.53156  7.24106   1.000 36.47900 ? 1 DA B N9    1 
ATOM 130 C C8    . DA C 2 1 ? 4.19581   -3.41226  8.02991   1.000 36.07742 ? 1 DA B C8    1 
ATOM 131 N N7    . DA C 2 1 ? 3.03371   -2.87704  8.33407   1.000 31.86284 ? 1 DA B N7    1 
ATOM 132 C C5    . DA C 2 1 ? 2.12309   -3.70830  7.70677   1.000 32.40191 ? 1 DA B C5    1 
ATOM 133 C C6    . DA C 2 1 ? 0.72237   -3.69423  7.63417   1.000 35.01546 ? 1 DA B C6    1 
ATOM 134 N N6    . DA C 2 1 ? -0.03590  -2.77247  8.23346   1.000 30.80043 ? 1 DA B N6    1 
ATOM 135 N N1    . DA C 2 1 ? 0.12846   -4.67869  6.92465   1.000 43.61927 ? 1 DA B N1    1 
ATOM 136 C C2    . DA C 2 1 ? 0.90013   -5.60234  6.33146   1.000 29.55142 ? 1 DA B C2    1 
ATOM 137 N N3    . DA C 2 1 ? 2.21785   -5.71828  6.33138   1.000 20.14902 ? 1 DA B N3    1 
ATOM 138 C C4    . DA C 2 1 ? 2.77217   -4.73382  7.03818   1.000 28.19203 ? 1 DA B C4    1 
ATOM 139 P P     . DT C 2 2 ? 8.19740   -6.56703  4.12758   1.000 27.92946 ? 2 DT B P     1 
ATOM 140 O OP1   . DT C 2 2 ? 9.33279   -7.51212  4.20416   1.000 29.53860 ? 2 DT B OP1   1 
ATOM 141 O OP2   . DT C 2 2 ? 8.44199   -5.15031  3.76113   1.000 24.63366 ? 2 DT B OP2   1 
ATOM 142 O "O5'" . DT C 2 2 ? 7.11714   -7.14847  3.12014   1.000 32.98243 ? 2 DT B "O5'" 1 
ATOM 143 C "C5'" . DT C 2 2 ? 5.74875   -6.97154  3.38050   1.000 26.19626 ? 2 DT B "C5'" 1 
ATOM 144 C "C4'" . DT C 2 2 ? 4.94503   -7.48942  2.21518   1.000 25.65624 ? 2 DT B "C4'" 1 
ATOM 145 O "O4'" . DT C 2 2 ? 3.55776   -7.11680  2.37714   1.000 33.60107 ? 2 DT B "O4'" 1 
ATOM 146 C "C3'" . DT C 2 2 ? 5.34538   -6.89563  0.88953   1.000 26.48403 ? 2 DT B "C3'" 1 
ATOM 147 O "O3'" . DT C 2 2 ? 4.92482   -7.73246  -0.14011  1.000 20.85753 ? 2 DT B "O3'" 1 
ATOM 148 C "C2'" . DT C 2 2 ? 4.57159   -5.58614  0.88453   1.000 29.90502 ? 2 DT B "C2'" 1 
ATOM 149 C "C1'" . DT C 2 2 ? 3.26600   -5.99167  1.56325   1.000 27.32376 ? 2 DT B "C1'" 1 
ATOM 150 N N1    . DT C 2 2 ? 2.70609   -4.92993  2.43411   1.000 28.08058 ? 2 DT B N1    1 
ATOM 151 C C2    . DT C 2 2 ? 1.34416   -4.80695  2.55264   1.000 32.67980 ? 2 DT B C2    1 
ATOM 152 O O2    . DT C 2 2 ? 0.54804   -5.52770  1.96884   1.000 26.90706 ? 2 DT B O2    1 
ATOM 153 N N3    . DT C 2 2 ? 0.93731   -3.80425  3.38323   1.000 23.54194 ? 2 DT B N3    1 
ATOM 154 C C4    . DT C 2 2 ? 1.72618   -2.92442  4.09152   1.000 29.02198 ? 2 DT B C4    1 
ATOM 155 O O4    . DT C 2 2 ? 1.24790   -2.05223  4.81601   1.000 29.50748 ? 2 DT B O4    1 
ATOM 156 C C5    . DT C 2 2 ? 3.14980   -3.10667  3.92585   1.000 31.97924 ? 2 DT B C5    1 
ATOM 157 C C7    . DT C 2 2 ? 4.11620   -2.21468  4.64751   1.000 20.27554 ? 2 DT B C7    1 
ATOM 158 C C6    . DT C 2 2 ? 3.56571   -4.09108  3.11555   1.000 26.71878 ? 2 DT B C6    1 
ATOM 159 P P     . DC C 2 3 ? 5.46168   -7.48723  -1.62758  1.000 34.19764 ? 3 DC B P     1 
ATOM 160 O OP1   . DC C 2 3 ? 6.08629   -8.75320  -2.06349  1.000 25.57691 ? 3 DC B OP1   1 
ATOM 161 O OP2   . DC C 2 3 ? 6.21752   -6.21160  -1.66637  1.000 32.22374 ? 3 DC B OP2   1 
ATOM 162 O "O5'" . DC C 2 3 ? 4.12667   -7.24093  -2.45636  1.000 45.98198 ? 3 DC B "O5'" 1 
ATOM 163 C "C5'" . DC C 2 3 ? 2.91835   -7.82573  -2.02276  1.000 17.77701 ? 3 DC B "C5'" 1 
ATOM 164 C "C4'" . DC C 2 3 ? 1.75105   -7.09625  -2.63170  1.000 26.80621 ? 3 DC B "C4'" 1 
ATOM 165 O "O4'" . DC C 2 3 ? 1.22748   -6.14283  -1.66804  1.000 23.96778 ? 3 DC B "O4'" 1 
ATOM 166 C "C3'" . DC C 2 3 ? 2.09545   -6.28416  -3.88314  1.000 36.98455 ? 3 DC B "C3'" 1 
ATOM 167 O "O3'" . DC C 2 3 ? 1.02613   -6.36333  -4.82046  1.000 50.61659 ? 3 DC B "O3'" 1 
ATOM 168 C "C2'" . DC C 2 3 ? 2.23672   -4.87245  -3.32725  1.000 32.84832 ? 3 DC B "C2'" 1 
ATOM 169 C "C1'" . DC C 2 3 ? 1.13709   -4.88370  -2.28117  1.000 25.70019 ? 3 DC B "C1'" 1 
ATOM 170 N N1    . DC C 2 3 ? 1.27620   -3.82921  -1.24673  1.000 25.25056 ? 3 DC B N1    1 
ATOM 171 C C2    . DC C 2 3 ? 0.12831   -3.23837  -0.71785  1.000 29.18922 ? 3 DC B C2    1 
ATOM 172 O O2    . DC C 2 3 ? -0.97569  -3.62497  -1.11394  1.000 23.09301 ? 3 DC B O2    1 
ATOM 173 N N3    . DC C 2 3 ? 0.26031   -2.27026  0.21703   1.000 24.12317 ? 3 DC B N3    1 
ATOM 174 C C4    . DC C 2 3 ? 1.47130   -1.88870  0.61501   1.000 20.58739 ? 3 DC B C4    1 
ATOM 175 N N4    . DC C 2 3 ? 1.55091   -0.93058  1.54430   1.000 34.36124 ? 3 DC B N4    1 
ATOM 176 C C5    . DC C 2 3 ? 2.65699   -2.47861  0.08703   1.000 32.47904 ? 3 DC B C5    1 
ATOM 177 C C6    . DC C 2 3 ? 2.51345   -3.43411  -0.83758  1.000 27.22705 ? 3 DC B C6    1 
ATOM 178 P P     . DG C 2 4 ? 1.31213   -6.27510  -6.40044  1.000 36.06361 ? 4 DG B P     1 
ATOM 179 O OP1   . DG C 2 4 ? 1.60663   -7.64423  -6.86990  1.000 55.16267 ? 4 DG B OP1   1 
ATOM 180 O OP2   . DG C 2 4 ? 2.26640   -5.17110  -6.65713  1.000 20.60698 ? 4 DG B OP2   1 
ATOM 181 O "O5'" . DG C 2 4 ? -0.09279  -5.82737  -7.01723  1.000 36.81431 ? 4 DG B "O5'" 1 
ATOM 182 C "C5'" . DG C 2 4 ? -1.30133  -6.26231  -6.42233  1.000 27.61906 ? 4 DG B "C5'" 1 
ATOM 183 C "C4'" . DG C 2 4 ? -2.25960  -5.09545  -6.25217  1.000 23.00558 ? 4 DG B "C4'" 1 
ATOM 184 O "O4'" . DG C 2 4 ? -1.83476  -4.27946  -5.13401  1.000 33.07782 ? 4 DG B "O4'" 1 
ATOM 185 C "C3'" . DG C 2 4 ? -2.36812  -4.16146  -7.46150  1.000 19.79583 ? 4 DG B "C3'" 1 
ATOM 186 O "O3'" . DG C 2 4 ? -3.74024  -3.99339  -7.81404  1.000 39.69723 ? 4 DG B "O3'" 1 
ATOM 187 C "C2'" . DG C 2 4 ? -1.72933  -2.85006  -6.97905  1.000 25.16130 ? 4 DG B "C2'" 1 
ATOM 188 C "C1'" . DG C 2 4 ? -1.93706  -2.91726  -5.47240  1.000 31.47351 ? 4 DG B "C1'" 1 
ATOM 189 N N9    . DG C 2 4 ? -0.93634  -2.17820  -4.68750  1.000 27.33388 ? 4 DG B N9    1 
ATOM 190 C C8    . DG C 2 4 ? 0.42459   -2.35122  -4.70615  1.000 25.54925 ? 4 DG B C8    1 
ATOM 191 N N7    . DG C 2 4 ? 1.06407   -1.56421  -3.87753  1.000 39.49734 ? 4 DG B N7    1 
ATOM 192 C C5    . DG C 2 4 ? 0.06029   -0.82539  -3.26134  1.000 22.07657 ? 4 DG B C5    1 
ATOM 193 C C6    . DG C 2 4 ? 0.14205   0.19631   -2.26865  1.000 21.22891 ? 4 DG B C6    1 
ATOM 194 O O6    . DG C 2 4 ? 1.15708   0.66853   -1.70661  1.000 40.49524 ? 4 DG B O6    1 
ATOM 195 N N1    . DG C 2 4 ? -1.11993  0.67504   -1.92661  1.000 24.42558 ? 4 DG B N1    1 
ATOM 196 C C2    . DG C 2 4 ? -2.30549  0.22785   -2.47580  1.000 28.21393 ? 4 DG B C2    1 
ATOM 197 N N2    . DG C 2 4 ? -3.42095  0.80260   -2.03516  1.000 33.74703 ? 4 DG B N2    1 
ATOM 198 N N3    . DG C 2 4 ? -2.39424  -0.71890  -3.40000  1.000 18.98765 ? 4 DG B N3    1 
ATOM 199 C C4    . DG C 2 4 ? -1.17803  -1.19847  -3.74591  1.000 25.07097 ? 4 DG B C4    1 
ATOM 200 P P     . DG C 2 5 ? -4.16819  -3.40896  -9.25197  1.000 26.86362 ? 5 DG B P     1 
ATOM 201 O OP1   . DG C 2 5 ? -5.18605  -4.32348  -9.81798  1.000 34.86420 ? 5 DG B OP1   1 
ATOM 202 O OP2   . DG C 2 5 ? -2.95899  -3.09180  -10.04081 1.000 25.35210 ? 5 DG B OP2   1 
ATOM 203 O "O5'" . DG C 2 5 ? -4.89451  -2.04184  -8.87242  1.000 22.56761 ? 5 DG B "O5'" 1 
ATOM 204 C "C5'" . DG C 2 5 ? -5.89055  -2.04663  -7.85197  1.000 23.94231 ? 5 DG B "C5'" 1 
ATOM 205 C "C4'" . DG C 2 5 ? -6.17037  -0.64138  -7.34902  1.000 14.96115 ? 5 DG B "C4'" 1 
ATOM 206 O "O4'" . DG C 2 5 ? -5.10103  -0.20700  -6.47794  1.000 14.82400 ? 5 DG B "O4'" 1 
ATOM 207 C "C3'" . DG C 2 5 ? -6.28665  0.42646   -8.43084  1.000 24.91461 ? 5 DG B "C3'" 1 
ATOM 208 O "O3'" . DG C 2 5 ? -7.31096  1.31521   -8.07713  1.000 26.65036 ? 5 DG B "O3'" 1 
ATOM 209 C "C2'" . DG C 2 5 ? -4.92433  1.11045   -8.38196  1.000 21.46424 ? 5 DG B "C2'" 1 
ATOM 210 C "C1'" . DG C 2 5 ? -4.64130  1.05961   -6.89789  1.000 21.76564 ? 5 DG B "C1'" 1 
ATOM 211 N N9    . DG C 2 5 ? -3.22746  1.17074   -6.56999  1.000 20.35142 ? 5 DG B N9    1 
ATOM 212 C C8    . DG C 2 5 ? -2.19309  0.46735   -7.13581  1.000 21.47485 ? 5 DG B C8    1 
ATOM 213 N N7    . DG C 2 5 ? -1.02804  0.76418   -6.63487  1.000 10.78705 ? 5 DG B N7    1 
ATOM 214 C C5    . DG C 2 5 ? -1.30750  1.72579   -5.67479  1.000 14.98286 ? 5 DG B C5    1 
ATOM 215 C C6    . DG C 2 5 ? -0.44012  2.41547   -4.80509  1.000 13.51266 ? 5 DG B C6    1 
ATOM 216 O O6    . DG C 2 5 ? 0.79003   2.31975   -4.71424  1.000 21.51325 ? 5 DG B O6    1 
ATOM 217 N N1    . DG C 2 5 ? -1.12476  3.30096   -3.99115  1.000 18.44104 ? 5 DG B N1    1 
ATOM 218 C C2    . DG C 2 5 ? -2.47941  3.49772   -4.00385  1.000 15.88346 ? 5 DG B C2    1 
ATOM 219 N N2    . DG C 2 5 ? -2.95439  4.39565   -3.13149  1.000 15.12819 ? 5 DG B N2    1 
ATOM 220 N N3    . DG C 2 5 ? -3.31341  2.85255   -4.81224  1.000 19.74922 ? 5 DG B N3    1 
ATOM 221 C C4    . DG C 2 5 ? -2.65700  1.98523   -5.61855  1.000 16.12361 ? 5 DG B C4    1 
ATOM 222 P P     . DC C 2 6 ? -7.89267  2.35614   -9.14626  1.000 20.27293 ? 6 DC B P     1 
ATOM 223 O OP1   . DC C 2 6 ? -9.24586  1.88751   -9.52025  1.000 40.25058 ? 6 DC B OP1   1 
ATOM 224 O OP2   . DC C 2 6 ? -6.87713  2.60726   -10.19820 1.000 26.54171 ? 6 DC B OP2   1 
ATOM 225 O "O5'" . DC C 2 6 ? -8.02848  3.68664   -8.29142  1.000 21.61455 ? 6 DC B "O5'" 1 
ATOM 226 C "C5'" . DC C 2 6 ? -7.84379  3.61703   -6.89673  1.000 16.33089 ? 6 DC B "C5'" 1 
ATOM 227 C "C4'" . DC C 2 6 ? -7.77935  5.00163   -6.29986  1.000 22.80486 ? 6 DC B "C4'" 1 
ATOM 228 O "O4'" . DC C 2 6 ? -6.44627  5.24105   -5.79097  1.000 22.62675 ? 6 DC B "O4'" 1 
ATOM 229 C "C3'" . DC C 2 6 ? -8.06087  6.13781   -7.26999  1.000 25.34324 ? 6 DC B "C3'" 1 
ATOM 230 O "O3'" . DC C 2 6 ? -8.63194  7.22059   -6.54823  1.000 26.78305 ? 6 DC B "O3'" 1 
ATOM 231 C "C2'" . DC C 2 6 ? -6.66391  6.46645   -7.80053  1.000 27.19844 ? 6 DC B "C2'" 1 
ATOM 232 C "C1'" . DC C 2 6 ? -5.79818  6.23377   -6.56450  1.000 23.64261 ? 6 DC B "C1'" 1 
ATOM 233 N N1    . DC C 2 6 ? -4.41996  5.74737   -6.85963  1.000 15.06865 ? 6 DC B N1    1 
ATOM 234 C C2    . DC C 2 6 ? -3.33270  6.30218   -6.17340  1.000 12.22913 ? 6 DC B C2    1 
ATOM 235 O O2    . DC C 2 6 ? -3.53964  7.20384   -5.35346  1.000 21.10216 ? 6 DC B O2    1 
ATOM 236 N N3    . DC C 2 6 ? -2.08696  5.84154   -6.43359  1.000 21.27523 ? 6 DC B N3    1 
ATOM 237 C C4    . DC C 2 6 ? -1.90857  4.86472   -7.33128  1.000 17.67793 ? 6 DC B C4    1 
ATOM 238 N N4    . DC C 2 6 ? -0.65908  4.44479   -7.55668  1.000 10.49554 ? 6 DC B N4    1 
ATOM 239 C C5    . DC C 2 6 ? -3.00335  4.27764   -8.03185  1.000 10.71946 ? 6 DC B C5    1 
ATOM 240 C C6    . DC C 2 6 ? -4.23175  4.74433   -7.76573  1.000 16.27391 ? 6 DC B C6    1 
ATOM 241 P P     . DC C 2 7 ? -9.10023  8.56737   -7.28409  1.000 36.27714 ? 7 DC B P     1 
ATOM 242 O OP1   . DC C 2 7 ? -10.32887 8.99936   -6.58202  1.000 19.83227 ? 7 DC B OP1   1 
ATOM 243 O OP2   . DC C 2 7 ? -9.06718  8.37067   -8.75152  1.000 26.82097 ? 7 DC B OP2   1 
ATOM 244 O "O5'" . DC C 2 7 ? -7.95399  9.61457   -6.90556  1.000 26.07658 ? 7 DC B "O5'" 1 
ATOM 245 C "C5'" . DC C 2 7 ? -7.57498  9.76116   -5.54704  1.000 20.01837 ? 7 DC B "C5'" 1 
ATOM 246 C "C4'" . DC C 2 7 ? -6.50860  10.82813  -5.37779  1.000 26.32624 ? 7 DC B "C4'" 1 
ATOM 247 O "O4'" . DC C 2 7 ? -5.19464  10.28115  -5.65426  1.000 31.06930 ? 7 DC B "O4'" 1 
ATOM 248 C "C3'" . DC C 2 7 ? -6.63544  12.03954  -6.28135  1.000 28.05215 ? 7 DC B "C3'" 1 
ATOM 249 O "O3'" . DC C 2 7 ? -6.13068  13.14856  -5.58193  1.000 25.34079 ? 7 DC B "O3'" 1 
ATOM 250 C "C2'" . DC C 2 7 ? -5.73073  11.66299  -7.45784  1.000 20.47888 ? 7 DC B "C2'" 1 
ATOM 251 C "C1'" . DC C 2 7 ? -4.58222  11.01479  -6.70611  1.000 35.02369 ? 7 DC B "C1'" 1 
ATOM 252 N N1    . DC C 2 7 ? -3.77287  10.04967  -7.48915  1.000 17.52582 ? 7 DC B N1    1 
ATOM 253 C C2    . DC C 2 7 ? -2.38947  9.99065   -7.28703  1.000 21.83946 ? 7 DC B C2    1 
ATOM 254 O O2    . DC C 2 7 ? -1.85864  10.79359  -6.49906  1.000 14.81645 ? 7 DC B O2    1 
ATOM 255 N N3    . DC C 2 7 ? -1.66808  9.06861   -7.97723  1.000 17.78484 ? 7 DC B N3    1 
ATOM 256 C C4    . DC C 2 7 ? -2.28654  8.23232   -8.81295  1.000 14.76513 ? 7 DC B C4    1 
ATOM 257 N N4    . DC C 2 7 ? -1.54701  7.33588   -9.46621  1.000 8.57089  ? 7 DC B N4    1 
ATOM 258 C C5    . DC C 2 7 ? -3.69257  8.27215   -9.00944  1.000 13.82362 ? 7 DC B C5    1 
ATOM 259 C C6    . DC C 2 7 ? -4.38887  9.17915   -8.32612  1.000 13.90184 ? 7 DC B C6    1 
ATOM 260 P P     . DG C 2 8 ? -6.73271  14.61098  -5.83337  1.000 37.56124 ? 8 DG B P     1 
ATOM 261 O OP1   . DG C 2 8 ? -7.35424  15.07472  -4.57518  1.000 32.70843 ? 8 DG B OP1   1 
ATOM 262 O OP2   . DG C 2 8 ? -7.49975  14.53457  -7.10450  1.000 21.87255 ? 8 DG B OP2   1 
ATOM 263 O "O5'" . DG C 2 8 ? -5.42905  15.50666  -6.06827  1.000 42.64596 ? 8 DG B "O5'" 1 
ATOM 264 C "C5'" . DG C 2 8 ? -4.23981  15.22115  -5.34437  1.000 22.06287 ? 8 DG B "C5'" 1 
ATOM 265 C "C4'" . DG C 2 8 ? -3.01719  15.57622  -6.16585  1.000 27.10676 ? 8 DG B "C4'" 1 
ATOM 266 O "O4'" . DG C 2 8 ? -2.52202  14.39484  -6.83958  1.000 28.52475 ? 8 DG B "O4'" 1 
ATOM 267 C "C3'" . DG C 2 8 ? -3.25321  16.62127  -7.26314  1.000 26.94649 ? 8 DG B "C3'" 1 
ATOM 268 O "O3'" . DG C 2 8 ? -2.25090  17.62201  -7.19749  1.000 30.77793 ? 8 DG B "O3'" 1 
ATOM 269 C "C2'" . DG C 2 8 ? -3.14496  15.80962  -8.55503  1.000 21.46184 ? 8 DG B "C2'" 1 
ATOM 270 C "C1'" . DG C 2 8 ? -2.14566  14.75025  -8.14153  1.000 15.44991 ? 8 DG B "C1'" 1 
ATOM 271 N N9    . DG C 2 8 ? -2.17009  13.55677  -8.97646  1.000 21.68598 ? 8 DG B N9    1 
ATOM 272 C C8    . DG C 2 8 ? -3.25661  13.01137  -9.61163  1.000 13.87353 ? 8 DG B C8    1 
ATOM 273 N N7    . DG C 2 8 ? -2.97130  11.93633  -10.29231 1.000 16.26686 ? 8 DG B N7    1 
ATOM 274 C C5    . DG C 2 8 ? -1.60467  11.75743  -10.09078 1.000 16.56158 ? 8 DG B C5    1 
ATOM 275 C C6    . DG C 2 8 ? -0.72986  10.75272  -10.57581 1.000 12.78233 ? 8 DG B C6    1 
ATOM 276 O O6    . DG C 2 8 ? -0.99779  9.79012   -11.30255 1.000 13.02966 ? 8 DG B O6    1 
ATOM 277 N N1    . DG C 2 8 ? 0.57032   10.94576  -10.13300 1.000 18.56363 ? 8 DG B N1    1 
ATOM 278 C C2    . DG C 2 8 ? 0.98099   11.97757  -9.31818  1.000 13.93784 ? 8 DG B C2    1 
ATOM 279 N N2    . DG C 2 8 ? 2.27816   12.00290  -8.99585  1.000 19.67754 ? 8 DG B N2    1 
ATOM 280 N N3    . DG C 2 8 ? 0.17476   12.91778  -8.85477  1.000 16.30757 ? 8 DG B N3    1 
ATOM 281 C C4    . DG C 2 8 ? -1.10059  12.74353  -9.27919  1.000 15.99540 ? 8 DG B C4    1 
ATOM 282 O "O5'" . DA D 3 1 ? -0.81866  4.67499   -20.65981 1.000 26.70108 ? 1 DA C "O5'" 1 
ATOM 283 C "C5'" . DA D 3 1 ? 0.13299   4.39382   -21.68182 1.000 34.55822 ? 1 DA C "C5'" 1 
ATOM 284 C "C4'" . DA D 3 1 ? 1.28701   5.36960   -21.60662 1.000 30.84726 ? 1 DA C "C4'" 1 
ATOM 285 O "O4'" . DA D 3 1 ? 0.77233   6.70549   -21.75221 1.000 19.80904 ? 1 DA C "O4'" 1 
ATOM 286 C "C3'" . DA D 3 1 ? 2.01182   5.39782   -20.27335 1.000 27.30463 ? 1 DA C "C3'" 1 
ATOM 287 O "O3'" . DA D 3 1 ? 3.02078   4.40144   -20.23320 1.000 28.33213 ? 1 DA C "O3'" 1 
ATOM 288 C "C2'" . DA D 3 1 ? 2.62166   6.79202   -20.26843 1.000 23.18638 ? 1 DA C "C2'" 1 
ATOM 289 C "C1'" . DA D 3 1 ? 1.59467   7.60535   -21.03161 1.000 21.18643 ? 1 DA C "C1'" 1 
ATOM 290 N N9    . DA D 3 1 ? 0.74813   8.43444   -20.19226 1.000 22.35794 ? 1 DA C N9    1 
ATOM 291 C C8    . DA D 3 1 ? -0.60777  8.33580   -20.04066 1.000 17.59448 ? 1 DA C C8    1 
ATOM 292 N N7    . DA D 3 1 ? -1.11765  9.25178   -19.24661 1.000 26.29691 ? 1 DA C N7    1 
ATOM 293 C C5    . DA D 3 1 ? -0.01920  9.99822   -18.85256 1.000 15.57307 ? 1 DA C C5    1 
ATOM 294 C C6    . DA D 3 1 ? 0.10961   11.11511  -18.01317 1.000 19.10206 ? 1 DA C C6    1 
ATOM 295 N N6    . DA D 3 1 ? -0.92946  11.68847  -17.38862 1.000 17.12321 ? 1 DA C N6    1 
ATOM 296 N N1    . DA D 3 1 ? 1.35099   11.62183  -17.83281 1.000 10.84004 ? 1 DA C N1    1 
ATOM 297 C C2    . DA D 3 1 ? 2.38343   11.04421  -18.46101 1.000 13.18261 ? 1 DA C C2    1 
ATOM 298 N N3    . DA D 3 1 ? 2.38235   9.99006   -19.27988 1.000 15.36991 ? 1 DA C N3    1 
ATOM 299 C C4    . DA D 3 1 ? 1.13959   9.50939   -19.43043 1.000 15.27751 ? 1 DA C C4    1 
ATOM 300 P P     . DT D 3 2 ? 3.42710   3.72376   -18.83341 1.000 25.54207 ? 2 DT C P     1 
ATOM 301 O OP1   . DT D 3 2 ? 4.33058   2.59154   -19.13702 1.000 26.18528 ? 2 DT C OP1   1 
ATOM 302 O OP2   . DT D 3 2 ? 2.18015   3.49092   -18.07520 1.000 31.47024 ? 2 DT C OP2   1 
ATOM 303 O "O5'" . DT D 3 2 ? 4.22249   4.87259   -18.05594 1.000 18.02108 ? 2 DT C "O5'" 1 
ATOM 304 C "C5'" . DT D 3 2 ? 5.26822   5.58642   -18.70413 1.000 17.81083 ? 2 DT C "C5'" 1 
ATOM 305 C "C4'" . DT D 3 2 ? 5.90976   6.54984   -17.73677 1.000 18.96307 ? 2 DT C "C4'" 1 
ATOM 306 O "O4'" . DT D 3 2 ? 5.02803   7.67621   -17.51067 1.000 22.12092 ? 2 DT C "O4'" 1 
ATOM 307 C "C3'" . DT D 3 2 ? 6.20628   5.93636   -16.38191 1.000 20.12546 ? 2 DT C "C3'" 1 
ATOM 308 O "O3'" . DT D 3 2 ? 7.53391   6.16781   -16.03115 1.000 35.06067 ? 2 DT C "O3'" 1 
ATOM 309 C "C2'" . DT D 3 2 ? 5.23121   6.60972   -15.41198 1.000 30.84120 ? 2 DT C "C2'" 1 
ATOM 310 C "C1'" . DT D 3 2 ? 4.82592   7.88867   -16.12842 1.000 16.64003 ? 2 DT C "C1'" 1 
ATOM 311 N N1    . DT D 3 2 ? 3.38451   8.23035   -15.92540 1.000 29.24238 ? 2 DT C N1    1 
ATOM 312 C C2    . DT D 3 2 ? 3.05181   9.38108   -15.25453 1.000 15.95448 ? 2 DT C C2    1 
ATOM 313 O O2    . DT D 3 2 ? 3.87742   10.15390  -14.80853 1.000 11.50547 ? 2 DT C O2    1 
ATOM 314 N N3    . DT D 3 2 ? 1.70341   9.59942   -15.12696 1.000 9.85604  ? 2 DT C N3    1 
ATOM 315 C C4    . DT D 3 2 ? 0.67964   8.79070   -15.58547 1.000 14.41868 ? 2 DT C C4    1 
ATOM 316 O O4    . DT D 3 2 ? -0.50579  9.07321   -15.42611 1.000 21.80816 ? 2 DT C O4    1 
ATOM 317 C C5    . DT D 3 2 ? 1.09659   7.59774   -16.27453 1.000 10.25736 ? 2 DT C C5    1 
ATOM 318 C C7    . DT D 3 2 ? 0.06966   6.65201   -16.82473 1.000 13.20252 ? 2 DT C C7    1 
ATOM 319 C C6    . DT D 3 2 ? 2.41035   7.37466   -16.41148 1.000 8.70151  ? 2 DT C C6    1 
ATOM 320 P P     . DC D 3 3 ? 8.11043   5.47241   -14.71389 1.000 38.17763 ? 3 DC C P     1 
ATOM 321 O OP1   . DC D 3 3 ? 9.58020   5.33619   -14.85692 1.000 33.48925 ? 3 DC C OP1   1 
ATOM 322 O OP2   . DC D 3 3 ? 7.23391   4.29858   -14.48501 1.000 18.79290 ? 3 DC C OP2   1 
ATOM 323 O "O5'" . DC D 3 3 ? 7.79914   6.53999   -13.57216 1.000 33.42184 ? 3 DC C "O5'" 1 
ATOM 324 C "C5'" . DC D 3 3 ? 8.08616   7.91167   -13.79380 1.000 24.51829 ? 3 DC C "C5'" 1 
ATOM 325 C "C4'" . DC D 3 3 ? 8.10254   8.65474   -12.48091 1.000 37.16299 ? 3 DC C "C4'" 1 
ATOM 326 O "O4'" . DC D 3 3 ? 6.81431   9.28969   -12.26802 1.000 28.05645 ? 3 DC C "O4'" 1 
ATOM 327 C "C3'" . DC D 3 3 ? 8.35294   7.77130   -11.26786 1.000 27.78920 ? 3 DC C "C3'" 1 
ATOM 328 O "O3'" . DC D 3 3 ? 9.14515   8.46105   -10.32703 1.000 37.53876 ? 3 DC C "O3'" 1 
ATOM 329 C "C2'" . DC D 3 3 ? 6.94738   7.50210   -10.73667 1.000 29.75570 ? 3 DC C "C2'" 1 
ATOM 330 C "C1'" . DC D 3 3 ? 6.20171   8.78024   -11.10553 1.000 27.20461 ? 3 DC C "C1'" 1 
ATOM 331 N N1    . DC D 3 3 ? 4.78208   8.53452   -11.41471 1.000 26.57813 ? 3 DC C N1    1 
ATOM 332 C C2    . DC D 3 3 ? 3.80603   9.43561   -10.98204 1.000 16.05201 ? 3 DC C C2    1 
ATOM 333 O O2    . DC D 3 3 ? 4.15147   10.44357  -10.35175 1.000 19.79680 ? 3 DC C O2    1 
ATOM 334 N N3    . DC D 3 3 ? 2.50744   9.17679   -11.27492 1.000 16.58675 ? 3 DC C N3    1 
ATOM 335 C C4    . DC D 3 3 ? 2.18455   8.07679   -11.96791 1.000 13.93410 ? 3 DC C C4    1 
ATOM 336 N N4    . DC D 3 3 ? 0.89460   7.85887   -12.24084 1.000 11.37448 ? 3 DC C N4    1 
ATOM 337 C C5    . DC D 3 3 ? 3.16768   7.15452   -12.41183 1.000 8.39593  ? 3 DC C C5    1 
ATOM 338 C C6    . DC D 3 3 ? 4.43883   7.41844   -12.11489 1.000 23.42109 ? 3 DC C C6    1 
ATOM 339 P P     . DG D 3 4 ? 9.68343   7.71268   -9.01110  1.000 51.81160 ? 4 DG C P     1 
ATOM 340 O OP1   . DG D 3 4 ? 11.12106  8.04854   -8.92619  1.000 35.16639 ? 4 DG C OP1   1 
ATOM 341 O OP2   . DG D 3 4 ? 9.23562   6.29459   -9.01170  1.000 33.00378 ? 4 DG C OP2   1 
ATOM 342 O "O5'" . DG D 3 4 ? 8.93214   8.46808   -7.82195  1.000 32.64162 ? 4 DG C "O5'" 1 
ATOM 343 C "C5'" . DG D 3 4 ? 9.02078   9.88398   -7.72777  1.000 26.52361 ? 4 DG C "C5'" 1 
ATOM 344 C "C4'" . DG D 3 4 ? 8.10111   10.42034  -6.64698  1.000 19.53700 ? 4 DG C "C4'" 1 
ATOM 345 O "O4'" . DG D 3 4 ? 6.71099   10.28645  -7.04881  1.000 19.46270 ? 4 DG C "O4'" 1 
ATOM 346 C "C3'" . DG D 3 4 ? 8.20240   9.72408   -5.29971  1.000 27.34520 ? 4 DG C "C3'" 1 
ATOM 347 O "O3'" . DG D 3 4 ? 7.95964   10.67341  -4.30261  1.000 34.63344 ? 4 DG C "O3'" 1 
ATOM 348 C "C2'" . DG D 3 4 ? 7.07097   8.70310   -5.37216  1.000 23.01228 ? 4 DG C "C2'" 1 
ATOM 349 C "C1'" . DG D 3 4 ? 6.01136   9.51034   -6.09935  1.000 12.25209 ? 4 DG C "C1'" 1 
ATOM 350 N N9    . DG D 3 4 ? 5.04250   8.70008   -6.81714  1.000 15.52902 ? 4 DG C N9    1 
ATOM 351 C C8    . DG D 3 4 ? 5.29698   7.57925   -7.56668  1.000 24.08785 ? 4 DG C C8    1 
ATOM 352 N N7    . DG D 3 4 ? 4.22954   7.06667   -8.11508  1.000 17.71861 ? 4 DG C N7    1 
ATOM 353 C C5    . DG D 3 4 ? 3.20306   7.91022   -7.71250  1.000 16.85225 ? 4 DG C C5    1 
ATOM 354 C C6    . DG D 3 4 ? 1.82085   7.86020   -8.00383  1.000 14.89220 ? 4 DG C C6    1 
ATOM 355 O O6    . DG D 3 4 ? 1.21132   7.02902   -8.70130  1.000 14.35162 ? 4 DG C O6    1 
ATOM 356 N N1    . DG D 3 4 ? 1.12995   8.90447   -7.39590  1.000 11.88466 ? 4 DG C N1    1 
ATOM 357 C C2    . DG D 3 4 ? 1.70538   9.88327   -6.61317  1.000 16.56099 ? 4 DG C C2    1 
ATOM 358 N N2    . DG D 3 4 ? 0.87713   10.81443  -6.11376  1.000 14.91476 ? 4 DG C N2    1 
ATOM 359 N N3    . DG D 3 4 ? 3.00408   9.94088   -6.33244  1.000 12.62342 ? 4 DG C N3    1 
ATOM 360 C C4    . DG D 3 4 ? 3.68737   8.92439   -6.91456  1.000 16.52442 ? 4 DG C C4    1 
ATOM 361 P P     . DG D 3 5 ? 8.49902   10.45313  -2.81603  1.000 25.49651 ? 5 DG C P     1 
ATOM 362 O OP1   . DG D 3 5 ? 9.41369   11.58176  -2.52835  1.000 40.56070 ? 5 DG C OP1   1 
ATOM 363 O OP2   . DG D 3 5 ? 8.98269   9.05322   -2.69168  1.000 15.01170 ? 5 DG C OP2   1 
ATOM 364 O "O5'" . DG D 3 5 ? 7.17771   10.63484  -1.93926  1.000 21.98927 ? 5 DG C "O5'" 1 
ATOM 365 C "C5'" . DG D 3 5 ? 6.23838   11.65171  -2.28287  1.000 12.13833 ? 5 DG C "C5'" 1 
ATOM 366 C "C4'" . DG D 3 5 ? 4.88192   11.33724  -1.68244  1.000 19.30149 ? 5 DG C "C4'" 1 
ATOM 367 O "O4'" . DG D 3 5 ? 4.14108   10.52242  -2.60890  1.000 15.79689 ? 5 DG C "O4'" 1 
ATOM 368 C "C3'" . DG D 3 5 ? 4.92763   10.56138  -0.35749  1.000 20.05311 ? 5 DG C "C3'" 1 
ATOM 369 O "O3'" . DG D 3 5 ? 4.41897   11.38254  0.75383   1.000 21.77467 ? 5 DG C "O3'" 1 
ATOM 370 C "C2'" . DG D 3 5 ? 4.08166   9.29297   -0.61043  1.000 17.28226 ? 5 DG C "C2'" 1 
ATOM 371 C "C1'" . DG D 3 5 ? 3.34287   9.60322   -1.91284  1.000 18.08524 ? 5 DG C "C1'" 1 
ATOM 372 N N9    . DG D 3 5 ? 3.14356   8.44676   -2.79666  1.000 13.85132 ? 5 DG C N9    1 
ATOM 373 C C8    . DG D 3 5 ? 4.10745   7.57423   -3.23916  1.000 20.14563 ? 5 DG C C8    1 
ATOM 374 N N7    . DG D 3 5 ? 3.65075   6.65229   -4.04382  1.000 12.95251 ? 5 DG C N7    1 
ATOM 375 C C5    . DG D 3 5 ? 2.29822   6.93539   -4.15826  1.000 17.93137 ? 5 DG C C5    1 
ATOM 376 C C6    . DG D 3 5 ? 1.28819   6.27099   -4.90151  1.000 20.96383 ? 5 DG C C6    1 
ATOM 377 O O6    . DG D 3 5 ? 1.39845   5.27104   -5.63075  1.000 15.37173 ? 5 DG C O6    1 
ATOM 378 N N1    . DG D 3 5 ? 0.04479   6.87714   -4.73834  1.000 21.87194 ? 5 DG C N1    1 
ATOM 379 C C2    . DG D 3 5 ? -0.19747  7.98812   -3.95937  1.000 16.56051 ? 5 DG C C2    1 
ATOM 380 N N2    . DG D 3 5 ? -1.46385  8.42867   -3.93150  1.000 12.62716 ? 5 DG C N2    1 
ATOM 381 N N3    . DG D 3 5 ? 0.74069   8.62562   -3.25915  1.000 16.58395 ? 5 DG C N3    1 
ATOM 382 C C4    . DG D 3 5 ? 1.96384   8.04389   -3.40484  1.000 19.13676 ? 5 DG C C4    1 
ATOM 383 O "O5'" . DA E 3 1 ? -8.62532  -3.75438  2.20438   1.000 43.99049 ? 1 DA D "O5'" 1 
ATOM 384 C "C5'" . DA E 3 1 ? -8.16662  -3.46215  0.88320   1.000 51.73230 ? 1 DA D "C5'" 1 
ATOM 385 C "C4'" . DA E 3 1 ? -7.23335  -4.55104  0.36202   1.000 59.80841 ? 1 DA D "C4'" 1 
ATOM 386 O "O4'" . DA E 3 1 ? -5.85984  -4.19119  0.61441   1.000 41.94738 ? 1 DA D "O4'" 1 
ATOM 387 C "C3'" . DA E 3 1 ? -7.40639  -5.92214  0.98970   1.000 55.84608 ? 1 DA D "C3'" 1 
ATOM 388 O "O3'" . DA E 3 1 ? -7.05278  -6.92835  0.05665   1.000 51.80349 ? 1 DA D "O3'" 1 
ATOM 389 C "C2'" . DA E 3 1 ? -6.43860  -5.89807  2.17438   1.000 44.33195 ? 1 DA D "C2'" 1 
ATOM 390 C "C1'" . DA E 3 1 ? -5.39752  -4.84481  1.77645   1.000 44.25953 ? 1 DA D "C1'" 1 
ATOM 391 N N9    . DA E 3 1 ? -5.18021  -3.83501  2.80449   1.000 38.55827 ? 1 DA D N9    1 
ATOM 392 C C8    . DA E 3 1 ? -6.12766  -3.09734  3.45523   1.000 41.90113 ? 1 DA D C8    1 
ATOM 393 N N7    . DA E 3 1 ? -5.63637  -2.25800  4.33498   1.000 42.08518 ? 1 DA D N7    1 
ATOM 394 C C5    . DA E 3 1 ? -4.27539  -2.46131  4.25311   1.000 30.15736 ? 1 DA D C5    1 
ATOM 395 C C6    . DA E 3 1 ? -3.19238  -1.87856  4.92736   1.000 25.95363 ? 1 DA D C6    1 
ATOM 396 N N6    . DA E 3 1 ? -3.32655  -0.92986  5.85909   1.000 40.18619 ? 1 DA D N6    1 
ATOM 397 N N1    . DA E 3 1 ? -1.96128  -2.30729  4.60375   1.000 43.79704 ? 1 DA D N1    1 
ATOM 398 C C2    . DA E 3 1 ? -1.83717  -3.25567  3.66916   1.000 40.96910 ? 1 DA D C2    1 
ATOM 399 N N3    . DA E 3 1 ? -2.77472  -3.87677  2.96895   1.000 24.47282 ? 1 DA D N3    1 
ATOM 400 C C4    . DA E 3 1 ? -3.98066  -3.43032  3.31135   1.000 23.97738 ? 1 DA D C4    1 
ATOM 401 P P     . DT E 3 2 ? -7.21537  -8.47626  0.44984   1.000 71.12663 ? 2 DT D P     1 
ATOM 402 O OP1   . DT E 3 2 ? -7.42116  -9.22174  -0.81155  1.000 71.77728 ? 2 DT D OP1   1 
ATOM 403 O OP2   . DT E 3 2 ? -8.20537  -8.57741  1.54817   1.000 64.15825 ? 2 DT D OP2   1 
ATOM 404 O "O5'" . DT E 3 2 ? -5.78517  -8.86580  1.04352   1.000 70.82495 ? 2 DT D "O5'" 1 
ATOM 405 C "C5'" . DT E 3 2 ? -4.64872  -8.83307  0.19849   1.000 57.93555 ? 2 DT D "C5'" 1 
ATOM 406 C "C4'" . DT E 3 2 ? -3.39000  -9.17760  0.96689   1.000 43.05802 ? 2 DT D "C4'" 1 
ATOM 407 O "O4'" . DT E 3 2 ? -3.02583  -8.07959  1.83822   1.000 32.64395 ? 2 DT D "O4'" 1 
ATOM 408 C "C3'" . DT E 3 2 ? -3.48008  -10.42110 1.86013   1.000 41.58620 ? 2 DT D "C3'" 1 
ATOM 409 O "O3'" . DT E 3 2 ? -2.36523  -11.24390 1.60122   1.000 41.79406 ? 2 DT D "O3'" 1 
ATOM 410 C "C2'" . DT E 3 2 ? -3.43068  -9.84422  3.28147   1.000 43.32148 ? 2 DT D "C2'" 1 
ATOM 411 C "C1'" . DT E 3 2 ? -2.58320  -8.60545  3.06124   1.000 33.64734 ? 2 DT D "C1'" 1 
ATOM 412 N N1    . DT E 3 2 ? -2.74387  -7.55628  4.09213   1.000 32.34701 ? 2 DT D N1    1 
ATOM 413 C C2    . DT E 3 2 ? -1.62765  -7.04838  4.69464   1.000 38.95629 ? 2 DT D C2    1 
ATOM 414 O O2    . DT E 3 2 ? -0.50096  -7.43750  4.44119   1.000 32.42667 ? 2 DT D O2    1 
ATOM 415 N N3    . DT E 3 2 ? -1.87205  -6.07082  5.62125   1.000 28.01395 ? 2 DT D N3    1 
ATOM 416 C C4    . DT E 3 2 ? -3.09176  -5.55555  5.99289   1.000 35.18325 ? 2 DT D C4    1 
ATOM 417 O O4    . DT E 3 2 ? -3.20119  -4.67218  6.83903   1.000 41.09857 ? 2 DT D O4    1 
ATOM 418 C C5    . DT E 3 2 ? -4.22872  -6.12552  5.31577   1.000 38.60722 ? 2 DT D C5    1 
ATOM 419 C C7    . DT E 3 2 ? -5.61162  -5.64422  5.63605   1.000 42.80257 ? 2 DT D C7    1 
ATOM 420 C C6    . DT E 3 2 ? -4.00300  -7.08650  4.40255   1.000 45.10727 ? 2 DT D C6    1 
ATOM 421 P P     . DC E 3 3 ? -2.37261  -12.80049 1.98922   1.000 54.44375 ? 3 DC D P     1 
ATOM 422 O OP1   . DC E 3 3 ? -2.70999  -13.55320 0.75908   1.000 34.23492 ? 3 DC D OP1   1 
ATOM 423 O OP2   . DC E 3 3 ? -3.16367  -12.98457 3.23035   1.000 43.86834 ? 3 DC D OP2   1 
ATOM 424 O "O5'" . DC E 3 3 ? -0.84501  -13.07771 2.34762   1.000 46.03224 ? 3 DC D "O5'" 1 
ATOM 425 C "C5'" . DC E 3 3 ? 0.02879   -11.97725 2.55869   1.000 36.16891 ? 3 DC D "C5'" 1 
ATOM 426 C "C4'" . DC E 3 3 ? 0.89644   -12.20575 3.77728   1.000 35.78657 ? 3 DC D "C4'" 1 
ATOM 427 O "O4'" . DC E 3 3 ? 0.82602   -11.04435 4.64701   1.000 30.75446 ? 3 DC D "O4'" 1 
ATOM 428 C "C3'" . DC E 3 3 ? 0.48805   -13.39254 4.64685   1.000 41.06835 ? 3 DC D "C3'" 1 
ATOM 429 O "O3'" . DC E 3 3 ? 1.64358   -13.96363 5.22054   1.000 59.11516 ? 3 DC D "O3'" 1 
ATOM 430 C "C2'" . DC E 3 3 ? -0.37003  -12.72646 5.71232   1.000 41.37330 ? 3 DC D "C2'" 1 
ATOM 431 C "C1'" . DC E 3 3 ? 0.44086   -11.46471 5.93644   1.000 49.95189 ? 3 DC D "C1'" 1 
ATOM 432 N N1    . DC E 3 3 ? -0.30408  -10.35783 6.60911   1.000 46.97108 ? 3 DC D N1    1 
ATOM 433 C C2    . DC E 3 3 ? 0.39774   -9.47034  7.42358   1.000 34.26719 ? 3 DC D C2    1 
ATOM 434 O O2    . DC E 3 3 ? 1.61572   -9.63069  7.56037   1.000 37.16582 ? 3 DC D O2    1 
ATOM 435 N N3    . DC E 3 3 ? -0.27311  -8.46438  8.03039   1.000 31.07234 ? 3 DC D N3    1 
ATOM 436 C C4    . DC E 3 3 ? -1.58885  -8.33931  7.85140   1.000 38.42413 ? 3 DC D C4    1 
ATOM 437 N N4    . DC E 3 3 ? -2.21185  -7.33387  8.47383   1.000 34.65763 ? 3 DC D N4    1 
ATOM 438 C C5    . DC E 3 3 ? -2.32559  -9.24029  7.02518   1.000 32.67295 ? 3 DC D C5    1 
ATOM 439 C C6    . DC E 3 3 ? -1.64962  -10.22461 6.42864   1.000 35.90051 ? 3 DC D C6    1 
ATOM 440 P P     . DG E 3 4 ? 1.79578   -15.55645 5.34353   1.000 60.92646 ? 4 DG D P     1 
ATOM 441 O OP1   . DG E 3 4 ? 1.97587   -16.10679 3.97831   1.000 41.85985 ? 4 DG D OP1   1 
ATOM 442 O OP2   . DG E 3 4 ? 0.69863   -16.04644 6.21111   1.000 48.88007 ? 4 DG D OP2   1 
ATOM 443 O "O5'" . DG E 3 4 ? 3.17163   -15.72812 6.13249   1.000 50.26701 ? 4 DG D "O5'" 1 
ATOM 444 C "C5'" . DG E 3 4 ? 4.12951   -14.67843 6.12342   1.000 38.61202 ? 4 DG D "C5'" 1 
ATOM 445 C "C4'" . DG E 3 4 ? 4.59843   -14.37859 7.53365   1.000 60.41220 ? 4 DG D "C4'" 1 
ATOM 446 O "O4'" . DG E 3 4 ? 3.82430   -13.28046 8.08287   1.000 63.75698 ? 4 DG D "O4'" 1 
ATOM 447 C "C3'" . DG E 3 4 ? 4.44735   -15.53562 8.51644   1.000 48.16097 ? 4 DG D "C3'" 1 
ATOM 448 O "O3'" . DG E 3 4 ? 5.58106   -15.59424 9.36048   1.000 46.23958 ? 4 DG D "O3'" 1 
ATOM 449 C "C2'" . DG E 3 4 ? 3.17944   -15.17199 9.29053   1.000 54.46543 ? 4 DG D "C2'" 1 
ATOM 450 C "C1'" . DG E 3 4 ? 3.26950   -13.65765 9.32320   1.000 40.95525 ? 4 DG D "C1'" 1 
ATOM 451 N N9    . DG E 3 4 ? 1.97865   -12.99841 9.45259   1.000 31.36673 ? 4 DG D N9    1 
ATOM 452 C C8    . DG E 3 4 ? 0.80737   -13.34076 8.82039   1.000 59.03250 ? 4 DG D C8    1 
ATOM 453 N N7    . DG E 3 4 ? -0.19283  -12.55331 9.11297   1.000 53.77319 ? 4 DG D N7    1 
ATOM 454 C C5    . DG E 3 4 ? 0.35289   -11.62738 9.99244   1.000 42.19383 ? 4 DG D C5    1 
ATOM 455 C C6    . DG E 3 4 ? -0.24999  -10.52980 10.64988  1.000 35.39956 ? 4 DG D C6    1 
ATOM 456 O O6    . DG E 3 4 ? -1.42692  -10.14102 10.58477  1.000 32.78735 ? 4 DG D O6    1 
ATOM 457 N N1    . DG E 3 4 ? 0.65906   -9.85353  11.45262  1.000 31.51756 ? 4 DG D N1    1 
ATOM 458 C C2    . DG E 3 4 ? 1.98369   -10.18696 11.60756  1.000 36.37218 ? 4 DG D C2    1 
ATOM 459 N N2    . DG E 3 4 ? 2.70206   -9.40378  12.43274  1.000 23.48136 ? 4 DG D N2    1 
ATOM 460 N N3    . DG E 3 4 ? 2.56476   -11.21265 10.99688  1.000 41.26546 ? 4 DG D N3    1 
ATOM 461 C C4    . DG E 3 4 ? 1.69111   -11.88625 10.20793  1.000 41.73042 ? 4 DG D C4    1 
ATOM 462 P P     . DG E 3 5 ? 5.81325   -16.85595 10.33031  1.000 71.37178 ? 5 DG D P     1 
ATOM 463 O OP1   . DG E 3 5 ? 7.23924   -17.23514 10.21946  1.000 72.45798 ? 5 DG D OP1   1 
ATOM 464 O OP2   . DG E 3 5 ? 4.75784   -17.86417 10.08088  1.000 69.30582 ? 5 DG D OP2   1 
ATOM 465 O "O5'" . DG E 3 5 ? 5.56758   -16.25241 11.78272  1.000 47.42511 ? 5 DG D "O5'" 1 
ATOM 466 C "C5'" . DG E 3 5 ? 6.33735   -15.14805 12.21209  1.000 59.67436 ? 5 DG D "C5'" 1 
ATOM 467 C "C4'" . DG E 3 5 ? 5.63249   -14.40849 13.32624  1.000 50.09697 ? 5 DG D "C4'" 1 
ATOM 468 O "O4'" . DG E 3 5 ? 4.39547   -13.86998 12.83839  1.000 37.03957 ? 5 DG D "O4'" 1 
ATOM 469 C "C3'" . DG E 3 5 ? 5.23810   -15.27234 14.51879  1.000 47.09741 ? 5 DG D "C3'" 1 
ATOM 470 O "O3'" . DG E 3 5 ? 6.18420   -15.11311 15.57033  1.000 63.41785 ? 5 DG D "O3'" 1 
ATOM 471 C "C2'" . DG E 3 5 ? 3.84694   -14.74755 14.92249  1.000 59.89403 ? 5 DG D "C2'" 1 
ATOM 472 C "C1'" . DG E 3 5 ? 3.60412   -13.59333 13.95229  1.000 37.85601 ? 5 DG D "C1'" 1 
ATOM 473 N N9    . DG E 3 5 ? 2.21177   -13.46096 13.53205  1.000 41.64376 ? 5 DG D N9    1 
ATOM 474 C C8    . DG E 3 5 ? 1.51738   -14.28130 12.67004  1.000 40.52362 ? 5 DG D C8    1 
ATOM 475 N N7    . DG E 3 5 ? 0.27494   -13.91412 12.49084  1.000 35.68701 ? 5 DG D N7    1 
ATOM 476 C C5    . DG E 3 5 ? 0.13743   -12.77758 13.28729  1.000 43.25731 ? 5 DG D C5    1 
ATOM 477 C C6    . DG E 3 5 ? -0.98802  -11.93945 13.50304  1.000 33.15182 ? 5 DG D C6    1 
ATOM 478 O O6    . DG E 3 5 ? -2.11983  -12.03604 13.01425  1.000 45.01544 ? 5 DG D O6    1 
ATOM 479 N N1    . DG E 3 5 ? -0.70022  -10.90103 14.38405  1.000 26.09194 ? 5 DG D N1    1 
ATOM 480 C C2    . DG E 3 5 ? 0.52182   -10.69375 14.98217  1.000 40.00452 ? 5 DG D C2    1 
ATOM 481 N N2    . DG E 3 5 ? 0.61694   -9.63561  15.80250  1.000 34.07055 ? 5 DG D N2    1 
ATOM 482 N N3    . DG E 3 5 ? 1.58525   -11.47057 14.78870  1.000 36.74676 ? 5 DG D N3    1 
ATOM 483 C C4    . DG E 3 5 ? 1.32026   -12.48832 13.93296  1.000 42.73727 ? 5 DG D C4    1 
# 
loop_
_atom_site_anisotrop.id 
_atom_site_anisotrop.type_symbol 
_atom_site_anisotrop.pdbx_label_atom_id 
_atom_site_anisotrop.pdbx_label_alt_id 
_atom_site_anisotrop.pdbx_label_comp_id 
_atom_site_anisotrop.pdbx_label_asym_id 
_atom_site_anisotrop.pdbx_label_seq_id 
_atom_site_anisotrop.pdbx_PDB_ins_code 
_atom_site_anisotrop.U[1][1] 
_atom_site_anisotrop.U[2][2] 
_atom_site_anisotrop.U[3][3] 
_atom_site_anisotrop.U[1][2] 
_atom_site_anisotrop.U[1][3] 
_atom_site_anisotrop.U[2][3] 
_atom_site_anisotrop.pdbx_auth_seq_id 
_atom_site_anisotrop.pdbx_auth_comp_id 
_atom_site_anisotrop.pdbx_auth_asym_id 
_atom_site_anisotrop.pdbx_auth_atom_id 
1   P P     . DC A 1 ? 0.91435 0.76738 0.91768 -0.17280 0.15272  0.04860  1 DC E P     
2   O OP1   . DC A 1 ? 0.72864 0.55594 0.71059 -0.18305 0.17866  0.03170  1 DC E OP1   
3   O OP2   . DC A 1 ? 0.70184 0.57696 0.74148 -0.15491 0.14487  0.04548  1 DC E OP2   
4   O "O5'" . DC A 1 ? 0.67139 0.54442 0.65509 -0.17712 0.13832  0.05746  1 DC E "O5'" 
5   C "C5'" . DC A 1 ? 0.79873 0.65382 0.74583 -0.19178 0.13791  0.06467  1 DC E "C5'" 
6   C "C4'" . DC A 1 ? 0.68404 0.56242 0.62672 -0.18791 0.11963  0.07759  1 DC E "C4'" 
7   O "O4'" . DC A 1 ? 0.81103 0.69128 0.77730 -0.17651 0.10604  0.09460  1 DC E "O4'" 
8   C "C3'" . DC A 1 ? 0.79050 0.70564 0.75024 -0.17743 0.11315  0.07248  1 DC E "C3'" 
9   O "O3'" . DC A 1 ? 0.66400 0.58972 0.59276 -0.18585 0.10611  0.07325  1 DC E "O3'" 
10  C "C2'" . DC A 1 ? 0.68139 0.61730 0.68273 -0.15813 0.09977  0.08514  1 DC E "C2'" 
11  C "C1'" . DC A 1 ? 0.73663 0.64961 0.72566 -0.16105 0.09488  0.09915  1 DC E "C1'" 
12  N N1    . DC A 1 ? 0.52104 0.43506 0.54810 -0.14537 0.08594  0.11017  1 DC E N1    
13  C C2    . DC A 1 ? 0.49367 0.40011 0.50799 -0.13556 0.08108  0.11557  1 DC E C2    
14  O O2    . DC A 1 ? 0.53040 0.44132 0.50363 -0.14314 0.07363  0.11793  1 DC E O2    
15  N N3    . DC A 1 ? 0.46877 0.35926 0.49567 -0.12072 0.07865  0.11148  1 DC E N3    
16  C C4    . DC A 1 ? 0.47921 0.37404 0.54927 -0.10968 0.07950  0.10471  1 DC E C4    
17  N N4    . DC A 1 ? 0.51323 0.35972 0.51068 -0.12278 0.07124  0.08359  1 DC E N4    
18  C C5    . DC A 1 ? 0.43655 0.35176 0.49874 -0.13656 0.05823  0.11113  1 DC E C5    
19  C C6    . DC A 1 ? 0.49387 0.40897 0.54555 -0.14504 0.07936  0.10831  1 DC E C6    
20  P P     . DC A 2 ? 0.70646 0.66028 0.63276 -0.18561 0.10343  0.06164  2 DC E P     
21  O OP1   . DC A 2 ? 0.77254 0.70819 0.65601 -0.20732 0.11091  0.05067  2 DC E OP1   
22  O OP2   . DC A 2 ? 0.63140 0.59793 0.59546 -0.17015 0.10738  0.05501  2 DC E OP2   
23  O "O5'" . DC A 2 ? 0.62980 0.61557 0.55635 -0.17830 0.08397  0.07231  2 DC E "O5'" 
24  C "C5'" . DC A 2 ? 0.73069 0.71049 0.62817 -0.18717 0.07324  0.08408  2 DC E "C5'" 
25  C "C4'" . DC A 2 ? 0.59401 0.60857 0.50101 -0.17463 0.05410  0.09371  2 DC E "C4'" 
26  O "O4'" . DC A 2 ? 0.67509 0.67581 0.59909 -0.16042 0.05302  0.10395  2 DC E "O4'" 
27  C "C3'" . DC A 2 ? 0.56213 0.61497 0.49471 -0.16261 0.04866  0.08535  2 DC E "C3'" 
28  O "O3'" . DC A 2 ? 0.68374 0.76622 0.59776 -0.17384 0.03651  0.08201  2 DC E "O3'" 
29  C "C2'" . DC A 2 ? 0.64379 0.71841 0.59744 -0.14397 0.03529  0.09502  2 DC E "C2'" 
30  C "C1'" . DC A 2 ? 0.64436 0.67922 0.59195 -0.14321 0.04085  0.10530  2 DC E "C1'" 
31  N N1    . DC A 2 ? 0.49029 0.50661 0.47066 -0.12929 0.05078  0.10200  2 DC E N1    
32  C C2    . DC A 2 ? 0.57333 0.57063 0.57847 -0.12920 0.07058  0.09233  2 DC E C2    
33  O O2    . DC A 2 ? 0.65552 0.65197 0.64994 -0.14063 0.07740  0.08692  2 DC E O2    
34  N N3    . DC A 2 ? 0.65202 0.63416 0.69078 -0.11736 0.07892  0.08909  2 DC E N3    
35  C C4    . DC A 2 ? 0.50873 0.48734 0.54135 -0.11098 0.06687  0.08965  2 DC E C4    
36  N N4    . DC A 2 ? 0.47888 0.43960 0.52069 -0.10903 0.06838  0.07866  2 DC E N4    
37  C C5    . DC A 2 ? 0.39428 0.39545 0.40582 -0.10750 0.04294  0.10524  2 DC E C5    
38  C C6    . DC A 2 ? 0.39635 0.41636 0.38347 -0.11633 0.03747  0.11062  2 DC E C6    
39  P P     . DG A 3 ? 0.84798 0.96902 0.77917 -0.16565 0.02870  0.07250  3 DG E P     
40  O OP1   . DG A 3 ? 0.91625 1.05279 0.82270 -0.18443 0.02132  0.06723  3 DG E OP1   
41  O OP2   . DG A 3 ? 0.42405 0.52288 0.37841 -0.15449 0.04601  0.06273  3 DG E OP2   
42  O "O5'" . DG A 3 ? 0.57262 0.74054 0.52439 -0.14765 0.00679  0.08414  3 DG E "O5'" 
43  C "C5'" . DG A 3 ? 0.40958 0.60392 0.35439 -0.15115 -0.00985 0.09817  3 DG E "C5'" 
44  C "C4'" . DG A 3 ? 0.38839 0.61941 0.36202 -0.12815 -0.02378 0.10914  3 DG E "C4'" 
45  O "O4'" . DG A 3 ? 0.41923 0.61044 0.40005 -0.11739 -0.01179 0.11025  3 DG E "O4'" 
46  C "C3'" . DG A 3 ? 0.27528 0.55507 0.27228 -0.10982 -0.03672 0.10526  3 DG E "C3'" 
47  O "O3'" . DG A 3 ? 0.40407 0.69668 0.42126 -0.08682 -0.03394 0.10705  3 DG E "O3'" 
48  C "C2'" . DG A 3 ? 0.30774 0.55657 0.31259 -0.09574 -0.02588 0.10010  3 DG E "C2'" 
49  C "C1'" . DG A 3 ? 0.43352 0.64811 0.44152 -0.09635 -0.01709 0.10752  3 DG E "C1'" 
50  N N9    . DG A 3 ? 0.37982 0.54648 0.39776 -0.09436 0.00211  0.09885  3 DG E N9    
51  C C8    . DG A 3 ? 0.32320 0.45437 0.33936 -0.10467 0.02282  0.08468  3 DG E C8    
52  N N7    . DG A 3 ? 0.43519 0.53459 0.47182 -0.09887 0.03741  0.07881  3 DG E N7    
53  C C5    . DG A 3 ? 0.34389 0.45566 0.39258 -0.08570 0.02338  0.08902  3 DG E C5    
54  C C6    . DG A 3 ? 0.37644 0.46789 0.44701 -0.07678 0.02567  0.08769  3 DG E C6    
55  O O6    . DG A 3 ? 0.55170 0.61237 0.63235 -0.08066 0.04085  0.07487  3 DG E O6    
56  N N1    . DG A 3 ? 0.22471 0.33897 0.30448 -0.06209 0.00599  0.10336  3 DG E N1    
57  C C2    . DG A 3 ? 0.23157 0.40754 0.30720 -0.05835 -0.01749 0.13071  3 DG E C2    
58  N N2    . DG A 3 ? 0.18355 0.39959 0.28548 -0.04507 -0.03139 0.15766  3 DG E N2    
59  N N3    . DG A 3 ? 0.31970 0.51170 0.37109 -0.06706 -0.01748 0.12352  3 DG E N3    
60  C C4    . DG A 3 ? 0.35655 0.51002 0.39486 -0.08077 0.00272  0.10273  3 DG E C4    
61  P P     . DC B 1 ? 0.42563 0.61085 0.43809 -0.04735 0.00223  0.02742  1 DC A P     
62  O OP1   . DC B 1 ? 0.17018 0.38278 0.16183 -0.05729 -0.00703 0.03132  1 DC A OP1   
63  O OP2   . DC B 1 ? 0.69435 0.86962 0.71765 -0.03384 0.00202  0.03491  1 DC A OP2   
64  O "O5'" . DC B 1 ? 0.36848 0.55788 0.36897 -0.04874 -0.00058 0.02068  1 DC A "O5'" 
65  C "C5'" . DC B 1 ? 0.28344 0.45101 0.29831 -0.05684 0.01259  0.00789  1 DC A "C5'" 
66  C "C4'" . DC B 1 ? 0.23320 0.37059 0.27612 -0.04802 0.02381  0.00439  1 DC A "C4'" 
67  O "O4'" . DC B 1 ? 0.18962 0.33540 0.22372 -0.03782 0.01367  0.01092  1 DC A "O4'" 
68  C "C3'" . DC B 1 ? 0.26247 0.37258 0.34042 -0.04369 0.03796  0.00708  1 DC A "C3'" 
69  O "O3'" . DC B 1 ? 0.16206 0.25897 0.24533 -0.04981 0.04756  0.00189  1 DC A "O3'" 
70  C "C2'" . DC B 1 ? 0.10342 0.19912 0.19986 -0.03116 0.03671  0.01170  1 DC A "C2'" 
71  C "C1'" . DC B 1 ? 0.16281 0.28088 0.22808 -0.03002 0.02286  0.01031  1 DC A "C1'" 
72  N N1    . DC B 1 ? 0.22044 0.34933 0.27376 -0.02227 0.01335  0.01939  1 DC A N1    
73  C C2    . DC B 1 ? 0.20737 0.31512 0.28296 -0.01629 0.01771  0.01694  1 DC A C2    
74  O O2    . DC B 1 ? 0.15910 0.25150 0.24894 -0.01975 0.02486  0.00479  1 DC A O2    
75  N N3    . DC B 1 ? 0.14302 0.26064 0.20594 -0.00973 0.01060  0.02610  1 DC A N3    
76  C C4    . DC B 1 ? 0.14424 0.29233 0.17300 -0.00782 0.00223  0.03623  1 DC A C4    
77  N N4    . DC B 1 ? 0.12247 0.28041 0.14083 -0.00098 0.00082  0.04177  1 DC A N4    
78  C C5    . DC B 1 ? 0.21826 0.38751 0.22473 -0.01327 -0.00306 0.03727  1 DC A C5    
79  C C6    . DC B 1 ? 0.23842 0.39985 0.25629 -0.02135 0.00074  0.02922  1 DC A C6    
80  P P     . DC B 2 ? 0.51564 0.59829 0.60305 -0.05658 0.05791  -0.00215 2 DC A P     
81  O OP1   . DC B 2 ? 0.69217 0.75236 0.77392 -0.06420 0.07169  -0.02008 2 DC A OP1   
82  O OP2   . DC B 2 ? 0.33369 0.43218 0.41654 -0.06058 0.05473  0.00696  2 DC A OP2   
83  O "O5'" . DC B 2 ? 0.32249 0.38337 0.42586 -0.04569 0.05943  -0.00448 2 DC A "O5'" 
84  C "C5'" . DC B 2 ? 0.38730 0.42054 0.50298 -0.03423 0.06275  -0.01382 2 DC A "C5'" 
85  C "C4'" . DC B 2 ? 0.33432 0.33783 0.47299 -0.01970 0.06591  -0.01441 2 DC A "C4'" 
86  O "O4'" . DC B 2 ? 0.23750 0.25315 0.37307 -0.01477 0.05193  -0.00254 2 DC A "O4'" 
87  C "C3'" . DC B 2 ? 0.39105 0.38659 0.53840 -0.02131 0.07538  -0.01559 2 DC A "C3'" 
88  O "O3'" . DC B 2 ? 0.56846 0.53614 0.73964 -0.00739 0.08237  -0.01997 2 DC A "O3'" 
89  C "C2'" . DC B 2 ? 0.50520 0.52693 0.64310 -0.02488 0.06208  -0.00116 2 DC A "C2'" 
90  C "C1'" . DC B 2 ? 0.31279 0.33442 0.45146 -0.01504 0.05006  0.00447  2 DC A "C1'" 
91  N N1    . DC B 2 ? 0.36887 0.43049 0.48660 -0.02184 0.03752  0.01411  2 DC A N1    
92  C C2    . DC B 2 ? 0.38528 0.44270 0.50552 -0.01277 0.02940  0.02105  2 DC A C2    
93  O O2    . DC B 2 ? 0.21926 0.23890 0.35894 -0.00194 0.03060  0.02194  2 DC A O2    
94  N N3    . DC B 2 ? 0.20787 0.29582 0.31206 -0.01472 0.02242  0.02410  2 DC A N3    
95  C C4    . DC B 2 ? 0.19602 0.30464 0.28760 -0.02045 0.02209  0.02429  2 DC A C4    
96  N N4    . DC B 2 ? 0.29220 0.42635 0.35701 -0.01555 0.01027  0.03808  2 DC A N4    
97  C C5    . DC B 2 ? 0.23617 0.34099 0.33268 -0.03091 0.03267  0.01456  2 DC A C5    
98  C C6    . DC B 2 ? 0.36613 0.46490 0.46242 -0.03676 0.03627  0.01166  2 DC A C6    
99  P P     . DG B 3 ? 0.33492 0.29435 0.51708 -0.00906 0.09638  -0.02377 3 DG A P     
100 O OP1   . DG B 3 ? 0.78028 0.73346 0.96368 -0.00872 0.10191  -0.02894 3 DG A OP1   
101 O OP2   . DG B 3 ? 0.36084 0.33413 0.52496 -0.02548 0.10065  -0.02266 3 DG A OP2   
102 O "O5'" . DG B 3 ? 0.31006 0.27566 0.49848 -0.00143 0.08279  -0.01188 3 DG A "O5'" 
103 C "C5'" . DG B 3 ? 0.35781 0.32704 0.53655 0.00434  0.06680  -0.00698 3 DG A "C5'" 
104 C "C4'" . DG B 3 ? 0.48861 0.46253 0.66537 0.00791  0.05549  0.00056  3 DG A "C4'" 
105 O "O4'" . DG B 3 ? 0.36748 0.34687 0.53547 0.00697  0.04704  0.00658  3 DG A "O4'" 
106 C "C3'" . DG B 3 ? 0.31476 0.28789 0.51219 0.00755  0.06549  0.00149  3 DG A "C3'" 
107 O "O3'" . DG B 3 ? 0.35214 0.33205 0.62032 0.00260  0.07677  0.00977  3 DG A "O3'" 
108 C "C2'" . DG B 3 ? 0.36616 0.34307 0.56673 0.00536  0.06598  0.00704  3 DG A "C2'" 
109 C "C1'" . DG B 3 ? 0.31515 0.29804 0.49502 0.00688  0.04860  0.01242  3 DG A "C1'" 
110 N N9    . DG B 3 ? 0.39115 0.38042 0.57521 0.00505  0.04920  0.01943  3 DG A N9    
111 C C8    . DG B 3 ? 0.30426 0.31496 0.46880 -0.01090 0.05492  0.01556  3 DG A C8    
112 N N7    . DG B 3 ? 0.21771 0.26126 0.35909 -0.02102 0.04492  0.02257  3 DG A N7    
113 C C5    . DG B 3 ? 0.32564 0.36596 0.47157 -0.01018 0.03404  0.03131  3 DG A C5    
114 C C6    . DG B 3 ? 0.31254 0.38020 0.44156 -0.01136 0.02384  0.03865  3 DG A C6    
115 O O6    . DG B 3 ? 0.18350 0.28046 0.29513 -0.01785 0.02174  0.03836  3 DG A O6    
116 N N1    . DG B 3 ? 0.27678 0.32841 0.41306 -0.00224 0.01749  0.04580  3 DG A N1    
117 C C2    . DG B 3 ? 0.35211 0.36224 0.50969 0.00535  0.01870  0.04504  3 DG A C2    
118 N N2    . DG B 3 ? 0.26278 0.27114 0.41366 0.00391  0.01241  0.04375  3 DG A N2    
119 N N3    . DG B 3 ? 0.33359 0.33187 0.49392 0.00632  0.02522  0.03215  3 DG A N3    
120 C C4    . DG B 3 ? 0.30309 0.30583 0.47455 0.00417  0.03576  0.03074  3 DG A C4    
121 O "O5'" . DA C 1 ? 0.43212 0.66927 0.44712 -0.03469 -0.01566 0.09630  1 DA B "O5'" 
122 C "C5'" . DA C 1 ? 0.31778 0.60388 0.35582 -0.03156 -0.00732 0.11106  1 DA B "C5'" 
123 C "C4'" . DA C 1 ? 0.25716 0.55529 0.30384 -0.01411 -0.00555 0.11900  1 DA B "C4'" 
124 O "O4'" . DA C 1 ? 0.17679 0.42904 0.22804 -0.02071 -0.00876 0.11706  1 DA B "O4'" 
125 C "C3'" . DA C 1 ? 0.25472 0.55747 0.29265 0.00162  0.00110  0.10805  1 DA B "C3'" 
126 O "O3'" . DA C 1 ? 0.15731 0.45011 0.20919 0.02657  -0.01271 0.09720  1 DA B "O3'" 
127 C "C2'" . DA C 1 ? 0.30291 0.55396 0.33400 -0.00730 -0.00086 0.09725  1 DA B "C2'" 
128 C "C1'" . DA C 1 ? 0.21352 0.44565 0.25889 -0.01378 -0.00551 0.10715  1 DA B "C1'" 
129 N N9    . DA C 1 ? 0.37769 0.58498 0.42337 -0.02431 -0.01250 0.10416  1 DA B N9    
130 C C8    . DA C 1 ? 0.37177 0.59075 0.40825 -0.03776 -0.01735 0.09984  1 DA B C8    
131 N N7    . DA C 1 ? 0.32210 0.51473 0.37381 -0.04991 -0.00567 0.08818  1 DA B N7    
132 C C5    . DA C 1 ? 0.32964 0.49695 0.40454 -0.04150 0.00035  0.08715  1 DA B C5    
133 C C6    . DA C 1 ? 0.36815 0.49841 0.46387 -0.04669 0.01617  0.07382  1 DA B C6    
134 N N6    . DA C 1 ? 0.32296 0.43081 0.41649 -0.06145 0.03489  0.05852  1 DA B N6    
135 N N1    . DA C 1 ? 0.47506 0.59169 0.59058 -0.03547 0.01231  0.07752  1 DA B N1    
136 C C2    . DA C 1 ? 0.29173 0.42427 0.40683 -0.02149 -0.00133 0.09158  1 DA B C2    
137 N N3    . DA C 1 ? 0.16982 0.33342 0.26232 -0.01683 -0.00787 0.10169  1 DA B N3    
138 C C4    . DA C 1 ? 0.27270 0.45433 0.34414 -0.02587 -0.00948 0.10161  1 DA B C4    
139 P P     . DT C 2 ? 0.23585 0.54505 0.28029 0.04639  -0.00990 0.08558  2 DT B P     
140 O OP1   . DT C 2 ? 0.25114 0.57601 0.29518 0.06692  -0.02406 0.08290  2 DT B OP1   
141 O OP2   . DT C 2 ? 0.19589 0.52340 0.21668 0.03375  0.00914  0.08955  2 DT B OP2   
142 O "O5'" . DT C 2 ? 0.30734 0.57938 0.36646 0.05594  -0.01939 0.07406  2 DT B "O5'" 
143 C "C5'" . DT C 2 ? 0.22719 0.46820 0.29995 0.04148  -0.01821 0.07640  2 DT B "C5'" 
144 C "C4'" . DT C 2 ? 0.22379 0.43755 0.31348 0.05226  -0.02696 0.06312  2 DT B "C4'" 
145 O "O4'" . DT C 2 ? 0.32828 0.51464 0.43376 0.03701  -0.02162 0.06458  2 DT B "O4'" 
146 C "C3'" . DT C 2 ? 0.23415 0.46005 0.31207 0.05848  -0.02013 0.05522  2 DT B "C3'" 
147 O "O3'" . DT C 2 ? 0.16461 0.37042 0.25747 0.07195  -0.03294 0.04358  2 DT B "O3'" 
148 C "C2'" . DT C 2 ? 0.28283 0.49800 0.35543 0.03901  -0.00739 0.06043  2 DT B "C2'" 
149 C "C1'" . DT C 2 ? 0.25210 0.43570 0.35038 0.02954  -0.01091 0.06249  2 DT B "C1'" 
150 N N1    . DT C 2 ? 0.26862 0.44038 0.35794 0.01125  -0.00219 0.07421  2 DT B N1    
151 C C2    . DT C 2 ? 0.33158 0.46902 0.44108 0.00407  -0.00045 0.07278  2 DT B C2    
152 O O2    . DT C 2 ? 0.25825 0.37541 0.38869 0.00740  -0.00266 0.06684  2 DT B O2    
153 N N3    . DT C 2 ? 0.22014 0.34940 0.32494 -0.00518 0.00293  0.07464  2 DT B N3    
154 C C4    . DT C 2 ? 0.28959 0.44143 0.37168 -0.01092 0.00140  0.07756  2 DT B C4    
155 O O4    . DT C 2 ? 0.29633 0.44188 0.38293 -0.02121 0.00644  0.06899  2 DT B O4    
156 C C5    . DT C 2 ? 0.32615 0.51071 0.37820 -0.00579 -0.00202 0.08707  2 DT B C5    
157 C C7    . DT C 2 ? 0.17968 0.38117 0.20953 -0.01191 -0.00539 0.08345  2 DT B C7    
158 C C6    . DT C 2 ? 0.25426 0.44781 0.31311 0.00504  0.00043  0.08406  2 DT B C6    
159 P P     . DC C 3 ? 0.33411 0.55286 0.41238 0.08333  -0.02985 0.03399  3 DC B P     
160 O OP1   . DC C 3 ? 0.22555 0.44539 0.30087 0.10547  -0.04355 0.02797  3 DC B OP1   
161 O OP2   . DC C 3 ? 0.30859 0.55635 0.35942 0.07606  -0.01343 0.03842  3 DC B OP2   
162 O "O5'" . DC C 3 ? 0.48611 0.67472 0.58629 0.07458  -0.03188 0.02799  3 DC B "O5'" 
163 C "C5'" . DC C 3 ? 0.12905 0.28611 0.26027 0.06849  -0.04162 0.02659  3 DC B "C5'" 
164 C "C4'" . DC C 3 ? 0.24510 0.38419 0.38923 0.05765  -0.03685 0.01750  3 DC B "C4'" 
165 O "O4'" . DC C 3 ? 0.21257 0.34993 0.34817 0.04010  -0.02094 0.02788  3 DC B "O4'" 
166 C "C3'" . DC C 3 ? 0.37446 0.52240 0.50838 0.05713  -0.03021 0.01726  3 DC B "C3'" 
167 O "O3'" . DC C 3 ? 0.55042 0.67153 0.70125 0.05296  -0.03482 0.00692  3 DC B "O3'" 
168 C "C2'" . DC C 3 ? 0.32612 0.48332 0.43864 0.04344  -0.01502 0.02529  3 DC B "C2'" 
169 C "C1'" . DC C 3 ? 0.23794 0.37403 0.36450 0.03161  -0.01190 0.02890  3 DC B "C1'" 
170 N N1    . DC C 3 ? 0.23749 0.37426 0.34765 0.01917  -0.00204 0.04310  3 DC B N1    
171 C C2    . DC C 3 ? 0.29459 0.40122 0.41325 0.00851  0.00306  0.04806  3 DC B C2    
172 O O2    . DC C 3 ? 0.22200 0.29656 0.35887 0.00645  0.00325  0.04750  3 DC B O2    
173 N N3    . DC C 3 ? 0.23346 0.34252 0.34059 0.00259  0.00631  0.05341  3 DC B N3    
174 C C4    . DC C 3 ? 0.18732 0.32608 0.26882 0.00287  0.00459  0.05936  3 DC B C4    
175 N N4    . DC C 3 ? 0.36347 0.50682 0.43530 -0.00420 0.00458  0.06106  3 DC B N4    
176 C C5    . DC C 3 ? 0.33420 0.50183 0.39802 0.01149  0.00319  0.06100  3 DC B C5    
177 C C6    . DC C 3 ? 0.26249 0.42757 0.34444 0.02088  0.00026  0.05120  3 DC B C6    
178 P P     . DG C 4 ? 0.36254 0.49609 0.51162 0.06082  -0.03386 0.01296  4 DG B P     
179 O OP1   . DG C 4 ? 0.60644 0.74302 0.74647 0.07867  -0.04387 0.00960  4 DG B OP1   
180 O OP2   . DG C 4 ? 0.17142 0.32732 0.28423 0.06193  -0.02505 0.00743  4 DG B OP2   
181 O "O5'" . DG C 4 ? 0.37952 0.50722 0.51203 0.05540  -0.02328 0.01576  4 DG B "O5'" 
182 C "C5'" . DG C 4 ? 0.26816 0.36050 0.42074 0.04380  -0.02831 0.00716  4 DG B "C5'" 
183 C "C4'" . DG C 4 ? 0.21769 0.27277 0.38364 0.01977  -0.01870 0.01112  4 DG B "C4'" 
184 O "O4'" . DG C 4 ? 0.34640 0.40929 0.50112 0.01593  -0.00978 0.02021  4 DG B "O4'" 
185 C "C3'" . DG C 4 ? 0.17951 0.23291 0.33972 0.01840  -0.01702 0.00586  4 DG B "C3'" 
186 O "O3'" . DG C 4 ? 0.44070 0.44178 0.62584 0.00034  -0.01637 0.00522  4 DG B "O3'" 
187 C "C2'" . DG C 4 ? 0.24779 0.31962 0.38861 0.01795  -0.00841 0.01113  4 DG B "C2'" 
188 C "C1'" . DG C 4 ? 0.33153 0.38690 0.47742 0.01056  -0.00350 0.02156  4 DG B "C1'" 
189 N N9    . DG C 4 ? 0.27526 0.36180 0.40150 0.01337  -0.00019 0.02341  4 DG B N9    
190 C C8    . DG C 4 ? 0.24480 0.36525 0.36071 0.02215  -0.00373 0.01811  4 DG B C8    
191 N N7    . DG C 4 ? 0.42502 0.55522 0.52048 0.01760  0.00131  0.02950  4 DG B N7    
192 C C5    . DG C 4 ? 0.21013 0.31563 0.31303 0.00857  0.00524  0.03202  4 DG B C5    
193 C C6    . DG C 4 ? 0.20261 0.30834 0.29565 0.00306  0.00803  0.03695  4 DG B C6    
194 O O6    . DG C 4 ? 0.44675 0.57600 0.51590 0.00237  0.00628  0.04356  4 DG B O6    
195 N N1    . DG C 4 ? 0.24811 0.32315 0.35680 -0.00037 0.01204  0.03496  4 DG B N1    
196 C C2    . DG C 4 ? 0.30346 0.33653 0.43201 0.00218  0.01311  0.03608  4 DG B C2    
197 N N2    . DG C 4 ? 0.37994 0.38293 0.51937 0.00414  0.01809  0.03091  4 DG B N2    
198 N N3    . DG C 4 ? 0.18663 0.21266 0.32216 0.00277  0.00963  0.03576  4 DG B N3    
199 C C4    . DG C 4 ? 0.25302 0.32517 0.37440 0.00653  0.00557  0.03150  4 DG B C4    
200 P P     . DG C 5 ? 0.28179 0.27827 0.46064 -0.00033 -0.01796 -0.00277 5 DG B P     
201 O OP1   . DG C 5 ? 0.38580 0.37614 0.56274 -0.00203 -0.02305 -0.00691 5 DG B OP1   
202 O OP2   . DG C 5 ? 0.25470 0.29319 0.41538 0.01529  -0.02046 -0.00791 5 DG B OP2   
203 O "O5'" . DG C 5 ? 0.24187 0.23119 0.38440 -0.00264 -0.00620 0.00350  5 DG B "O5'" 
204 C "C5'" . DG C 5 ? 0.24376 0.25771 0.40823 -0.00080 -0.00256 0.00687  5 DG B "C5'" 
205 C "C4'" . DG C 5 ? 0.14488 0.13195 0.29163 0.00089  0.00398  0.00908  5 DG B "C4'" 
206 O "O4'" . DG C 5 ? 0.14802 0.13684 0.27839 0.00111  0.00600  0.01223  5 DG B "O4'" 
207 C "C3'" . DG C 5 ? 0.27225 0.25941 0.41499 0.00082  0.00433  0.00623  5 DG B "C3'" 
208 O "O3'" . DG C 5 ? 0.29132 0.27706 0.44421 0.00104  0.00911  0.00612  5 DG B "O3'" 
209 C "C2'" . DG C 5 ? 0.23507 0.22425 0.35622 0.00080  0.00465  0.00721  5 DG B "C2'" 
210 C "C1'" . DG C 5 ? 0.23977 0.22944 0.35778 0.00118  0.00736  0.01127  5 DG B "C1'" 
211 N N9    . DG C 5 ? 0.21365 0.21481 0.34480 0.00121  0.00845  0.01964  5 DG B N9    
212 C C8    . DG C 5 ? 0.21634 0.25940 0.34021 0.00501  0.00421  0.01693  5 DG B C8    
213 N N7    . DG C 5 ? 0.07297 0.15774 0.17915 0.00896  0.00404  0.01439  5 DG B N7    
214 C C5    . DG C 5 ? 0.13155 0.20291 0.23483 0.00390  0.00813  0.02021  5 DG B C5    
215 C C6    . DG C 5 ? 0.11044 0.20307 0.19991 0.00227  0.00897  0.02134  5 DG B C6    
216 O O6    . DG C 5 ? 0.21088 0.32971 0.27682 0.00523  0.00628  0.02833  5 DG B O6    
217 N N1    . DG C 5 ? 0.17603 0.25444 0.27019 -0.00213 0.01270  0.02066  5 DG B N1    
218 C C2    . DG C 5 ? 0.15194 0.18698 0.26457 -0.00029 0.01641  0.02152  5 DG B C2    
219 N N2    . DG C 5 ? 0.14356 0.17003 0.26123 -0.00161 0.02191  0.01715  5 DG B N2    
220 N N3    . DG C 5 ? 0.20794 0.20876 0.33367 0.00267  0.01564  0.02126  5 DG B N3    
221 C C4    . DG C 5 ? 0.15694 0.17708 0.27860 0.00204  0.01121  0.02307  5 DG B C4    
222 P P     . DC C 6 ? 0.20954 0.19475 0.36599 0.00092  0.00974  0.00366  6 DC B P     
223 O OP1   . DC C 6 ? 0.45571 0.43901 0.63463 0.00097  0.00933  0.00330  6 DC B OP1   
224 O OP2   . DC C 6 ? 0.29369 0.28070 0.43406 0.00072  0.00618  0.00205  6 DC B OP2   
225 O "O5'" . DC C 6 ? 0.22788 0.21220 0.38118 0.00103  0.01568  0.00345  6 DC B "O5'" 
226 C "C5'" . DC C 6 ? 0.13902 0.13591 0.34557 0.00073  0.02622  0.00581  6 DC B "C5'" 
227 C "C4'" . DC C 6 ? 0.22419 0.21902 0.42327 0.00051  0.03264  0.00316  6 DC B "C4'" 
228 O "O4'" . DC C 6 ? 0.23070 0.22573 0.40328 0.00071  0.03000  0.00421  6 DC B "O4'" 
229 C "C3'" . DC C 6 ? 0.26471 0.27437 0.42386 -0.00063 0.02631  0.00044  6 DC B "C3'" 
230 O "O3'" . DC C 6 ? 0.28121 0.28960 0.44683 -0.00120 0.03328  -0.00202 6 DC B "O3'" 
231 C "C2'" . DC C 6 ? 0.29647 0.30501 0.43193 -0.00047 0.02121  0.00082  6 DC B "C2'" 
232 C "C1'" . DC C 6 ? 0.25558 0.26288 0.37984 -0.00019 0.02163  0.00203  6 DC B "C1'" 
233 N N1    . DC C 6 ? 0.16011 0.15036 0.26206 0.00162  0.01545  0.00541  6 DC B N1    
234 C C2    . DC C 6 ? 0.11559 0.12160 0.22747 0.00048  0.01887  0.00885  6 DC B C2    
235 O O2    . DC C 6 ? 0.22764 0.23318 0.34097 -0.00076 0.02345  0.00443  6 DC B O2    
236 N N3    . DC C 6 ? 0.22107 0.27352 0.31377 -0.00217 0.01380  0.01115  6 DC B N3    
237 C C4    . DC C 6 ? 0.17417 0.23008 0.26743 0.00029  0.01073  0.01180  6 DC B C4    
238 N N4    . DC C 6 ? 0.07584 0.16396 0.15898 0.00246  0.00808  0.00834  6 DC B N4    
239 C C5    . DC C 6 ? 0.09464 0.10504 0.20761 0.00115  0.01102  0.01223  6 DC B C5    
240 C C6    . DC C 6 ? 0.17497 0.16635 0.27703 0.00117  0.01180  0.00693  6 DC B C6    
241 P P     . DC C 7 ? 0.40032 0.40856 0.56948 -0.00172 0.03531  -0.00422 7 DC B P     
242 O OP1   . DC C 7 ? 0.18538 0.19320 0.37496 -0.00239 0.04402  -0.00611 7 DC B OP1   
243 O OP2   . DC C 7 ? 0.29476 0.27550 0.44882 0.00021  0.02695  -0.00356 7 DC B OP2   
244 O "O5'" . DC C 7 ? 0.27175 0.26241 0.45663 -0.00195 0.04352  -0.00871 7 DC B "O5'" 
245 C "C5'" . DC C 7 ? 0.19803 0.18637 0.37620 -0.00292 0.04850  -0.01144 7 DC B "C5'" 
246 C "C4'" . DC C 7 ? 0.28573 0.27421 0.44034 -0.00427 0.04652  -0.01536 7 DC B "C4'" 
247 O "O4'" . DC C 7 ? 0.36296 0.34913 0.46840 -0.00107 0.02979  -0.01052 7 DC B "O4'" 
248 C "C3'" . DC C 7 ? 0.31342 0.31646 0.43596 -0.00453 0.03685  -0.01272 7 DC B "C3'" 
249 O "O3'" . DC C 7 ? 0.28263 0.28444 0.39576 -0.00684 0.03973  -0.01774 7 DC B "O3'" 
250 C "C2'" . DC C 7 ? 0.22189 0.22595 0.33026 -0.00316 0.02844  -0.00966 7 DC B "C2'" 
251 C "C1'" . DC C 7 ? 0.41227 0.40271 0.51575 -0.00216 0.02802  -0.01159 7 DC B "C1'" 
252 N N1    . DC C 7 ? 0.18769 0.18614 0.29207 -0.00185 0.02352  -0.00624 7 DC B N1    
253 C C2    . DC C 7 ? 0.23160 0.28533 0.31288 -0.00804 0.01783  -0.00034 7 DC B C2    
254 O O2    . DC C 7 ? 0.13748 0.21428 0.21120 -0.01246 0.01792  0.00328  7 DC B O2    
255 N N3    . DC C 7 ? 0.17632 0.25234 0.24708 -0.00716 0.01314  0.00050  7 DC B N3    
256 C C4    . DC C 7 ? 0.14295 0.19229 0.22576 -0.00283 0.01271  0.00334  7 DC B C4    
257 N N4    . DC C 7 ? 0.05825 0.13385 0.13357 -0.00136 0.00938  0.00056  7 DC B N4    
258 C C5    . DC C 7 ? 0.14258 0.13887 0.24379 0.00020  0.01581  0.00059  7 DC B C5    
259 C C6    . DC C 7 ? 0.14726 0.13848 0.24247 0.00022  0.01808  -0.00283 7 DC B C6    
260 P P     . DG C 8 ? 0.43534 0.43677 0.55505 -0.00854 0.04481  -0.02131 8 DG B P     
261 O OP1   . DG C 8 ? 0.36699 0.34866 0.52712 -0.01342 0.06866  -0.03625 8 DG B OP1   
262 O OP2   . DG C 8 ? 0.24449 0.22225 0.36432 -0.00470 0.03948  -0.01989 8 DG B OP2   
263 O "O5'" . DG C 8 ? 0.51093 0.49742 0.61200 -0.00922 0.04206  -0.03083 8 DG B "O5'" 
264 C "C5'" . DG C 8 ? 0.24558 0.24848 0.34423 -0.01700 0.04524  -0.03733 8 DG B "C5'" 
265 C "C4'" . DG C 8 ? 0.30379 0.34450 0.38164 -0.02177 0.03381  -0.02753 8 DG B "C4'" 
266 O "O4'" . DG C 8 ? 0.31848 0.37305 0.39228 -0.01817 0.02611  -0.01595 8 DG B "O4'" 
267 C "C3'" . DG C 8 ? 0.30471 0.33666 0.38247 -0.02003 0.03363  -0.03149 8 DG B "C3'" 
268 O "O3'" . DG C 8 ? 0.34992 0.41002 0.40948 -0.02695 0.02925  -0.03036 8 DG B "O3'" 
269 C "C2'" . DG C 8 ? 0.23524 0.26810 0.31210 -0.01480 0.02701  -0.02354 8 DG B "C2'" 
270 C "C1'" . DG C 8 ? 0.15258 0.21517 0.21928 -0.01619 0.02109  -0.01195 8 DG B "C1'" 
271 N N9    . DG C 8 ? 0.23135 0.29313 0.29950 -0.01165 0.01748  -0.00586 8 DG B N9    
272 C C8    . DG C 8 ? 0.14063 0.16241 0.22411 -0.00652 0.02023  -0.01225 8 DG B C8    
273 N N7    . DG C 8 ? 0.16956 0.19879 0.24971 -0.00498 0.01613  -0.00722 8 DG B N7    
274 C C5    . DG C 8 ? 0.16486 0.23184 0.23256 -0.00585 0.01253  0.00386  8 DG B C5    
275 C C6    . DG C 8 ? 0.11721 0.20001 0.16846 -0.00453 0.00836  0.00054  8 DG B C6    
276 O O6    . DG C 8 ? 0.11863 0.19476 0.18167 -0.00182 0.00849  0.00047  8 DG B O6    
277 N N1    . DG C 8 ? 0.19366 0.30822 0.20346 -0.00531 0.00152  0.00382  8 DG B N1    
278 C C2    . DG C 8 ? 0.13603 0.25891 0.13463 -0.00951 -0.00035 0.00277  8 DG B C2    
279 N N2    . DG C 8 ? 0.21157 0.33325 0.20284 -0.00795 -0.00206 0.00517  8 DG B N2    
280 N N3    . DG C 8 ? 0.16431 0.27217 0.18313 -0.01334 0.00495  -0.00270 8 DG B N3    
281 C C4    . DG C 8 ? 0.15765 0.23516 0.21495 -0.01036 0.01312  -0.00272 8 DG B C4    
282 O "O5'" . DA D 1 ? 0.28282 0.39480 0.33690 0.03468  -0.01691 -0.04634 1 DA C "O5'" 
283 C "C5'" . DA D 1 ? 0.38406 0.52152 0.40749 0.04745  -0.01945 -0.05733 1 DA C "C5'" 
284 C "C4'" . DA D 1 ? 0.34016 0.49505 0.33686 0.04639  -0.01271 -0.04702 1 DA C "C4'" 
285 O "O4'" . DA D 1 ? 0.20275 0.34680 0.20310 0.03696  -0.01018 -0.04279 1 DA C "O4'" 
286 C "C3'" . DA D 1 ? 0.29562 0.45552 0.28631 0.04330  -0.00879 -0.03626 1 DA C "C3'" 
287 O "O3'" . DA D 1 ? 0.30665 0.48046 0.28938 0.05264  -0.00947 -0.03682 1 DA C "O3'" 
288 C "C2'" . DA D 1 ? 0.24752 0.40102 0.23244 0.03502  -0.00510 -0.02571 1 DA C "C2'" 
289 C "C1'" . DA D 1 ? 0.22337 0.36658 0.21503 0.03086  -0.00577 -0.02930 1 DA C "C1'" 
290 N N9    . DA D 1 ? 0.23947 0.37220 0.23783 0.02317  -0.00456 -0.02710 1 DA C N9    
291 C C8    . DA D 1 ? 0.17613 0.28527 0.20712 0.01833  -0.00516 -0.02925 1 DA C C8    
292 N N7    . DA D 1 ? 0.28767 0.38004 0.33145 0.01146  -0.00223 -0.02158 1 DA C N7    
293 C C5    . DA D 1 ? 0.15634 0.27298 0.16238 0.01242  -0.00201 -0.02011 1 DA C C5    
294 C C6    . DA D 1 ? 0.20416 0.31697 0.20466 0.00774  -0.00101 -0.01416 1 DA C C6    
295 N N6    . DA D 1 ? 0.17753 0.26511 0.20796 0.00315  0.00168  -0.01198 1 DA C N6    
296 N N1    . DA D 1 ? 0.10358 0.21372 0.09459 0.00736  -0.00112 -0.00785 1 DA C N1    
297 C C2    . DA D 1 ? 0.10885 0.28416 0.10787 0.01682  -0.00100 -0.01044 1 DA C C2    
298 N N3    . DA D 1 ? 0.13534 0.31504 0.13361 0.02343  -0.00197 -0.01536 1 DA C N3    
299 C C4    . DA D 1 ? 0.15359 0.27935 0.14754 0.01713  -0.00246 -0.01781 1 DA C C4    
300 P P     . DT D 2 ? 0.26950 0.45019 0.25079 0.05409  -0.00829 -0.03275 2 DT C P     
301 O OP1   . DT D 2 ? 0.27497 0.47140 0.24854 0.06748  -0.01032 -0.03737 2 DT C OP1   
302 O OP2   . DT D 2 ? 0.34361 0.51638 0.33574 0.05076  -0.01000 -0.03717 2 DT C OP2   
303 O "O5'" . DT D 2 ? 0.17727 0.35322 0.15422 0.04394  -0.00400 -0.02059 2 DT C "O5'" 
304 C "C5'" . DT D 2 ? 0.14381 0.40145 0.13148 0.06217  -0.00517 -0.02262 2 DT C "C5'" 
305 C "C4'" . DT D 2 ? 0.18300 0.38145 0.15607 0.04046  -0.00190 -0.01102 2 DT C "C4'" 
306 O "O4'" . DT D 2 ? 0.20052 0.44595 0.19402 0.04192  -0.00178 -0.01078 2 DT C "O4'" 
307 C "C3'" . DT D 2 ? 0.19685 0.39823 0.16959 0.04032  -0.00127 -0.00763 2 DT C "C3'" 
308 O "O3'" . DT D 2 ? 0.34464 0.65401 0.33350 0.05997  -0.00099 -0.00529 2 DT C "O3'" 
309 C "C2'" . DT D 2 ? 0.32121 0.51738 0.33323 0.03259  -0.00069 -0.00365 2 DT C "C2'" 
310 C "C1'" . DT D 2 ? 0.13390 0.36921 0.12915 0.03421  -0.00077 -0.00537 2 DT C "C1'" 
311 N N1    . DT D 2 ? 0.31427 0.47139 0.32543 0.01992  -0.00064 -0.00438 2 DT C N1    
312 C C2    . DT D 2 ? 0.16149 0.29676 0.14794 0.01215  -0.00013 -0.00193 2 DT C C2    
313 O O2    . DT D 2 ? 0.07801 0.28221 0.07692 0.01502  0.00006  0.00077  2 DT C O2    
314 N N3    . DT D 2 ? 0.08669 0.20854 0.07926 0.00885  -0.00071 -0.00328 2 DT C N3    
315 C C4    . DT D 2 ? 0.14019 0.26575 0.14190 0.01109  -0.00065 -0.00861 2 DT C C4    
316 O O4    . DT D 2 ? 0.23142 0.32681 0.27038 0.00649  0.00172  -0.00785 2 DT C O4    
317 C C5    . DT D 2 ? 0.08496 0.22170 0.08307 0.01800  -0.00171 -0.01310 2 DT C C5    
318 C C7    . DT D 2 ? 0.11697 0.23459 0.15007 0.01874  -0.00293 -0.01813 2 DT C C7    
319 C C6    . DT D 2 ? 0.06656 0.20833 0.05574 0.02102  -0.00152 -0.00989 2 DT C C6    
320 P P     . DC D 3 ? 0.41536 0.65136 0.38385 0.04564  -0.00008 -0.00068 3 DC C P     
321 O OP1   . DC D 3 ? 0.32244 0.61291 0.33710 0.05878  0.00006  0.00046  3 DC C OP1   
322 O OP2   . DC D 3 ? 0.17570 0.39396 0.14439 0.04714  -0.00065 -0.00372 3 DC C OP2   
323 O "O5'" . DC D 3 ? 0.33529 0.58326 0.35133 0.03785  0.00067  0.00417  3 DC C "O5'" 
324 C "C5'" . DC D 3 ? 0.24136 0.47439 0.21584 0.02990  0.00072  0.00613  3 DC C "C5'" 
325 C "C4'" . DC D 3 ? 0.40140 0.63237 0.37825 0.02227  0.00088  0.01017  3 DC C "C4'" 
326 O "O4'" . DC D 3 ? 0.29381 0.49795 0.27426 0.01517  0.00061  0.00920  3 DC C "O4'" 
327 C "C3'" . DC D 3 ? 0.25990 0.51611 0.27985 0.02521  0.00129  0.01189  3 DC C "C3'" 
328 O "O3'" . DC D 3 ? 0.37698 0.64991 0.39941 0.02089  0.00132  0.01536  3 DC C "O3'" 
329 C "C2'" . DC D 3 ? 0.28385 0.56422 0.28252 0.02477  0.00135  0.01540  3 DC C "C2'" 
330 C "C1'" . DC D 3 ? 0.26948 0.47750 0.28667 0.01329  0.00071  0.00989  3 DC C "C1'" 
331 N N1    . DC D 3 ? 0.28736 0.45037 0.27212 0.01035  0.00048  0.00841  3 DC C N1    
332 C C2    . DC D 3 ? 0.15975 0.30325 0.14690 0.00454  0.00021  0.00802  3 DC C C2    
333 O O2    . DC D 3 ? 0.20524 0.35486 0.19208 0.00083  0.00003  0.00888  3 DC C O2    
334 N N3    . DC D 3 ? 0.17119 0.29677 0.16226 0.00383  -0.00083 0.00644  3 DC C N3    
335 C C4    . DC D 3 ? 0.13468 0.26642 0.12833 0.00804  -0.00018 0.00513  3 DC C C4    
336 N N4    . DC D 3 ? 0.09911 0.22330 0.10977 0.00721  0.00106  0.00322  3 DC C N4    
337 C C5    . DC D 3 ? 0.06335 0.20413 0.05152 0.01349  -0.00017 0.00407  3 DC C C5    
338 C C6    . DC D 3 ? 0.22544 0.44066 0.22380 0.02033  0.00070  0.00750  3 DC C C6    
339 P P     . DG D 4 ? 0.57746 0.83771 0.55343 0.01961  0.00137  0.02070  4 DG C P     
340 O OP1   . DG D 4 ? 0.33065 0.64818 0.35734 0.02392  0.00182  0.02159  4 DG C OP1   
341 O OP2   . DG D 4 ? 0.34249 0.59354 0.31797 0.02518  0.00174  0.01958  4 DG C OP2   
342 O "O5'" . DG D 4 ? 0.33914 0.58293 0.31817 0.00975  0.00075  0.02201  4 DG C "O5'" 
343 C "C5'" . DG D 4 ? 0.26098 0.50662 0.24018 0.00343  0.00022  0.02159  4 DG C "C5'" 
344 C "C4'" . DG D 4 ? 0.15746 0.40508 0.17978 -0.00455 -0.00032 0.01920  4 DG C "C4'" 
345 O "O4'" . DG D 4 ? 0.18586 0.38462 0.16901 -0.00419 -0.00039 0.01774  4 DG C "O4'" 
346 C "C3'" . DG D 4 ? 0.25530 0.50543 0.27827 -0.00666 -0.00057 0.02196  4 DG C "C3'" 
347 O "O3'" . DG D 4 ? 0.37017 0.59508 0.35066 -0.01399 -0.00138 0.02314  4 DG C "O3'" 
348 C "C2'" . DG D 4 ? 0.20943 0.43449 0.23044 -0.00373 -0.00032 0.02100  4 DG C "C2'" 
349 C "C1'" . DG D 4 ? 0.09863 0.28370 0.08320 -0.00530 -0.00054 0.01869  4 DG C "C1'" 
350 N N9    . DG D 4 ? 0.14592 0.31180 0.13231 -0.00166 -0.00021 0.01721  4 DG C N9    
351 C C8    . DG D 4 ? 0.23725 0.42368 0.25430 0.00493  0.00051  0.01603  4 DG C C8    
352 N N7    . DG D 4 ? 0.17853 0.32871 0.16598 0.00558  0.00048  0.01561  4 DG C N7    
353 C C5    . DG D 4 ? 0.17036 0.30800 0.16194 0.00071  -0.00134 0.01507  4 DG C C5    
354 C C6    . DG D 4 ? 0.14305 0.27964 0.14315 -0.00029 -0.00029 0.01594  4 DG C C6    
355 O O6    . DG D 4 ? 0.13392 0.26233 0.14904 0.00269  0.00191  0.01492  4 DG C O6    
356 N N1    . DG D 4 ? 0.10420 0.23204 0.11532 -0.00563 0.00123  0.01329  4 DG C N1    
357 C C2    . DG D 4 ? 0.16456 0.30147 0.16322 -0.00998 -0.00123 0.01200  4 DG C C2    
358 N N2    . DG D 4 ? 0.14186 0.26771 0.15712 -0.01513 0.00340  0.00598  4 DG C N2    
359 N N3    . DG D 4 ? 0.11732 0.25370 0.10861 -0.00855 -0.00278 0.01254  4 DG C N3    
360 C C4    . DG D 4 ? 0.16637 0.30669 0.15480 -0.00359 -0.00039 0.01476  4 DG C C4    
361 P P     . DG D 5 ? 0.25092 0.48774 0.23009 -0.01879 -0.00199 0.02649  5 DG C P     
362 O OP1   . DG D 5 ? 0.43625 0.69223 0.41264 -0.02431 -0.00242 0.02711  5 DG C OP1   
363 O OP2   . DG D 5 ? 0.09199 0.36112 0.11726 -0.01407 -0.00150 0.02806  5 DG C OP2   
364 O "O5'" . DG D 5 ? 0.21465 0.42661 0.19423 -0.02412 -0.00243 0.02298  5 DG C "O5'" 
365 C "C5'" . DG D 5 ? 0.07774 0.28996 0.09351 -0.02919 -0.00230 0.01586  5 DG C "C5'" 
366 C "C4'" . DG D 5 ? 0.17841 0.36419 0.19076 -0.03067 -0.00218 0.01256  5 DG C "C4'" 
367 O "O4'" . DG D 5 ? 0.15217 0.30977 0.13828 -0.02151 -0.00558 0.01377  5 DG C "O4'" 
368 C "C3'" . DG D 5 ? 0.20171 0.37623 0.18398 -0.03116 -0.00760 0.01498  5 DG C "C3'" 
369 O "O3'" . DG D 5 ? 0.22090 0.40455 0.20189 -0.04394 -0.00615 0.00936  5 DG C "O3'" 
370 C "C2'" . DG D 5 ? 0.16529 0.33772 0.15364 -0.02759 -0.00601 0.01837  5 DG C "C2'" 
371 C "C1'" . DG D 5 ? 0.17746 0.34085 0.16885 -0.02401 -0.00439 0.01600  5 DG C "C1'" 
372 N N9    . DG D 5 ? 0.12465 0.28227 0.11937 -0.01620 -0.00370 0.02027  5 DG C N9    
373 C C8    . DG D 5 ? 0.20644 0.36191 0.19708 -0.00959 -0.00407 0.02269  5 DG C C8    
374 N N7    . DG D 5 ? 0.11487 0.26816 0.10909 -0.00483 -0.00254 0.02452  5 DG C N7    
375 C C5    . DG D 5 ? 0.17573 0.32760 0.17799 -0.00759 -0.00162 0.02566  5 DG C C5    
376 C C6    . DG D 5 ? 0.21259 0.34446 0.23947 -0.00445 0.00322  0.02400  5 DG C C6    
377 O O6    . DG D 5 ? 0.14120 0.27412 0.16873 0.00063  0.00320  0.02563  5 DG C O6    
378 N N1    . DG D 5 ? 0.22222 0.32571 0.28310 -0.00799 0.01101  0.01470  5 DG C N1    
379 C C2    . DG D 5 ? 0.15423 0.25481 0.22017 -0.01345 0.01522  0.00980  5 DG C C2    
380 N N2    . DG D 5 ? 0.10585 0.19397 0.17996 -0.01723 0.02018  -0.00012 5 DG C N2    
381 N N3    . DG D 5 ? 0.15578 0.28101 0.19332 -0.01791 0.00882  0.01258  5 DG C N3    
382 C C4    . DG D 5 ? 0.18980 0.34382 0.19348 -0.01490 -0.00157 0.02175  5 DG C C4    
383 O "O5'" . DA E 1 ? 0.46900 0.46354 0.73890 0.00509  0.04868  0.02909  1 DA D "O5'" 
384 C "C5'" . DA E 1 ? 0.58052 0.59663 0.78844 0.00246  0.03075  0.02141  1 DA D "C5'" 
385 C "C4'" . DA E 1 ? 0.67305 0.67550 0.92390 0.00330  0.02410  0.03470  1 DA D "C4'" 
386 O "O4'" . DA E 1 ? 0.48070 0.46913 0.64398 0.00338  0.01513  0.03101  1 DA D "O4'" 
387 C "C3'" . DA E 1 ? 0.64739 0.63276 0.84174 0.00304  0.01443  0.03149  1 DA D "C3'" 
388 O "O3'" . DA E 1 ? 0.59532 0.58185 0.79113 0.00154  0.00422  0.03199  1 DA D "O3'" 
389 C "C2'" . DA E 1 ? 0.48796 0.50975 0.68670 0.00230  0.01739  0.03325  1 DA D "C2'" 
390 C "C1'" . DA E 1 ? 0.50668 0.50199 0.67298 0.00822  0.01426  0.03607  1 DA D "C1'" 
391 N N9    . DA E 1 ? 0.42608 0.42697 0.61198 0.00804  0.02520  0.04024  1 DA D N9    
392 C C8    . DA E 1 ? 0.46458 0.45974 0.66773 0.00844  0.03982  0.03293  1 DA D C8    
393 N N7    . DA E 1 ? 0.46556 0.46715 0.66633 -0.00009 0.05018  0.03255  1 DA D N7    
394 C C5    . DA E 1 ? 0.31470 0.33893 0.49222 -0.00744 0.03801  0.04173  1 DA D C5    
395 C C6    . DA E 1 ? 0.26111 0.31503 0.40998 -0.02450 0.03778  0.04154  1 DA D C6    
396 N N6    . DA E 1 ? 0.44462 0.50404 0.57823 -0.04146 0.04838  0.03375  1 DA D N6    
397 N N1    . DA E 1 ? 0.48355 0.55990 0.62065 -0.02231 0.02649  0.04981  1 DA D N1    
398 C C2    . DA E 1 ? 0.44777 0.51538 0.59348 -0.00917 0.01655  0.05947  1 DA D C2    
399 N N3    . DA E 1 ? 0.24292 0.27705 0.40989 0.00110  0.01502  0.06111  1 DA D N3    
400 C C4    . DA E 1 ? 0.23673 0.25201 0.42230 0.00452  0.02511  0.05173  1 DA D C4    
401 P P     . DT E 2 ? 0.83616 0.82214 1.04419 0.00047  -0.00321 0.03480  2 DT D P     
402 O OP1   . DT E 2 ? 0.84291 0.82608 1.05821 -0.00071 -0.01323 0.03050  2 DT D OP1   
403 O OP2   . DT E 2 ? 0.72285 0.74846 0.96641 -0.00028 0.00495  0.03359  2 DT D OP2   
404 O "O5'" . DT E 2 ? 0.81867 0.84332 1.02903 -0.00242 -0.00804 0.03643  2 DT D "O5'" 
405 C "C5'" . DT E 2 ? 0.66932 0.66796 0.86400 -0.00777 -0.01288 0.03985  2 DT D "C5'" 
406 C "C4'" . DT E 2 ? 0.46957 0.48030 0.68614 -0.00589 -0.01927 0.05527  2 DT D "C4'" 
407 O "O4'" . DT E 2 ? 0.34547 0.35981 0.53504 -0.00364 -0.00766 0.06105  2 DT D "O4'" 
408 C "C3'" . DT E 2 ? 0.44366 0.45563 0.68080 -0.00704 -0.03051 0.06098  2 DT D "C3'" 
409 O "O3'" . DT E 2 ? 0.45415 0.47994 0.65388 0.02550  -0.04841 0.05466  2 DT D "O3'" 
410 C "C2'" . DT E 2 ? 0.47354 0.49000 0.68247 -0.00849 -0.01690 0.06553  2 DT D "C2'" 
411 C "C1'" . DT E 2 ? 0.35409 0.37735 0.54699 -0.00463 -0.01022 0.07252  2 DT D "C1'" 
412 N N1    . DT E 2 ? 0.33934 0.36649 0.52322 0.00020  -0.00221 0.07528  2 DT D N1    
413 C C2    . DT E 2 ? 0.41750 0.47359 0.58909 -0.00444 -0.00219 0.08671  2 DT D C2    
414 O O2    . DT E 2 ? 0.32965 0.41412 0.48830 -0.00370 -0.00780 0.08828  2 DT D O2    
415 N N3    . DT E 2 ? 0.27852 0.34420 0.44168 -0.01558 0.00950  0.07741  2 DT D N3    
416 C C4    . DT E 2 ? 0.37297 0.41932 0.54450 -0.02127 0.02346  0.06561  2 DT D C4    
417 O O4    . DT E 2 ? 0.45396 0.50187 0.60571 -0.03874 0.03636  0.05715  2 DT D O4    
418 C C5    . DT E 2 ? 0.41254 0.43725 0.61710 -0.00495 0.02213  0.06387  2 DT D C5    
419 C C7    . DT E 2 ? 0.46559 0.47594 0.68478 -0.00625 0.03886  0.05209  2 DT D C7    
420 C C6    . DT E 2 ? 0.49689 0.51648 0.70049 0.00415  0.00749  0.06621  2 DT D C6    
421 P P     . DC E 3 ? 0.62734 0.63101 0.81025 0.04336  -0.06693 0.05532  3 DC D P     
422 O OP1   . DC E 3 ? 0.37520 0.36728 0.55829 0.05370  -0.07816 0.04404  3 DC D OP1   
423 O OP2   . DC E 3 ? 0.49471 0.47826 0.69382 0.02475  -0.06239 0.06601  3 DC D OP2   
424 O "O5'" . DC E 3 ? 0.52676 0.55373 0.66854 0.07207  -0.07486 0.05826  3 DC D "O5'" 
425 C "C5'" . DC E 3 ? 0.39184 0.45487 0.52754 0.07065  -0.06755 0.05725  3 DC D "C5'" 
426 C "C4'" . DC E 3 ? 0.39287 0.46137 0.50549 0.07737  -0.07604 0.06506  3 DC D "C4'" 
427 O "O4'" . DC E 3 ? 0.31919 0.40154 0.44780 0.04922  -0.06116 0.07614  3 DC D "O4'" 
428 C "C3'" . DC E 3 ? 0.47793 0.50732 0.57515 0.08131  -0.08465 0.07754  3 DC D "C3'" 
429 O "O3'" . DC E 3 ? 0.71511 0.75443 0.77657 0.10267  -0.09712 0.08146  3 DC D "O3'" 
430 C "C2'" . DC E 3 ? 0.47891 0.48955 0.60352 0.04602  -0.07358 0.09481  3 DC D "C2'" 
431 C "C1'" . DC E 3 ? 0.56902 0.62765 0.70127 0.03499  -0.06444 0.10014  3 DC D "C1'" 
432 N N1    . DC E 3 ? 0.51041 0.58117 0.69309 -0.00359 -0.04385 0.12735  3 DC D N1    
433 C C2    . DC E 3 ? 0.33781 0.44990 0.51428 -0.02136 -0.03646 0.14847  3 DC D C2    
434 O O2    . DC E 3 ? 0.38183 0.51499 0.51531 -0.00604 -0.04681 0.13884  3 DC D O2    
435 N N3    . DC E 3 ? 0.31479 0.40164 0.46417 -0.03935 -0.01025 0.12118  3 DC D N3    
436 C C4    . DC E 3 ? 0.42346 0.46887 0.56762 -0.04175 0.00566  0.09373  3 DC D C4    
437 N N4    . DC E 3 ? 0.38471 0.41892 0.51321 -0.05687 0.02484  0.08032  3 DC D N4    
438 C C5    . DC E 3 ? 0.34016 0.37439 0.52687 -0.02558 -0.00689 0.09970  3 DC D C5    
439 C C6    . DC E 3 ? 0.36040 0.41474 0.58891 -0.01596 -0.03185 0.12159  3 DC D C6    
440 P P     . DG E 4 ? 0.74816 0.77089 0.79588 0.12080  -0.10496 0.09606  4 DG D P     
441 O OP1   . DG E 4 ? 0.49320 0.53250 0.56477 0.12991  -0.10724 0.09413  4 DG D OP1   
442 O OP2   . DG E 4 ? 0.61659 0.57987 0.66076 0.10301  -0.10624 0.10279  4 DG D OP2   
443 O "O5'" . DG E 4 ? 0.61121 0.66321 0.63550 0.12689  -0.10866 0.10478  4 DG D "O5'" 
444 C "C5'" . DG E 4 ? 0.47261 0.51577 0.47869 0.12396  -0.12787 0.07084  4 DG D "C5'" 
445 C "C4'" . DG E 4 ? 0.75664 0.79548 0.74327 0.10972  -0.13403 0.08817  4 DG D "C4'" 
446 O "O4'" . DG E 4 ? 0.78897 0.84066 0.79285 0.08120  -0.11541 0.10569  4 DG D "O4'" 
447 C "C3'" . DG E 4 ? 0.61590 0.64299 0.57100 0.12208  -0.12763 0.10946  4 DG D "C3'" 
448 O "O3'" . DG E 4 ? 0.60398 0.62535 0.52756 0.12284  -0.14379 0.10851  4 DG D "O3'" 
449 C "C2'" . DG E 4 ? 0.70555 0.69230 0.67159 0.08780  -0.12477 0.13401  4 DG D "C2'" 
450 C "C1'" . DG E 4 ? 0.51479 0.53642 0.50491 0.05891  -0.11403 0.13635  4 DG D "C1'" 
451 N N9    . DG E 4 ? 0.38625 0.39274 0.41279 0.02318  -0.09707 0.15300  4 DG D N9    
452 C C8    . DG E 4 ? 0.73740 0.71140 0.79418 0.02342  -0.09203 0.14605  4 DG D C8    
453 N N7    . DG E 4 ? 0.66518 0.62652 0.75144 -0.01111 -0.06888 0.15419  4 DG D N7    
454 C C5    . DG E 4 ? 0.51673 0.50299 0.58345 -0.03731 -0.05462 0.16623  4 DG D C5    
455 C C6    . DG E 4 ? 0.43249 0.41709 0.49543 -0.06844 -0.01739 0.14703  4 DG D C6    
456 O O6    . DG E 4 ? 0.40667 0.36544 0.47366 -0.07485 0.00859  0.11801  4 DG D O6    
457 N N1    . DG E 4 ? 0.38466 0.39567 0.41719 -0.08123 -0.01253 0.14973  4 DG D N1    
458 C C2    . DG E 4 ? 0.44226 0.48828 0.45144 -0.07155 -0.03935 0.17242  4 DG D C2    
459 N N2    . DG E 4 ? 0.27928 0.34891 0.26400 -0.08741 -0.03051 0.16646  4 DG D N2    
460 N N3    . DG E 4 ? 0.50403 0.55435 0.50952 -0.03450 -0.07079 0.17751  4 DG D N3    
461 C C4    . DG E 4 ? 0.51164 0.52940 0.54454 -0.01791 -0.07635 0.17142  4 DG D C4    
462 P P     . DG E 5 ? 0.92236 0.95680 0.83264 0.13046  -0.13919 0.14011  5 DG D P     
463 O OP1   . DG E 5 ? 0.89969 1.00747 0.84590 0.12358  -0.14356 0.16315  5 DG D OP1   
464 O OP2   . DG E 5 ? 0.89970 0.90262 0.83098 0.12742  -0.14170 0.15597  5 DG D OP2   
465 O "O5'" . DG E 5 ? 0.64765 0.63613 0.51816 0.10113  -0.14941 0.15771  5 DG D "O5'" 
466 C "C5'" . DG E 5 ? 0.79980 0.80727 0.66029 0.08245  -0.15030 0.15351  5 DG D "C5'" 
467 C "C4'" . DG E 5 ? 0.68531 0.67815 0.54000 0.03036  -0.13440 0.17829  5 DG D "C4'" 
468 O "O4'" . DG E 5 ? 0.51202 0.49498 0.40034 0.00787  -0.11909 0.18223  5 DG D "O4'" 
469 C "C3'" . DG E 5 ? 0.67808 0.61584 0.49557 0.01437  -0.13780 0.19629  5 DG D "C3'" 
470 O "O3'" . DG E 5 ? 0.89280 0.84051 0.67627 0.00545  -0.14078 0.20189  5 DG D "O3'" 
471 C "C2'" . DG E 5 ? 0.85203 0.74750 0.67617 -0.03011 -0.11525 0.20520  5 DG D "C2'" 
472 C "C1'" . DG E 5 ? 0.54298 0.48389 0.41148 -0.03557 -0.10146 0.19715  5 DG D "C1'" 
473 N N9    . DG E 5 ? 0.59143 0.49952 0.49132 -0.05117 -0.08332 0.19466  5 DG D N9    
474 C C8    . DG E 5 ? 0.57758 0.45934 0.50280 -0.02872 -0.09321 0.18878  5 DG D C8    
475 N N7    . DG E 5 ? 0.51398 0.37259 0.46937 -0.04859 -0.06773 0.17985  5 DG D N7    
476 C C5    . DG E 5 ? 0.60757 0.47941 0.55659 -0.08018 -0.03533 0.17287  5 DG D C5    
477 C C6    . DG E 5 ? 0.47588 0.33866 0.44508 -0.09534 0.00773  0.14622  5 DG D C6    
478 O O6    . DG E 5 ? 0.62651 0.46838 0.61549 -0.09207 0.02463  0.12750  5 DG D O6    
479 N N1    . DG E 5 ? 0.38373 0.26410 0.34353 -0.10776 0.03131  0.13716  5 DG D N1    
480 C C2    . DG E 5 ? 0.56220 0.46770 0.49009 -0.11529 0.01381  0.15163  5 DG D C2    
481 N N2    . DG E 5 ? 0.48320 0.40191 0.40942 -0.12520 0.03437  0.13970  5 DG D N2    
482 N N3    . DG E 5 ? 0.52517 0.44368 0.42735 -0.10666 -0.02397 0.17541  5 DG D N3    
483 C C4    . DG E 5 ? 0.60291 0.50282 0.51809 -0.08473 -0.04631 0.18422  5 DG D C4    
# 
